data_7E2W
#
_entry.id   7E2W
#
_cell.length_a   66.250
_cell.length_b   78.511
_cell.length_c   111.056
_cell.angle_alpha   89.150
_cell.angle_beta   103.590
_cell.angle_gamma   111.890
#
_symmetry.space_group_name_H-M   'P 1'
#
loop_
_entity.id
_entity.type
_entity.pdbx_description
1 polymer 'Isocitrate dehydrogenase (NAD(+)), mitochondrial'
2 non-polymer 'ISOCITRIC ACID'
3 non-polymer 'MAGNESIUM ION'
4 non-polymer 'CITRATE ANION'
5 non-polymer 'ISOPROPYL ALCOHOL'
6 non-polymer GLYCEROL
7 water water
#
_entity_poly.entity_id   1
_entity_poly.type   'polypeptide(L)'
_entity_poly.pdbx_seq_one_letter_code
;GHHHHHHHSTASSKITAAPMVYVRGEEMTAYVMDLIRSRWIEPRVDVGGWETFDLRAKNRDDTEDRVLRDVIEAGKRIKA
IFKEPTVTPTADQVKRLGLRKSWGSPNGAMRRGWNGITISRDTIHIDGVELGYKKPVLFERHAVGGEYSAGYKNVGKGKL
TTTFTPSEGPDAGKTVVVDEREIVDEEAAVVTYHNPYDNVHDLARFFFGRCLEAKVTPYVVTKKTVFKWQEPFWQIMRTV
FDEEFKAQFVAAGVMKEGEELVHLLSDAATMKLVQWRQGGFGMAAHNYDGDVLTDELAQVHKSPGFITSNLVGVHEDGTL
IKEFEASHGTVADMDEARLRGEETSLNPLGMVEGLIGAMNHAADVHNIDRDRTHAFTTKMRTVIHQLFREGKGTRDLCGP
SGLTTEQFIDAVAERLDA
;
_entity_poly.pdbx_strand_id   A,B,C,D
#
# COMPACT_ATOMS: atom_id res chain seq x y z
N LYS A 14 17.56 -23.35 -9.96
CA LYS A 14 16.55 -22.22 -9.73
C LYS A 14 16.58 -21.20 -10.88
N ILE A 15 15.42 -20.79 -11.42
CA ILE A 15 15.33 -19.98 -12.68
C ILE A 15 15.91 -18.59 -12.37
N THR A 16 16.80 -18.08 -13.22
CA THR A 16 17.32 -16.68 -13.17
C THR A 16 16.31 -15.76 -13.89
N ALA A 17 15.54 -14.94 -13.17
CA ALA A 17 14.51 -14.09 -13.82
C ALA A 17 15.22 -12.96 -14.57
N ALA A 18 14.80 -12.72 -15.82
CA ALA A 18 15.27 -11.61 -16.66
C ALA A 18 14.92 -10.30 -15.98
N PRO A 19 15.61 -9.18 -16.31
CA PRO A 19 15.21 -7.85 -15.86
C PRO A 19 13.74 -7.59 -16.25
N MET A 20 12.96 -7.14 -15.29
CA MET A 20 11.52 -6.85 -15.42
C MET A 20 11.15 -5.74 -14.44
N VAL A 21 10.24 -4.85 -14.86
CA VAL A 21 9.63 -3.85 -13.95
C VAL A 21 8.43 -4.47 -13.27
N TYR A 22 8.35 -4.33 -11.96
CA TYR A 22 7.23 -4.82 -11.14
C TYR A 22 6.61 -3.61 -10.47
N VAL A 23 5.37 -3.29 -10.83
CA VAL A 23 4.69 -2.12 -10.25
C VAL A 23 3.69 -2.61 -9.23
N ARG A 24 3.94 -2.26 -7.96
CA ARG A 24 3.13 -2.74 -6.83
C ARG A 24 2.01 -1.76 -6.52
N GLY A 25 0.89 -2.28 -6.03
CA GLY A 25 -0.33 -1.52 -5.73
C GLY A 25 -0.59 -1.52 -4.23
N GLU A 26 -1.82 -1.83 -3.82
CA GLU A 26 -2.19 -1.94 -2.38
C GLU A 26 -3.47 -2.77 -2.25
N GLU A 27 -3.98 -2.84 -1.03
CA GLU A 27 -5.24 -3.51 -0.68
C GLU A 27 -5.17 -5.02 -1.00
N MET A 28 -6.28 -5.62 -1.43
CA MET A 28 -6.38 -7.10 -1.52
C MET A 28 -5.38 -7.62 -2.56
N THR A 29 -5.23 -6.92 -3.67
CA THR A 29 -4.39 -7.41 -4.79
C THR A 29 -2.92 -7.44 -4.39
N ALA A 30 -2.41 -6.44 -3.66
CA ALA A 30 -1.01 -6.44 -3.21
C ALA A 30 -0.77 -7.61 -2.24
N TYR A 31 -1.69 -7.88 -1.32
CA TYR A 31 -1.61 -8.98 -0.32
C TYR A 31 -1.55 -10.31 -1.09
N VAL A 32 -2.47 -10.47 -2.05
CA VAL A 32 -2.49 -11.69 -2.93
C VAL A 32 -1.17 -11.86 -3.66
N MET A 33 -0.64 -10.80 -4.29
CA MET A 33 0.61 -10.95 -5.05
C MET A 33 1.78 -11.19 -4.12
N ASP A 34 1.75 -10.66 -2.90
CA ASP A 34 2.82 -10.91 -1.91
C ASP A 34 2.91 -12.41 -1.65
N LEU A 35 1.77 -13.05 -1.44
CA LEU A 35 1.71 -14.51 -1.22
C LEU A 35 2.23 -15.22 -2.46
N ILE A 36 1.73 -14.84 -3.63
CA ILE A 36 2.14 -15.54 -4.90
C ILE A 36 3.65 -15.49 -4.99
N ARG A 37 4.23 -14.32 -4.74
CA ARG A 37 5.69 -14.20 -4.85
C ARG A 37 6.34 -15.06 -3.77
N SER A 38 5.86 -14.97 -2.54
CA SER A 38 6.42 -15.74 -1.40
C SER A 38 6.28 -17.26 -1.62
N ARG A 39 5.15 -17.73 -2.15
CA ARG A 39 4.89 -19.19 -2.20
C ARG A 39 5.13 -19.79 -3.60
N TRP A 40 4.84 -19.06 -4.69
CA TRP A 40 4.96 -19.66 -6.05
C TRP A 40 6.27 -19.25 -6.70
N ILE A 41 6.60 -17.96 -6.72
CA ILE A 41 7.78 -17.47 -7.50
C ILE A 41 9.09 -17.69 -6.72
N GLU A 42 9.28 -17.02 -5.58
CA GLU A 42 10.60 -16.98 -4.89
C GLU A 42 11.21 -18.37 -4.65
N PRO A 43 10.48 -19.44 -4.24
CA PRO A 43 11.12 -20.74 -4.05
C PRO A 43 11.66 -21.39 -5.33
N ARG A 44 11.30 -20.88 -6.51
CA ARG A 44 11.72 -21.50 -7.80
C ARG A 44 12.42 -20.50 -8.72
N VAL A 45 12.39 -19.20 -8.42
CA VAL A 45 12.95 -18.18 -9.35
C VAL A 45 13.78 -17.15 -8.59
N ASP A 46 14.99 -16.85 -9.09
CA ASP A 46 15.85 -15.75 -8.57
C ASP A 46 15.35 -14.44 -9.19
N VAL A 47 14.67 -13.60 -8.40
CA VAL A 47 14.03 -12.35 -8.90
C VAL A 47 14.91 -11.12 -8.56
N GLY A 48 16.24 -11.32 -8.48
CA GLY A 48 17.27 -10.27 -8.46
C GLY A 48 17.00 -9.17 -9.49
N GLY A 49 16.84 -9.56 -10.77
CA GLY A 49 16.66 -8.63 -11.89
C GLY A 49 15.37 -7.82 -11.82
N TRP A 50 14.43 -8.15 -10.96
CA TRP A 50 13.14 -7.40 -10.84
C TRP A 50 13.40 -6.04 -10.21
N GLU A 51 13.00 -4.96 -10.88
CA GLU A 51 13.02 -3.60 -10.29
C GLU A 51 11.62 -3.29 -9.79
N THR A 52 11.43 -3.14 -8.50
CA THR A 52 10.09 -2.98 -7.90
C THR A 52 9.82 -1.49 -7.66
N PHE A 53 8.56 -1.08 -7.82
CA PHE A 53 8.15 0.35 -7.76
C PHE A 53 6.88 0.38 -6.93
N ASP A 54 6.85 1.26 -5.94
CA ASP A 54 5.76 1.36 -4.96
C ASP A 54 4.71 2.37 -5.48
N LEU A 55 3.58 1.89 -5.97
CA LEU A 55 2.59 2.78 -6.62
C LEU A 55 1.33 2.79 -5.76
N ARG A 56 1.51 2.70 -4.44
CA ARG A 56 0.46 3.14 -3.52
C ARG A 56 0.08 4.57 -3.89
N ALA A 57 -1.18 4.92 -3.76
CA ALA A 57 -1.66 6.30 -3.99
C ALA A 57 -0.85 7.23 -3.07
N LYS A 58 -0.63 6.82 -1.80
CA LYS A 58 0.13 7.61 -0.80
C LYS A 58 1.54 7.85 -1.33
N ASN A 59 2.18 6.88 -2.00
CA ASN A 59 3.56 7.03 -2.51
C ASN A 59 3.58 7.95 -3.73
N ARG A 60 2.55 7.91 -4.57
CA ARG A 60 2.43 8.87 -5.70
C ARG A 60 2.38 10.30 -5.14
N ASP A 61 1.56 10.51 -4.14
CA ASP A 61 1.32 11.79 -3.45
C ASP A 61 2.62 12.23 -2.75
N ASP A 62 3.24 11.36 -1.94
CA ASP A 62 4.51 11.67 -1.22
C ASP A 62 5.66 12.01 -2.17
N THR A 63 5.79 11.41 -3.36
CA THR A 63 6.95 11.62 -4.25
C THR A 63 6.57 12.67 -5.33
N GLU A 64 5.39 13.24 -5.22
CA GLU A 64 4.83 14.16 -6.25
C GLU A 64 5.04 13.52 -7.62
N ASP A 65 4.74 12.22 -7.66
CA ASP A 65 4.70 11.38 -8.87
C ASP A 65 6.07 11.09 -9.45
N ARG A 66 7.17 11.38 -8.75
CA ARG A 66 8.49 10.98 -9.26
C ARG A 66 8.55 9.45 -9.38
N VAL A 67 7.78 8.72 -8.56
CA VAL A 67 7.79 7.23 -8.65
C VAL A 67 7.20 6.83 -10.03
N LEU A 68 6.21 7.57 -10.53
CA LEU A 68 5.60 7.24 -11.86
C LEU A 68 6.61 7.61 -12.93
N ARG A 69 7.31 8.76 -12.78
CA ARG A 69 8.42 9.12 -13.72
C ARG A 69 9.45 7.97 -13.75
N ASP A 70 9.75 7.40 -12.59
CA ASP A 70 10.79 6.36 -12.46
C ASP A 70 10.31 5.06 -13.14
N VAL A 71 9.03 4.75 -13.01
CA VAL A 71 8.42 3.54 -13.65
C VAL A 71 8.56 3.65 -15.16
N ILE A 72 8.24 4.82 -15.72
CA ILE A 72 8.33 5.02 -17.19
C ILE A 72 9.77 4.89 -17.66
N GLU A 73 10.72 5.59 -17.04
CA GLU A 73 12.17 5.41 -17.31
C GLU A 73 12.57 3.94 -17.19
N ALA A 74 12.16 3.23 -16.15
CA ALA A 74 12.55 1.80 -15.97
C ALA A 74 11.96 0.95 -17.11
N GLY A 75 10.68 1.15 -17.46
CA GLY A 75 10.03 0.44 -18.57
C GLY A 75 10.71 0.63 -19.90
N LYS A 76 11.21 1.84 -20.18
CA LYS A 76 11.92 2.11 -21.46
C LYS A 76 13.23 1.34 -21.46
N ARG A 77 13.90 1.29 -20.31
CA ARG A 77 15.20 0.59 -20.13
C ARG A 77 15.03 -0.93 -20.22
N ILE A 78 14.08 -1.50 -19.51
CA ILE A 78 13.92 -2.97 -19.29
C ILE A 78 12.93 -3.57 -20.32
N LYS A 79 11.94 -2.80 -20.78
CA LYS A 79 11.01 -3.11 -21.90
C LYS A 79 9.91 -4.10 -21.55
N ALA A 80 9.92 -4.66 -20.34
CA ALA A 80 8.92 -5.64 -19.85
C ALA A 80 8.42 -5.16 -18.49
N ILE A 81 7.11 -4.96 -18.36
CA ILE A 81 6.46 -4.36 -17.17
C ILE A 81 5.29 -5.25 -16.75
N PHE A 82 5.26 -5.63 -15.48
CA PHE A 82 4.09 -6.18 -14.80
C PHE A 82 3.57 -5.12 -13.86
N LYS A 83 2.29 -4.82 -13.97
CA LYS A 83 1.66 -3.80 -13.09
C LYS A 83 0.50 -4.44 -12.34
N GLU A 84 0.54 -4.43 -11.01
CA GLU A 84 -0.62 -4.77 -10.14
C GLU A 84 -1.70 -3.71 -10.30
N PRO A 85 -2.97 -4.01 -9.96
CA PRO A 85 -4.01 -3.00 -9.88
C PRO A 85 -3.57 -1.92 -8.88
N THR A 86 -3.99 -0.70 -9.12
CA THR A 86 -3.60 0.44 -8.27
C THR A 86 -4.81 1.33 -8.01
N VAL A 87 -4.71 2.13 -6.97
CA VAL A 87 -5.73 3.12 -6.56
C VAL A 87 -5.36 4.45 -7.21
N THR A 88 -6.22 4.95 -8.07
CA THR A 88 -6.00 6.27 -8.70
C THR A 88 -6.36 7.32 -7.66
N PRO A 89 -5.50 8.34 -7.39
CA PRO A 89 -5.82 9.30 -6.34
C PRO A 89 -6.85 10.34 -6.80
N THR A 90 -8.11 9.92 -6.94
CA THR A 90 -9.25 10.83 -7.16
C THR A 90 -9.56 11.59 -5.86
N ALA A 91 -10.31 12.70 -5.96
CA ALA A 91 -10.85 13.51 -4.83
C ALA A 91 -11.42 12.62 -3.71
N ASP A 92 -12.10 11.51 -4.03
CA ASP A 92 -12.72 10.60 -3.02
C ASP A 92 -11.61 9.82 -2.31
N GLN A 93 -10.60 9.34 -3.05
CA GLN A 93 -9.46 8.57 -2.47
C GLN A 93 -8.56 9.54 -1.67
N VAL A 94 -8.47 10.80 -2.11
CA VAL A 94 -7.77 11.90 -1.39
C VAL A 94 -8.39 12.01 0.01
N LYS A 95 -9.73 12.00 0.10
CA LYS A 95 -10.47 12.00 1.39
C LYS A 95 -10.23 10.66 2.13
N ARG A 96 -10.48 9.52 1.47
CA ARG A 96 -10.50 8.20 2.14
C ARG A 96 -9.11 7.89 2.72
N LEU A 97 -8.04 8.19 1.98
CA LEU A 97 -6.65 7.77 2.31
C LEU A 97 -5.86 8.91 2.94
N GLY A 98 -6.47 10.09 3.12
CA GLY A 98 -5.83 11.29 3.72
C GLY A 98 -4.64 11.75 2.90
N LEU A 99 -4.82 11.96 1.59
CA LEU A 99 -3.77 12.44 0.66
C LEU A 99 -3.77 13.97 0.62
N ARG A 100 -2.73 14.58 0.06
CA ARG A 100 -2.53 16.06 0.04
C ARG A 100 -3.18 16.64 -1.21
N LYS A 101 -3.09 15.93 -2.33
CA LYS A 101 -3.47 16.40 -3.69
C LYS A 101 -4.19 15.23 -4.38
N SER A 102 -5.07 15.50 -5.34
CA SER A 102 -5.58 14.49 -6.30
C SER A 102 -4.56 14.36 -7.43
N TRP A 103 -4.49 13.18 -8.06
CA TRP A 103 -3.55 12.85 -9.15
C TRP A 103 -4.39 12.10 -10.20
N GLY A 104 -4.03 12.24 -11.49
CA GLY A 104 -4.69 11.49 -12.58
C GLY A 104 -4.33 10.03 -12.54
N SER A 105 -4.94 9.21 -13.39
CA SER A 105 -4.50 7.79 -13.48
C SER A 105 -3.10 7.78 -14.08
N PRO A 106 -2.29 6.73 -13.83
CA PRO A 106 -0.95 6.61 -14.40
C PRO A 106 -1.00 6.25 -15.89
N ASN A 107 -2.19 5.98 -16.44
CA ASN A 107 -2.30 5.33 -17.77
C ASN A 107 -1.81 6.22 -18.91
N GLY A 108 -2.16 7.51 -18.91
CA GLY A 108 -1.74 8.43 -19.98
C GLY A 108 -0.23 8.49 -20.06
N ALA A 109 0.42 8.65 -18.89
CA ALA A 109 1.88 8.70 -18.74
C ALA A 109 2.50 7.42 -19.33
N MET A 110 1.97 6.24 -19.04
CA MET A 110 2.54 4.97 -19.55
C MET A 110 2.27 4.84 -21.03
N ARG A 111 1.04 5.14 -21.45
CA ARG A 111 0.64 4.84 -22.84
C ARG A 111 1.42 5.80 -23.73
N ARG A 112 1.50 7.05 -23.35
CA ARG A 112 2.23 8.07 -24.16
C ARG A 112 3.72 7.86 -23.98
N GLY A 113 4.17 7.57 -22.75
CA GLY A 113 5.62 7.49 -22.43
C GLY A 113 6.30 6.34 -23.15
N TRP A 114 5.57 5.25 -23.37
CA TRP A 114 6.10 4.06 -24.05
C TRP A 114 5.71 3.99 -25.52
N ASN A 115 5.27 5.11 -26.10
CA ASN A 115 4.94 5.17 -27.55
C ASN A 115 3.90 4.08 -27.84
N GLY A 116 2.85 4.02 -27.04
CA GLY A 116 1.82 2.97 -27.13
C GLY A 116 1.22 2.83 -28.53
N ILE A 117 1.00 1.60 -28.96
CA ILE A 117 0.34 1.30 -30.24
C ILE A 117 -1.04 0.73 -29.90
N THR A 118 -1.04 -0.33 -29.09
CA THR A 118 -2.30 -1.04 -28.84
C THR A 118 -2.46 -1.48 -27.39
N ILE A 119 -3.70 -1.61 -26.96
CA ILE A 119 -4.04 -2.25 -25.66
C ILE A 119 -4.82 -3.50 -26.06
N SER A 120 -4.23 -4.66 -25.90
CA SER A 120 -4.89 -5.94 -26.25
C SER A 120 -5.71 -6.38 -25.05
N ARG A 121 -7.01 -6.56 -25.25
CA ARG A 121 -7.93 -6.92 -24.15
C ARG A 121 -8.68 -8.17 -24.59
N ASP A 122 -8.23 -9.34 -24.14
CA ASP A 122 -8.79 -10.60 -24.67
C ASP A 122 -9.50 -11.38 -23.58
N THR A 123 -10.54 -12.12 -23.99
CA THR A 123 -11.31 -12.96 -23.04
C THR A 123 -10.39 -14.04 -22.46
N ILE A 124 -10.59 -14.35 -21.20
CA ILE A 124 -9.78 -15.38 -20.50
C ILE A 124 -10.61 -16.66 -20.53
N HIS A 125 -10.01 -17.76 -20.94
CA HIS A 125 -10.77 -19.03 -21.15
C HIS A 125 -10.16 -20.17 -20.35
N ILE A 126 -11.00 -21.02 -19.77
CA ILE A 126 -10.53 -22.28 -19.13
C ILE A 126 -11.30 -23.44 -19.76
N ASP A 127 -10.60 -24.38 -20.40
CA ASP A 127 -11.20 -25.64 -20.89
C ASP A 127 -11.98 -26.30 -19.74
N GLY A 128 -13.27 -26.59 -19.97
CA GLY A 128 -14.18 -27.23 -19.02
C GLY A 128 -14.88 -26.25 -18.13
N VAL A 129 -14.69 -24.93 -18.32
CA VAL A 129 -15.44 -23.90 -17.55
C VAL A 129 -16.17 -23.05 -18.57
N GLU A 130 -17.49 -22.94 -18.45
CA GLU A 130 -18.35 -22.17 -19.38
C GLU A 130 -18.46 -20.74 -18.86
N LEU A 131 -17.95 -19.77 -19.62
CA LEU A 131 -18.09 -18.32 -19.34
C LEU A 131 -18.96 -17.76 -20.46
N GLY A 132 -19.14 -16.44 -20.54
CA GLY A 132 -20.13 -15.77 -21.39
C GLY A 132 -19.88 -16.03 -22.84
N TYR A 133 -18.63 -15.99 -23.29
CA TYR A 133 -18.26 -16.24 -24.70
C TYR A 133 -17.71 -17.65 -24.79
N LYS A 134 -18.22 -18.44 -25.75
CA LYS A 134 -17.85 -19.88 -25.89
C LYS A 134 -16.46 -20.00 -26.46
N LYS A 135 -16.17 -19.19 -27.47
CA LYS A 135 -14.85 -19.23 -28.14
C LYS A 135 -14.15 -17.91 -27.85
N PRO A 136 -12.80 -17.89 -27.85
CA PRO A 136 -12.05 -16.66 -27.62
C PRO A 136 -12.49 -15.40 -28.39
N VAL A 137 -12.48 -14.27 -27.71
CA VAL A 137 -12.72 -12.94 -28.37
C VAL A 137 -11.46 -12.13 -28.18
N LEU A 138 -11.04 -11.40 -29.21
CA LEU A 138 -9.85 -10.55 -29.15
C LEU A 138 -10.31 -9.11 -29.35
N PHE A 139 -9.68 -8.16 -28.65
CA PHE A 139 -9.98 -6.73 -28.84
C PHE A 139 -8.66 -5.98 -28.90
N GLU A 140 -8.56 -5.06 -29.84
CA GLU A 140 -7.39 -4.17 -30.00
C GLU A 140 -7.88 -2.74 -29.86
N ARG A 141 -7.53 -2.10 -28.76
CA ARG A 141 -7.84 -0.70 -28.46
C ARG A 141 -6.63 0.14 -28.85
N HIS A 142 -6.82 1.13 -29.70
CA HIS A 142 -5.75 2.08 -30.03
C HIS A 142 -5.28 2.71 -28.73
N ALA A 143 -3.99 2.65 -28.41
CA ALA A 143 -3.47 3.02 -27.08
C ALA A 143 -3.44 4.52 -26.83
N VAL A 144 -3.43 5.32 -27.89
CA VAL A 144 -3.20 6.78 -27.76
C VAL A 144 -4.28 7.56 -28.55
N GLY A 145 -4.29 8.86 -28.35
CA GLY A 145 -5.06 9.79 -29.20
C GLY A 145 -6.47 9.97 -28.68
N GLY A 146 -7.21 10.82 -29.37
CA GLY A 146 -8.59 11.16 -29.01
C GLY A 146 -8.64 12.00 -27.77
N GLU A 147 -9.77 11.94 -27.09
CA GLU A 147 -10.08 12.86 -25.99
C GLU A 147 -9.14 12.63 -24.83
N TYR A 148 -8.46 11.48 -24.78
CA TYR A 148 -7.46 11.18 -23.74
C TYR A 148 -6.32 12.21 -23.74
N SER A 149 -6.03 12.82 -24.88
CA SER A 149 -4.97 13.85 -24.94
C SER A 149 -5.55 15.18 -25.38
N ALA A 150 -6.83 15.43 -25.12
CA ALA A 150 -7.45 16.73 -25.49
C ALA A 150 -6.87 17.91 -24.67
N GLY A 151 -6.81 19.07 -25.29
CA GLY A 151 -6.81 20.34 -24.56
C GLY A 151 -8.22 20.87 -24.45
N TYR A 152 -8.56 21.60 -23.41
CA TYR A 152 -9.94 22.05 -23.20
C TYR A 152 -9.98 23.27 -22.29
N LYS A 153 -11.13 23.95 -22.31
CA LYS A 153 -11.47 24.99 -21.32
C LYS A 153 -12.97 24.92 -21.06
N ASN A 154 -13.39 25.26 -19.85
CA ASN A 154 -14.80 25.58 -19.51
C ASN A 154 -14.97 27.11 -19.61
N VAL A 155 -15.86 27.57 -20.49
CA VAL A 155 -16.00 29.00 -20.92
C VAL A 155 -17.47 29.43 -20.95
N GLY A 156 -17.68 30.73 -21.17
CA GLY A 156 -18.97 31.38 -21.49
C GLY A 156 -19.03 31.76 -22.94
N LYS A 157 -19.81 32.78 -23.29
CA LYS A 157 -19.99 33.21 -24.70
C LYS A 157 -18.64 33.74 -25.18
N GLY A 158 -18.40 33.65 -26.49
CA GLY A 158 -17.16 34.06 -27.17
C GLY A 158 -16.89 33.28 -28.45
N LYS A 159 -15.72 33.53 -29.05
CA LYS A 159 -15.34 33.06 -30.39
C LYS A 159 -14.23 32.02 -30.20
N LEU A 160 -14.45 30.81 -30.70
CA LEU A 160 -13.47 29.71 -30.64
C LEU A 160 -12.86 29.55 -32.02
N THR A 161 -11.53 29.67 -32.16
CA THR A 161 -10.84 29.54 -33.46
C THR A 161 -9.79 28.42 -33.36
N THR A 162 -9.83 27.46 -34.28
CA THR A 162 -8.80 26.39 -34.45
C THR A 162 -8.09 26.57 -35.77
N THR A 163 -6.76 26.75 -35.73
CA THR A 163 -5.90 26.86 -36.93
C THR A 163 -4.90 25.71 -37.00
N PHE A 164 -4.51 25.37 -38.22
CA PHE A 164 -3.41 24.42 -38.47
C PHE A 164 -2.40 25.10 -39.41
N THR A 165 -1.10 24.93 -39.12
CA THR A 165 0.01 25.28 -40.03
C THR A 165 0.80 24.04 -40.39
N PRO A 166 0.64 23.47 -41.61
CA PRO A 166 1.50 22.37 -42.03
C PRO A 166 2.98 22.78 -42.02
N SER A 167 3.84 21.86 -41.62
CA SER A 167 5.32 22.05 -41.58
C SER A 167 5.94 21.43 -42.84
N GLU A 168 5.20 20.59 -43.55
CA GLU A 168 5.73 19.85 -44.72
C GLU A 168 4.83 20.03 -45.92
N GLY A 169 5.35 19.70 -47.09
CA GLY A 169 4.51 19.70 -48.30
C GLY A 169 4.40 21.07 -48.97
N PRO A 170 3.57 21.17 -50.01
CA PRO A 170 3.44 22.40 -50.78
C PRO A 170 2.74 23.56 -50.05
N ASP A 171 2.04 23.26 -48.95
CA ASP A 171 1.32 24.31 -48.20
C ASP A 171 2.02 24.55 -46.86
N ALA A 172 3.29 24.15 -46.77
CA ALA A 172 4.05 24.36 -45.53
C ALA A 172 4.05 25.84 -45.21
N GLY A 173 3.81 26.19 -43.96
CA GLY A 173 3.87 27.61 -43.57
C GLY A 173 2.55 28.32 -43.75
N LYS A 174 1.61 27.72 -44.47
CA LYS A 174 0.30 28.38 -44.72
C LYS A 174 -0.70 28.01 -43.62
N THR A 175 -0.97 28.93 -42.72
CA THR A 175 -1.97 28.71 -41.64
C THR A 175 -3.36 28.58 -42.28
N VAL A 176 -4.10 27.53 -41.96
CA VAL A 176 -5.50 27.33 -42.47
C VAL A 176 -6.44 27.27 -41.27
N VAL A 177 -7.72 27.61 -41.48
CA VAL A 177 -8.76 27.55 -40.41
C VAL A 177 -9.39 26.16 -40.41
N VAL A 178 -9.30 25.45 -39.29
CA VAL A 178 -9.91 24.09 -39.15
C VAL A 178 -11.36 24.28 -38.69
N ASP A 179 -11.56 25.17 -37.74
CA ASP A 179 -12.90 25.39 -37.16
C ASP A 179 -12.96 26.82 -36.64
N GLU A 180 -14.16 27.39 -36.66
CA GLU A 180 -14.46 28.70 -36.07
C GLU A 180 -15.93 28.65 -35.67
N ARG A 181 -16.25 28.98 -34.42
CA ARG A 181 -17.66 28.90 -33.96
C ARG A 181 -17.87 29.92 -32.82
N GLU A 182 -19.05 30.51 -32.78
CA GLU A 182 -19.51 31.37 -31.67
C GLU A 182 -20.09 30.41 -30.62
N ILE A 183 -19.54 30.46 -29.41
CA ILE A 183 -20.20 29.85 -28.23
C ILE A 183 -21.29 30.82 -27.72
N VAL A 184 -22.54 30.36 -27.63
CA VAL A 184 -23.73 31.18 -27.27
C VAL A 184 -24.16 30.83 -25.85
N ASP A 185 -23.45 29.92 -25.19
CA ASP A 185 -23.85 29.45 -23.83
C ASP A 185 -22.99 30.07 -22.74
N GLU A 186 -23.60 30.38 -21.61
CA GLU A 186 -22.88 30.93 -20.43
C GLU A 186 -22.00 29.85 -19.83
N GLU A 187 -22.33 28.59 -20.07
CA GLU A 187 -21.59 27.43 -19.52
C GLU A 187 -21.32 26.47 -20.68
N ALA A 188 -20.07 26.30 -21.08
CA ALA A 188 -19.71 25.43 -22.21
C ALA A 188 -18.31 24.82 -22.08
N ALA A 189 -18.12 23.62 -22.60
CA ALA A 189 -16.79 22.99 -22.79
C ALA A 189 -16.36 23.27 -24.21
N VAL A 190 -15.09 23.66 -24.39
CA VAL A 190 -14.49 23.78 -25.74
C VAL A 190 -13.35 22.77 -25.75
N VAL A 191 -13.22 21.96 -26.79
CA VAL A 191 -12.29 20.79 -26.78
C VAL A 191 -11.56 20.67 -28.11
N THR A 192 -10.26 20.43 -28.04
CA THR A 192 -9.45 20.16 -29.24
C THR A 192 -8.62 18.90 -28.93
N TYR A 193 -8.63 17.95 -29.85
CA TYR A 193 -7.77 16.75 -29.69
C TYR A 193 -7.23 16.36 -31.05
N HIS A 194 -6.31 15.40 -31.06
CA HIS A 194 -5.83 14.81 -32.33
C HIS A 194 -5.82 13.29 -32.22
N ASN A 195 -5.90 12.63 -33.36
CA ASN A 195 -5.67 11.19 -33.53
C ASN A 195 -4.42 11.00 -34.37
N PRO A 196 -3.37 10.38 -33.75
CA PRO A 196 -2.16 10.06 -34.50
C PRO A 196 -2.31 8.68 -35.16
N TYR A 197 -2.38 8.64 -36.48
CA TYR A 197 -2.74 7.40 -37.20
C TYR A 197 -1.52 6.70 -37.80
N ASP A 198 -0.30 7.21 -37.73
CA ASP A 198 0.85 6.50 -38.34
C ASP A 198 0.97 5.08 -37.76
N ASN A 199 0.78 4.91 -36.44
CA ASN A 199 1.00 3.60 -35.77
C ASN A 199 -0.25 2.70 -35.94
N VAL A 200 -1.30 3.16 -36.60
CA VAL A 200 -2.44 2.28 -36.98
C VAL A 200 -1.97 1.24 -38.01
N HIS A 201 -0.94 1.54 -38.81
CA HIS A 201 -0.31 0.55 -39.72
C HIS A 201 0.24 -0.62 -38.87
N ASP A 202 0.86 -0.30 -37.76
CA ASP A 202 1.41 -1.33 -36.83
C ASP A 202 0.25 -2.02 -36.09
N LEU A 203 -0.71 -1.25 -35.56
CA LEU A 203 -1.91 -1.83 -34.92
C LEU A 203 -2.55 -2.87 -35.83
N ALA A 204 -2.74 -2.51 -37.11
CA ALA A 204 -3.43 -3.41 -38.05
C ALA A 204 -2.68 -4.74 -38.17
N ARG A 205 -1.36 -4.69 -38.34
CA ARG A 205 -0.58 -5.94 -38.53
C ARG A 205 -0.61 -6.77 -37.27
N PHE A 206 -0.55 -6.15 -36.10
CA PHE A 206 -0.61 -6.86 -34.81
C PHE A 206 -1.97 -7.53 -34.71
N PHE A 207 -3.02 -6.75 -34.96
CA PHE A 207 -4.42 -7.22 -34.81
C PHE A 207 -4.68 -8.39 -35.77
N PHE A 208 -4.48 -8.20 -37.06
CA PHE A 208 -4.85 -9.25 -38.04
C PHE A 208 -4.00 -10.51 -37.81
N GLY A 209 -2.73 -10.35 -37.42
CA GLY A 209 -1.87 -11.50 -37.10
C GLY A 209 -2.41 -12.29 -35.93
N ARG A 210 -2.82 -11.59 -34.86
CA ARG A 210 -3.42 -12.27 -33.68
C ARG A 210 -4.72 -12.94 -34.09
N CYS A 211 -5.53 -12.27 -34.88
CA CYS A 211 -6.84 -12.85 -35.27
C CYS A 211 -6.58 -14.09 -36.13
N LEU A 212 -5.58 -14.02 -36.99
CA LEU A 212 -5.27 -15.12 -37.94
C LEU A 212 -4.83 -16.33 -37.12
N GLU A 213 -3.91 -16.13 -36.15
CA GLU A 213 -3.42 -17.18 -35.21
C GLU A 213 -4.61 -17.80 -34.46
N ALA A 214 -5.51 -16.98 -33.92
CA ALA A 214 -6.65 -17.42 -33.09
C ALA A 214 -7.78 -17.98 -33.98
N LYS A 215 -7.72 -17.79 -35.31
CA LYS A 215 -8.77 -18.15 -36.31
C LYS A 215 -10.10 -17.47 -35.97
N VAL A 216 -10.08 -16.17 -35.69
CA VAL A 216 -11.30 -15.41 -35.36
C VAL A 216 -11.54 -14.45 -36.51
N THR A 217 -12.80 -14.11 -36.75
CA THR A 217 -13.20 -13.11 -37.76
C THR A 217 -12.88 -11.74 -37.23
N PRO A 218 -12.09 -10.91 -37.96
CA PRO A 218 -11.80 -9.57 -37.52
C PRO A 218 -12.84 -8.54 -37.99
N TYR A 219 -13.13 -7.57 -37.14
CA TYR A 219 -14.01 -6.40 -37.46
C TYR A 219 -13.31 -5.11 -37.06
N VAL A 220 -13.53 -4.03 -37.82
CA VAL A 220 -13.02 -2.70 -37.45
C VAL A 220 -14.22 -1.89 -36.97
N VAL A 221 -14.05 -1.19 -35.86
CA VAL A 221 -15.19 -0.48 -35.21
C VAL A 221 -14.86 0.99 -35.16
N THR A 222 -15.72 1.83 -35.77
CA THR A 222 -15.56 3.29 -35.70
C THR A 222 -16.94 3.97 -35.85
N LYS A 223 -16.96 5.29 -35.81
CA LYS A 223 -18.17 6.11 -36.03
C LYS A 223 -17.90 6.94 -37.28
N LYS A 224 -17.15 6.41 -38.24
CA LYS A 224 -16.63 7.20 -39.39
C LYS A 224 -17.76 7.81 -40.26
N THR A 225 -18.96 7.24 -40.25
CA THR A 225 -20.07 7.74 -41.10
C THR A 225 -20.47 9.12 -40.60
N VAL A 226 -20.29 9.40 -39.31
CA VAL A 226 -20.64 10.69 -38.64
C VAL A 226 -19.37 11.43 -38.22
N PHE A 227 -18.42 10.73 -37.59
CA PHE A 227 -17.12 11.35 -37.18
C PHE A 227 -16.12 11.14 -38.32
N LYS A 228 -16.21 11.93 -39.38
CA LYS A 228 -15.64 11.56 -40.70
C LYS A 228 -14.11 11.59 -40.66
N TRP A 229 -13.54 12.28 -39.68
CA TRP A 229 -12.07 12.38 -39.48
C TRP A 229 -11.50 11.00 -39.15
N GLN A 230 -12.38 10.07 -38.79
CA GLN A 230 -11.98 8.66 -38.45
C GLN A 230 -11.76 7.78 -39.69
N GLU A 231 -12.12 8.24 -40.88
CA GLU A 231 -12.08 7.44 -42.12
C GLU A 231 -10.71 6.78 -42.25
N PRO A 232 -9.57 7.47 -42.03
CA PRO A 232 -8.25 6.84 -42.18
C PRO A 232 -8.00 5.60 -41.30
N PHE A 233 -8.59 5.55 -40.12
CA PHE A 233 -8.44 4.34 -39.27
C PHE A 233 -8.91 3.14 -40.08
N TRP A 234 -10.10 3.24 -40.66
CA TRP A 234 -10.65 2.15 -41.48
C TRP A 234 -9.80 1.90 -42.72
N GLN A 235 -9.43 2.96 -43.44
CA GLN A 235 -8.69 2.79 -44.73
C GLN A 235 -7.35 2.10 -44.49
N ILE A 236 -6.66 2.51 -43.45
CA ILE A 236 -5.33 1.91 -43.14
C ILE A 236 -5.57 0.42 -42.86
N MET A 237 -6.52 0.11 -41.97
CA MET A 237 -6.77 -1.31 -41.59
C MET A 237 -7.15 -2.13 -42.81
N ARG A 238 -8.10 -1.62 -43.63
CA ARG A 238 -8.61 -2.40 -44.78
C ARG A 238 -7.47 -2.64 -45.78
N THR A 239 -6.65 -1.61 -46.04
CA THR A 239 -5.54 -1.73 -47.02
C THR A 239 -4.61 -2.84 -46.50
N VAL A 240 -4.21 -2.75 -45.24
CA VAL A 240 -3.35 -3.82 -44.65
C VAL A 240 -4.03 -5.20 -44.75
N PHE A 241 -5.30 -5.30 -44.39
CA PHE A 241 -6.03 -6.58 -44.48
C PHE A 241 -5.99 -7.13 -45.90
N ASP A 242 -6.45 -6.32 -46.85
CA ASP A 242 -6.63 -6.76 -48.26
C ASP A 242 -5.24 -7.15 -48.81
N GLU A 243 -4.23 -6.34 -48.59
CA GLU A 243 -2.87 -6.56 -49.18
C GLU A 243 -2.20 -7.77 -48.51
N GLU A 244 -2.20 -7.84 -47.17
CA GLU A 244 -1.30 -8.76 -46.40
C GLU A 244 -2.01 -9.98 -45.79
N PHE A 245 -3.34 -9.97 -45.60
CA PHE A 245 -3.99 -11.00 -44.72
C PHE A 245 -5.21 -11.67 -45.36
N LYS A 246 -5.93 -10.99 -46.24
CA LYS A 246 -7.23 -11.56 -46.70
C LYS A 246 -7.05 -13.02 -47.18
N ALA A 247 -6.17 -13.28 -48.12
CA ALA A 247 -5.96 -14.66 -48.63
C ALA A 247 -5.67 -15.66 -47.50
N GLN A 248 -4.89 -15.29 -46.48
CA GLN A 248 -4.56 -16.15 -45.33
C GLN A 248 -5.82 -16.46 -44.53
N PHE A 249 -6.70 -15.48 -44.39
CA PHE A 249 -7.98 -15.62 -43.63
C PHE A 249 -8.87 -16.65 -44.35
N VAL A 250 -8.93 -16.57 -45.70
CA VAL A 250 -9.63 -17.57 -46.54
C VAL A 250 -9.00 -18.95 -46.31
N ALA A 251 -7.67 -19.07 -46.42
CA ALA A 251 -6.95 -20.36 -46.32
C ALA A 251 -7.06 -20.96 -44.93
N ALA A 252 -7.28 -20.15 -43.88
CA ALA A 252 -7.43 -20.62 -42.48
C ALA A 252 -8.90 -21.01 -42.21
N GLY A 253 -9.79 -20.83 -43.18
CA GLY A 253 -11.20 -21.26 -43.01
C GLY A 253 -12.03 -20.22 -42.25
N VAL A 254 -11.51 -19.01 -42.06
CA VAL A 254 -12.22 -17.97 -41.26
C VAL A 254 -13.22 -17.30 -42.19
N MET A 255 -12.80 -16.99 -43.41
CA MET A 255 -13.57 -16.16 -44.36
C MET A 255 -13.68 -16.89 -45.70
N LYS A 256 -14.70 -16.52 -46.48
CA LYS A 256 -14.93 -17.04 -47.84
C LYS A 256 -14.38 -16.03 -48.86
N GLU A 257 -13.93 -16.51 -50.02
CA GLU A 257 -13.43 -15.64 -51.12
C GLU A 257 -14.53 -14.64 -51.47
N GLY A 258 -14.13 -13.41 -51.79
CA GLY A 258 -15.07 -12.33 -52.12
C GLY A 258 -15.69 -11.72 -50.88
N GLU A 259 -15.58 -12.36 -49.70
CA GLU A 259 -16.04 -11.69 -48.45
C GLU A 259 -15.04 -10.57 -48.12
N GLU A 260 -15.53 -9.41 -47.75
CA GLU A 260 -14.63 -8.27 -47.47
C GLU A 260 -14.57 -8.05 -45.95
N LEU A 261 -13.50 -7.41 -45.46
CA LEU A 261 -13.40 -7.00 -44.05
C LEU A 261 -14.66 -6.19 -43.72
N VAL A 262 -15.26 -6.44 -42.58
CA VAL A 262 -16.50 -5.74 -42.18
C VAL A 262 -16.15 -4.57 -41.26
N HIS A 263 -16.73 -3.40 -41.53
CA HIS A 263 -16.76 -2.25 -40.62
C HIS A 263 -18.03 -2.32 -39.80
N LEU A 264 -17.93 -2.10 -38.49
CA LEU A 264 -19.10 -2.01 -37.59
C LEU A 264 -19.10 -0.60 -37.03
N LEU A 265 -20.26 0.03 -36.96
CA LEU A 265 -20.36 1.32 -36.26
C LEU A 265 -20.24 1.05 -34.76
N SER A 266 -19.65 1.97 -34.00
CA SER A 266 -19.41 1.76 -32.56
C SER A 266 -20.71 1.40 -31.84
N ASP A 267 -21.79 2.09 -32.15
CA ASP A 267 -23.09 1.83 -31.47
C ASP A 267 -23.61 0.44 -31.89
N ALA A 268 -23.41 0.01 -33.13
CA ALA A 268 -23.78 -1.36 -33.51
C ALA A 268 -22.89 -2.39 -32.78
N ALA A 269 -21.62 -2.07 -32.58
CA ALA A 269 -20.69 -3.03 -31.94
C ALA A 269 -21.12 -3.34 -30.49
N THR A 270 -21.73 -2.38 -29.78
CA THR A 270 -22.23 -2.64 -28.41
C THR A 270 -23.32 -3.70 -28.47
N MET A 271 -24.11 -3.69 -29.52
CA MET A 271 -25.17 -4.73 -29.68
C MET A 271 -24.54 -6.08 -30.00
N LYS A 272 -23.54 -6.11 -30.87
CA LYS A 272 -22.91 -7.38 -31.30
C LYS A 272 -22.24 -8.05 -30.10
N LEU A 273 -21.67 -7.27 -29.17
CA LEU A 273 -20.97 -7.89 -28.01
C LEU A 273 -21.98 -8.66 -27.16
N VAL A 274 -23.23 -8.19 -27.10
CA VAL A 274 -24.28 -8.90 -26.32
C VAL A 274 -24.80 -10.08 -27.16
N GLN A 275 -24.90 -9.92 -28.47
CA GLN A 275 -25.48 -10.99 -29.33
C GLN A 275 -24.52 -12.14 -29.56
N TRP A 276 -23.26 -11.84 -29.86
CA TRP A 276 -22.29 -12.86 -30.34
C TRP A 276 -21.69 -13.67 -29.18
N ARG A 277 -22.53 -14.37 -28.43
CA ARG A 277 -22.11 -15.18 -27.26
C ARG A 277 -21.30 -16.39 -27.68
N GLN A 278 -21.32 -16.76 -28.97
CA GLN A 278 -20.49 -17.86 -29.48
C GLN A 278 -19.03 -17.43 -29.47
N GLY A 279 -18.78 -16.12 -29.49
CA GLY A 279 -17.40 -15.60 -29.54
C GLY A 279 -16.77 -15.90 -30.88
N GLY A 280 -15.44 -16.08 -30.91
CA GLY A 280 -14.71 -16.36 -32.15
C GLY A 280 -14.64 -15.13 -33.04
N PHE A 281 -14.51 -13.95 -32.44
CA PHE A 281 -14.38 -12.73 -33.26
C PHE A 281 -13.33 -11.80 -32.66
N GLY A 282 -12.90 -10.83 -33.44
CA GLY A 282 -12.00 -9.80 -32.93
C GLY A 282 -12.48 -8.43 -33.34
N MET A 283 -12.22 -7.42 -32.51
CA MET A 283 -12.58 -6.02 -32.88
C MET A 283 -11.39 -5.10 -32.65
N ALA A 284 -11.18 -4.13 -33.54
CA ALA A 284 -10.19 -3.07 -33.38
C ALA A 284 -10.91 -1.74 -33.35
N ALA A 285 -10.54 -0.86 -32.41
CA ALA A 285 -11.24 0.41 -32.29
C ALA A 285 -10.34 1.53 -31.81
N HIS A 286 -10.83 2.76 -31.90
CA HIS A 286 -10.11 3.93 -31.34
C HIS A 286 -9.99 3.82 -29.82
N ASN A 287 -9.28 4.74 -29.21
CA ASN A 287 -8.97 4.71 -27.77
C ASN A 287 -10.26 4.67 -26.94
N TYR A 288 -11.14 5.66 -27.11
CA TYR A 288 -12.32 5.73 -26.21
C TYR A 288 -13.31 4.60 -26.52
N ASP A 289 -13.64 4.40 -27.80
CA ASP A 289 -14.53 3.28 -28.19
C ASP A 289 -14.02 1.98 -27.54
N GLY A 290 -12.72 1.75 -27.61
CA GLY A 290 -12.13 0.56 -27.00
C GLY A 290 -12.32 0.56 -25.50
N ASP A 291 -12.18 1.71 -24.83
CA ASP A 291 -12.44 1.77 -23.37
C ASP A 291 -13.82 1.23 -23.07
N VAL A 292 -14.85 1.82 -23.66
CA VAL A 292 -16.24 1.43 -23.34
C VAL A 292 -16.53 -0.02 -23.76
N LEU A 293 -16.06 -0.44 -24.95
CA LEU A 293 -16.41 -1.78 -25.48
C LEU A 293 -15.73 -2.87 -24.63
N THR A 294 -14.48 -2.66 -24.23
CA THR A 294 -13.76 -3.69 -23.42
C THR A 294 -14.41 -3.87 -22.04
N ASP A 295 -14.98 -2.83 -21.44
CA ASP A 295 -15.75 -2.95 -20.17
C ASP A 295 -16.99 -3.79 -20.47
N GLU A 296 -17.71 -3.47 -21.53
CA GLU A 296 -18.89 -4.29 -21.93
C GLU A 296 -18.53 -5.77 -22.17
N LEU A 297 -17.46 -5.99 -22.93
CA LEU A 297 -16.86 -7.33 -23.18
C LEU A 297 -16.59 -8.10 -21.88
N ALA A 298 -15.97 -7.47 -20.91
CA ALA A 298 -15.63 -8.11 -19.60
C ALA A 298 -16.90 -8.61 -18.93
N GLN A 299 -17.94 -7.76 -18.89
CA GLN A 299 -19.20 -8.06 -18.19
C GLN A 299 -19.93 -9.18 -18.91
N VAL A 300 -20.04 -9.14 -20.24
CA VAL A 300 -20.74 -10.23 -20.97
C VAL A 300 -19.99 -11.54 -20.71
N HIS A 301 -18.66 -11.51 -20.65
CA HIS A 301 -17.86 -12.73 -20.41
C HIS A 301 -18.10 -13.23 -18.98
N LYS A 302 -18.00 -12.35 -17.99
CA LYS A 302 -18.24 -12.74 -16.58
C LYS A 302 -18.11 -11.52 -15.69
N SER A 303 -16.94 -10.88 -15.68
CA SER A 303 -16.59 -9.80 -14.71
C SER A 303 -15.33 -9.08 -15.17
N PRO A 304 -15.05 -7.84 -14.67
CA PRO A 304 -13.87 -7.08 -15.06
C PRO A 304 -12.55 -7.86 -15.28
N GLY A 305 -12.15 -8.71 -14.34
CA GLY A 305 -10.86 -9.40 -14.45
C GLY A 305 -10.81 -10.52 -15.45
N PHE A 306 -11.91 -10.85 -16.11
CA PHE A 306 -11.93 -12.02 -17.03
C PHE A 306 -11.48 -11.57 -18.42
N ILE A 307 -10.82 -10.40 -18.48
CA ILE A 307 -10.24 -9.87 -19.75
C ILE A 307 -8.79 -9.52 -19.47
N THR A 308 -7.87 -9.85 -20.38
CA THR A 308 -6.45 -9.45 -20.25
C THR A 308 -6.34 -7.96 -20.56
N SER A 309 -5.23 -7.31 -20.20
CA SER A 309 -4.99 -5.90 -20.56
C SER A 309 -3.50 -5.73 -20.79
N ASN A 310 -3.06 -5.81 -22.04
CA ASN A 310 -1.61 -5.78 -22.39
C ASN A 310 -1.33 -4.55 -23.25
N LEU A 311 -0.57 -3.60 -22.74
CA LEU A 311 -0.14 -2.43 -23.55
C LEU A 311 1.09 -2.81 -24.36
N VAL A 312 1.06 -2.57 -25.65
CA VAL A 312 2.25 -2.79 -26.53
C VAL A 312 2.67 -1.43 -27.07
N GLY A 313 3.89 -1.02 -26.75
CA GLY A 313 4.51 0.18 -27.33
C GLY A 313 5.85 -0.13 -27.94
N VAL A 314 6.65 0.88 -28.23
CA VAL A 314 7.93 0.71 -28.95
C VAL A 314 8.93 1.75 -28.43
N HIS A 315 10.15 1.28 -28.20
CA HIS A 315 11.31 2.10 -27.80
C HIS A 315 11.77 2.84 -29.06
N GLU A 316 12.42 4.00 -28.95
CA GLU A 316 12.99 4.64 -30.18
C GLU A 316 13.94 3.67 -30.90
N ASP A 317 14.51 2.62 -30.26
CA ASP A 317 15.43 1.65 -30.92
C ASP A 317 14.68 0.51 -31.62
N GLY A 318 13.33 0.48 -31.59
CA GLY A 318 12.50 -0.46 -32.34
C GLY A 318 12.08 -1.63 -31.51
N THR A 319 12.58 -1.75 -30.27
CA THR A 319 12.23 -2.89 -29.42
C THR A 319 10.85 -2.61 -28.83
N LEU A 320 9.99 -3.61 -28.86
CA LEU A 320 8.64 -3.54 -28.28
C LEU A 320 8.79 -3.43 -26.76
N ILE A 321 8.13 -2.43 -26.22
CA ILE A 321 7.86 -2.28 -24.78
C ILE A 321 6.49 -2.91 -24.51
N LYS A 322 6.44 -3.89 -23.61
CA LYS A 322 5.17 -4.56 -23.25
C LYS A 322 4.87 -4.46 -21.76
N GLU A 323 3.71 -3.95 -21.42
CA GLU A 323 3.17 -3.86 -20.05
C GLU A 323 1.93 -4.76 -19.93
N PHE A 324 1.82 -5.48 -18.84
CA PHE A 324 0.72 -6.44 -18.57
C PHE A 324 0.06 -6.07 -17.24
N GLU A 325 -1.28 -5.99 -17.22
CA GLU A 325 -2.04 -5.84 -15.96
C GLU A 325 -3.34 -6.66 -16.02
N ALA A 326 -3.94 -6.88 -14.86
CA ALA A 326 -5.31 -7.42 -14.77
C ALA A 326 -6.32 -6.30 -15.11
N SER A 327 -7.54 -6.65 -15.46
CA SER A 327 -8.60 -5.65 -15.78
C SER A 327 -9.53 -5.44 -14.59
N HIS A 328 -9.07 -5.69 -13.37
CA HIS A 328 -9.89 -5.40 -12.16
C HIS A 328 -9.10 -4.43 -11.27
N GLY A 329 -9.75 -3.91 -10.24
CA GLY A 329 -9.19 -3.03 -9.21
C GLY A 329 -8.61 -3.81 -8.07
N THR A 330 -8.37 -3.12 -6.97
CA THR A 330 -7.54 -3.61 -5.83
C THR A 330 -8.48 -4.31 -4.85
N VAL A 331 -9.78 -4.19 -5.09
CA VAL A 331 -10.87 -4.89 -4.33
C VAL A 331 -10.74 -4.51 -2.85
N ALA A 332 -10.84 -3.21 -2.54
CA ALA A 332 -10.69 -2.64 -1.18
C ALA A 332 -11.60 -3.43 -0.21
N ASP A 333 -12.84 -3.69 -0.62
CA ASP A 333 -13.86 -4.37 0.22
C ASP A 333 -13.38 -5.74 0.75
N MET A 334 -12.60 -6.48 -0.04
CA MET A 334 -12.13 -7.81 0.38
C MET A 334 -10.94 -7.63 1.32
N ASP A 335 -10.15 -6.57 1.12
CA ASP A 335 -9.03 -6.29 2.04
C ASP A 335 -9.64 -5.99 3.41
N GLU A 336 -10.74 -5.25 3.44
CA GLU A 336 -11.42 -4.86 4.71
C GLU A 336 -11.88 -6.14 5.39
N ALA A 337 -12.67 -6.93 4.68
CA ALA A 337 -13.19 -8.24 5.16
C ALA A 337 -12.01 -9.07 5.67
N ARG A 338 -10.89 -9.09 4.95
CA ARG A 338 -9.69 -9.86 5.37
C ARG A 338 -9.18 -9.34 6.71
N LEU A 339 -9.04 -8.02 6.82
CA LEU A 339 -8.47 -7.41 8.04
C LEU A 339 -9.43 -7.65 9.21
N ARG A 340 -10.72 -7.86 8.94
CA ARG A 340 -11.68 -8.23 10.01
C ARG A 340 -11.62 -9.75 10.26
N GLY A 341 -10.54 -10.42 9.82
CA GLY A 341 -10.34 -11.87 10.06
C GLY A 341 -11.29 -12.76 9.28
N GLU A 342 -12.18 -12.19 8.45
CA GLU A 342 -13.20 -12.95 7.69
C GLU A 342 -12.59 -13.67 6.48
N GLU A 343 -13.38 -14.55 5.86
CA GLU A 343 -12.88 -15.35 4.71
C GLU A 343 -12.97 -14.57 3.39
N THR A 344 -11.94 -14.66 2.56
CA THR A 344 -11.99 -14.11 1.18
C THR A 344 -11.80 -15.24 0.15
N SER A 345 -12.28 -15.00 -1.08
CA SER A 345 -11.94 -15.81 -2.30
C SER A 345 -11.61 -14.91 -3.50
N LEU A 346 -10.35 -14.50 -3.63
CA LEU A 346 -9.92 -13.64 -4.76
C LEU A 346 -9.34 -14.55 -5.85
N ASN A 347 -9.94 -14.51 -7.03
CA ASN A 347 -9.42 -15.28 -8.20
C ASN A 347 -8.20 -14.55 -8.73
N PRO A 348 -6.97 -15.10 -8.60
CA PRO A 348 -5.77 -14.40 -9.04
C PRO A 348 -5.37 -14.64 -10.51
N LEU A 349 -6.22 -15.34 -11.28
CA LEU A 349 -5.86 -15.77 -12.64
C LEU A 349 -5.58 -14.52 -13.50
N GLY A 350 -6.41 -13.51 -13.42
CA GLY A 350 -6.18 -12.33 -14.28
C GLY A 350 -4.85 -11.69 -13.99
N MET A 351 -4.47 -11.55 -12.73
CA MET A 351 -3.16 -10.96 -12.35
C MET A 351 -2.02 -11.88 -12.79
N VAL A 352 -2.18 -13.21 -12.63
CA VAL A 352 -1.09 -14.15 -12.97
C VAL A 352 -0.87 -14.18 -14.49
N GLU A 353 -1.93 -14.06 -15.29
CA GLU A 353 -1.77 -13.97 -16.77
C GLU A 353 -0.87 -12.77 -17.09
N GLY A 354 -1.05 -11.65 -16.42
CA GLY A 354 -0.22 -10.46 -16.61
C GLY A 354 1.25 -10.76 -16.28
N LEU A 355 1.47 -11.36 -15.11
CA LEU A 355 2.86 -11.67 -14.69
C LEU A 355 3.50 -12.63 -15.69
N ILE A 356 2.76 -13.66 -16.11
CA ILE A 356 3.27 -14.63 -17.12
C ILE A 356 3.75 -13.87 -18.36
N GLY A 357 2.91 -12.96 -18.90
CA GLY A 357 3.28 -12.24 -20.12
C GLY A 357 4.55 -11.42 -19.91
N ALA A 358 4.62 -10.75 -18.79
CA ALA A 358 5.74 -9.84 -18.48
C ALA A 358 7.04 -10.63 -18.35
N MET A 359 6.99 -11.74 -17.58
CA MET A 359 8.20 -12.58 -17.38
C MET A 359 8.60 -13.21 -18.71
N ASN A 360 7.63 -13.57 -19.56
CA ASN A 360 7.91 -14.22 -20.86
C ASN A 360 8.55 -13.21 -21.80
N HIS A 361 8.04 -11.98 -21.80
CA HIS A 361 8.63 -10.91 -22.64
C HIS A 361 10.03 -10.57 -22.13
N ALA A 362 10.16 -10.43 -20.82
CA ALA A 362 11.44 -10.11 -20.13
C ALA A 362 12.49 -11.16 -20.59
N ALA A 363 12.10 -12.45 -20.58
CA ALA A 363 12.93 -13.61 -21.01
C ALA A 363 13.28 -13.51 -22.50
N ASP A 364 12.28 -13.23 -23.35
CA ASP A 364 12.44 -13.11 -24.83
C ASP A 364 13.33 -11.90 -25.16
N VAL A 365 13.22 -10.80 -24.43
CA VAL A 365 13.95 -9.54 -24.80
C VAL A 365 15.38 -9.61 -24.27
N HIS A 366 15.60 -10.18 -23.09
CA HIS A 366 16.94 -10.18 -22.45
C HIS A 366 17.68 -11.49 -22.68
N ASN A 367 17.02 -12.49 -23.27
CA ASN A 367 17.60 -13.84 -23.53
C ASN A 367 18.18 -14.42 -22.24
N ILE A 368 17.45 -14.36 -21.14
CA ILE A 368 17.88 -14.93 -19.84
C ILE A 368 16.90 -16.04 -19.44
N ASP A 369 17.39 -17.29 -19.39
CA ASP A 369 16.60 -18.48 -18.95
C ASP A 369 15.29 -18.58 -19.73
N ARG A 370 15.30 -18.26 -21.02
CA ARG A 370 14.11 -18.34 -21.90
C ARG A 370 13.36 -19.67 -21.69
N ASP A 371 13.99 -20.80 -21.98
CA ASP A 371 13.33 -22.13 -22.03
C ASP A 371 12.68 -22.45 -20.69
N ARG A 372 13.36 -22.21 -19.56
CA ARG A 372 12.84 -22.59 -18.23
C ARG A 372 11.75 -21.62 -17.74
N THR A 373 11.89 -20.33 -18.06
CA THR A 373 10.84 -19.34 -17.67
C THR A 373 9.54 -19.72 -18.38
N HIS A 374 9.59 -19.96 -19.67
CA HIS A 374 8.41 -20.32 -20.47
C HIS A 374 7.74 -21.58 -19.91
N ALA A 375 8.52 -22.56 -19.45
CA ALA A 375 7.97 -23.80 -18.88
C ALA A 375 7.30 -23.50 -17.54
N PHE A 376 7.93 -22.69 -16.69
CA PHE A 376 7.36 -22.35 -15.36
C PHE A 376 6.05 -21.58 -15.55
N THR A 377 6.03 -20.62 -16.45
CA THR A 377 4.81 -19.79 -16.69
C THR A 377 3.68 -20.70 -17.20
N THR A 378 4.00 -21.59 -18.13
CA THR A 378 3.01 -22.56 -18.69
C THR A 378 2.45 -23.42 -17.54
N LYS A 379 3.33 -23.95 -16.69
CA LYS A 379 2.91 -24.81 -15.55
C LYS A 379 1.98 -24.03 -14.62
N MET A 380 2.36 -22.80 -14.26
CA MET A 380 1.50 -21.97 -13.37
C MET A 380 0.08 -21.94 -13.94
N ARG A 381 -0.08 -21.63 -15.23
CA ARG A 381 -1.41 -21.52 -15.85
C ARG A 381 -2.09 -22.89 -15.84
N THR A 382 -1.36 -23.93 -16.22
CA THR A 382 -1.96 -25.28 -16.36
C THR A 382 -2.43 -25.75 -14.96
N VAL A 383 -1.61 -25.51 -13.94
CA VAL A 383 -1.97 -25.88 -12.53
C VAL A 383 -3.21 -25.11 -12.14
N ILE A 384 -3.27 -23.80 -12.40
CA ILE A 384 -4.47 -23.02 -12.01
C ILE A 384 -5.72 -23.57 -12.73
N HIS A 385 -5.67 -23.72 -14.07
CA HIS A 385 -6.81 -24.15 -14.92
C HIS A 385 -7.32 -25.53 -14.44
N GLN A 386 -6.38 -26.45 -14.23
CA GLN A 386 -6.71 -27.82 -13.75
C GLN A 386 -7.43 -27.73 -12.40
N LEU A 387 -7.01 -26.91 -11.42
CA LEU A 387 -7.72 -26.79 -10.13
C LEU A 387 -9.16 -26.35 -10.34
N PHE A 388 -9.45 -25.40 -11.25
CA PHE A 388 -10.85 -24.99 -11.57
C PHE A 388 -11.64 -26.19 -12.14
N ARG A 389 -10.99 -27.04 -12.94
CA ARG A 389 -11.70 -28.17 -13.60
C ARG A 389 -12.18 -29.18 -12.53
N GLU A 390 -11.47 -29.22 -11.37
CA GLU A 390 -11.66 -30.17 -10.23
C GLU A 390 -12.55 -29.56 -9.16
N GLY A 391 -13.16 -28.39 -9.40
CA GLY A 391 -13.98 -27.67 -8.41
C GLY A 391 -13.16 -27.16 -7.23
N LYS A 392 -11.85 -26.98 -7.38
CA LYS A 392 -10.92 -26.50 -6.33
C LYS A 392 -10.35 -25.13 -6.74
N GLY A 393 -11.12 -24.39 -7.53
CA GLY A 393 -10.88 -22.96 -7.82
C GLY A 393 -11.52 -22.09 -6.77
N THR A 394 -11.57 -20.77 -7.02
CA THR A 394 -12.17 -19.78 -6.10
C THR A 394 -13.66 -19.76 -6.33
N ARG A 395 -14.39 -19.11 -5.42
CA ARG A 395 -15.85 -19.20 -5.33
C ARG A 395 -16.51 -18.39 -6.43
N ASP A 396 -15.78 -17.53 -7.15
CA ASP A 396 -16.38 -16.81 -8.29
C ASP A 396 -16.81 -17.84 -9.36
N LEU A 397 -16.03 -18.90 -9.57
CA LEU A 397 -16.33 -19.90 -10.63
C LEU A 397 -16.87 -21.21 -10.03
N CYS A 398 -16.48 -21.55 -8.81
CA CYS A 398 -16.72 -22.87 -8.20
C CYS A 398 -17.84 -22.78 -7.14
N GLY A 399 -18.41 -21.59 -6.88
CA GLY A 399 -19.50 -21.41 -5.89
C GLY A 399 -18.98 -21.54 -4.46
N PRO A 400 -19.88 -21.56 -3.44
CA PRO A 400 -19.47 -21.61 -2.03
C PRO A 400 -18.47 -22.73 -1.71
N SER A 401 -18.57 -23.88 -2.40
CA SER A 401 -17.67 -25.04 -2.23
C SER A 401 -16.25 -24.65 -2.68
N GLY A 402 -16.13 -23.58 -3.46
CA GLY A 402 -14.83 -23.02 -3.88
C GLY A 402 -13.92 -22.69 -2.70
N LEU A 403 -12.62 -22.68 -2.98
CA LEU A 403 -11.50 -22.41 -2.05
C LEU A 403 -11.46 -20.92 -1.68
N THR A 404 -10.85 -20.63 -0.52
CA THR A 404 -10.51 -19.26 -0.04
C THR A 404 -9.23 -18.82 -0.75
N THR A 405 -8.94 -17.52 -0.71
CA THR A 405 -7.72 -16.96 -1.34
C THR A 405 -6.46 -17.74 -0.91
N GLU A 406 -6.29 -18.00 0.40
CA GLU A 406 -5.07 -18.65 0.94
C GLU A 406 -5.06 -20.16 0.59
N GLN A 407 -6.23 -20.80 0.64
CA GLN A 407 -6.45 -22.24 0.28
C GLN A 407 -6.09 -22.44 -1.19
N PHE A 408 -6.62 -21.58 -2.06
CA PHE A 408 -6.27 -21.60 -3.50
C PHE A 408 -4.77 -21.37 -3.71
N ILE A 409 -4.18 -20.38 -3.01
CA ILE A 409 -2.71 -20.11 -3.13
C ILE A 409 -1.92 -21.36 -2.71
N ASP A 410 -2.28 -21.96 -1.56
CA ASP A 410 -1.59 -23.18 -1.06
C ASP A 410 -1.79 -24.34 -2.05
N ALA A 411 -2.99 -24.51 -2.57
CA ALA A 411 -3.33 -25.63 -3.48
C ALA A 411 -2.44 -25.53 -4.72
N VAL A 412 -2.24 -24.33 -5.27
CA VAL A 412 -1.38 -24.14 -6.46
C VAL A 412 0.08 -24.41 -6.07
N ALA A 413 0.54 -23.88 -4.93
CA ALA A 413 1.93 -24.05 -4.44
C ALA A 413 2.28 -25.55 -4.36
N GLU A 414 1.42 -26.32 -3.69
CA GLU A 414 1.46 -27.81 -3.56
C GLU A 414 1.77 -28.47 -4.91
N ARG A 415 1.15 -28.00 -6.02
CA ARG A 415 1.13 -28.70 -7.33
C ARG A 415 2.23 -28.23 -8.29
N LEU A 416 2.96 -27.17 -7.94
CA LEU A 416 4.13 -26.75 -8.72
C LEU A 416 5.30 -27.68 -8.33
N SER B 13 -69.69 11.02 -30.62
CA SER B 13 -68.85 11.75 -31.61
C SER B 13 -67.46 11.13 -31.60
N LYS B 14 -66.65 11.51 -32.57
CA LYS B 14 -65.25 11.02 -32.63
C LYS B 14 -64.40 11.91 -31.72
N ILE B 15 -63.33 11.36 -31.18
CA ILE B 15 -62.34 12.16 -30.39
C ILE B 15 -61.77 13.25 -31.30
N THR B 16 -61.68 14.49 -30.81
CA THR B 16 -61.04 15.64 -31.52
C THR B 16 -59.54 15.58 -31.26
N ALA B 17 -58.79 15.10 -32.23
CA ALA B 17 -57.32 15.12 -32.20
C ALA B 17 -56.86 16.58 -32.14
N ALA B 18 -55.95 16.87 -31.24
CA ALA B 18 -55.28 18.18 -31.12
C ALA B 18 -54.34 18.35 -32.30
N PRO B 19 -54.00 19.58 -32.66
CA PRO B 19 -53.02 19.84 -33.70
C PRO B 19 -51.77 18.99 -33.42
N MET B 20 -51.31 18.27 -34.44
CA MET B 20 -50.13 17.36 -34.38
C MET B 20 -49.49 17.32 -35.77
N VAL B 21 -48.18 17.33 -35.82
CA VAL B 21 -47.40 17.12 -37.07
C VAL B 21 -47.29 15.61 -37.28
N TYR B 22 -47.61 15.12 -38.49
CA TYR B 22 -47.55 13.66 -38.87
C TYR B 22 -46.59 13.58 -40.07
N VAL B 23 -45.46 12.90 -39.92
CA VAL B 23 -44.38 12.87 -40.95
C VAL B 23 -44.40 11.44 -41.48
N ARG B 24 -44.83 11.24 -42.72
CA ARG B 24 -44.97 9.92 -43.37
C ARG B 24 -43.63 9.63 -44.05
N GLY B 25 -43.23 8.38 -44.06
CA GLY B 25 -42.00 7.91 -44.72
C GLY B 25 -42.35 7.13 -45.96
N GLU B 26 -41.85 5.90 -46.06
CA GLU B 26 -42.10 5.04 -47.24
C GLU B 26 -41.83 3.58 -46.87
N GLU B 27 -41.84 2.69 -47.87
CA GLU B 27 -41.56 1.24 -47.70
C GLU B 27 -42.49 0.63 -46.64
N MET B 28 -42.04 -0.34 -45.86
CA MET B 28 -42.95 -1.23 -45.11
C MET B 28 -43.69 -0.46 -44.01
N THR B 29 -42.97 0.39 -43.30
CA THR B 29 -43.49 1.19 -42.16
C THR B 29 -44.60 2.14 -42.65
N ALA B 30 -44.49 2.72 -43.85
CA ALA B 30 -45.55 3.59 -44.41
C ALA B 30 -46.78 2.75 -44.74
N TYR B 31 -46.58 1.53 -45.25
CA TYR B 31 -47.65 0.57 -45.61
C TYR B 31 -48.42 0.20 -44.35
N VAL B 32 -47.69 -0.09 -43.28
CA VAL B 32 -48.31 -0.48 -41.99
C VAL B 32 -49.05 0.73 -41.40
N MET B 33 -48.45 1.91 -41.37
CA MET B 33 -49.11 3.07 -40.71
C MET B 33 -50.33 3.52 -41.52
N ASP B 34 -50.33 3.36 -42.84
CA ASP B 34 -51.56 3.64 -43.65
C ASP B 34 -52.71 2.77 -43.15
N LEU B 35 -52.45 1.51 -42.86
CA LEU B 35 -53.48 0.56 -42.36
C LEU B 35 -53.91 0.96 -40.95
N ILE B 36 -52.93 1.33 -40.11
CA ILE B 36 -53.23 1.78 -38.70
C ILE B 36 -54.10 3.05 -38.70
N ARG B 37 -53.74 4.07 -39.47
CA ARG B 37 -54.53 5.31 -39.59
C ARG B 37 -55.94 4.98 -40.06
N SER B 38 -56.02 4.24 -41.17
CA SER B 38 -57.31 3.88 -41.80
C SER B 38 -58.17 3.03 -40.86
N ARG B 39 -57.63 2.00 -40.16
CA ARG B 39 -58.46 0.99 -39.48
C ARG B 39 -58.52 1.20 -37.96
N TRP B 40 -57.52 1.82 -37.34
CA TRP B 40 -57.51 2.03 -35.86
C TRP B 40 -57.92 3.46 -35.50
N ILE B 41 -57.31 4.46 -36.13
CA ILE B 41 -57.40 5.88 -35.70
C ILE B 41 -58.64 6.53 -36.29
N GLU B 42 -58.72 6.59 -37.61
CA GLU B 42 -59.71 7.44 -38.32
C GLU B 42 -61.15 7.06 -37.96
N PRO B 43 -61.54 5.78 -37.73
CA PRO B 43 -62.93 5.47 -37.38
C PRO B 43 -63.38 6.07 -36.04
N ARG B 44 -62.42 6.43 -35.18
CA ARG B 44 -62.63 6.79 -33.75
C ARG B 44 -62.16 8.20 -33.46
N VAL B 45 -61.32 8.77 -34.33
CA VAL B 45 -60.65 10.07 -34.11
C VAL B 45 -60.83 10.94 -35.33
N ASP B 46 -61.32 12.16 -35.12
CA ASP B 46 -61.27 13.24 -36.14
C ASP B 46 -59.85 13.79 -36.19
N VAL B 47 -59.10 13.53 -37.28
CA VAL B 47 -57.66 13.92 -37.40
C VAL B 47 -57.52 15.16 -38.28
N GLY B 48 -58.60 15.94 -38.43
CA GLY B 48 -58.57 17.23 -39.12
C GLY B 48 -57.44 18.13 -38.64
N GLY B 49 -57.12 18.12 -37.35
CA GLY B 49 -56.04 18.94 -36.76
C GLY B 49 -54.63 18.46 -37.11
N TRP B 50 -54.48 17.25 -37.63
CA TRP B 50 -53.16 16.71 -38.06
C TRP B 50 -52.67 17.45 -39.30
N GLU B 51 -51.42 17.93 -39.26
CA GLU B 51 -50.70 18.47 -40.43
C GLU B 51 -49.75 17.36 -40.90
N THR B 52 -49.99 16.85 -42.11
CA THR B 52 -49.33 15.68 -42.71
C THR B 52 -48.29 16.16 -43.70
N PHE B 53 -47.10 15.55 -43.68
CA PHE B 53 -45.94 15.91 -44.53
C PHE B 53 -45.38 14.59 -45.10
N ASP B 54 -45.00 14.63 -46.38
CA ASP B 54 -44.46 13.46 -47.14
C ASP B 54 -42.93 13.53 -47.08
N LEU B 55 -42.28 12.68 -46.26
CA LEU B 55 -40.80 12.70 -46.15
C LEU B 55 -40.18 11.47 -46.81
N ARG B 56 -40.87 10.90 -47.81
CA ARG B 56 -40.22 10.10 -48.90
C ARG B 56 -38.88 10.73 -49.29
N ALA B 57 -37.82 9.93 -49.42
CA ALA B 57 -36.49 10.41 -49.82
C ALA B 57 -36.65 11.21 -51.13
N LYS B 58 -37.53 10.74 -52.02
CA LYS B 58 -37.87 11.40 -53.31
C LYS B 58 -38.28 12.84 -53.00
N ASN B 59 -39.34 13.00 -52.19
CA ASN B 59 -40.00 14.32 -51.92
C ASN B 59 -39.01 15.30 -51.26
N ARG B 60 -38.02 14.82 -50.51
CA ARG B 60 -36.96 15.69 -49.90
C ARG B 60 -36.01 16.23 -50.97
N ASP B 61 -35.73 15.40 -51.98
CA ASP B 61 -34.97 15.73 -53.22
C ASP B 61 -35.83 16.68 -54.07
N ASP B 62 -37.05 16.25 -54.42
CA ASP B 62 -37.98 16.96 -55.34
C ASP B 62 -38.33 18.36 -54.82
N THR B 63 -38.30 18.61 -53.50
CA THR B 63 -38.68 19.92 -52.90
C THR B 63 -37.46 20.65 -52.39
N GLU B 64 -36.26 20.06 -52.52
CA GLU B 64 -34.96 20.65 -52.07
C GLU B 64 -34.93 20.84 -50.54
N ASP B 65 -35.51 19.92 -49.77
CA ASP B 65 -35.51 19.93 -48.28
C ASP B 65 -36.35 21.12 -47.80
N ARG B 66 -37.37 21.47 -48.60
CA ARG B 66 -38.43 22.43 -48.24
C ARG B 66 -39.30 21.70 -47.21
N VAL B 67 -39.82 20.53 -47.60
CA VAL B 67 -40.71 19.65 -46.77
C VAL B 67 -40.02 19.47 -45.42
N LEU B 68 -38.68 19.38 -45.33
CA LEU B 68 -38.01 19.33 -44.00
C LEU B 68 -38.19 20.67 -43.28
N ARG B 69 -37.88 21.81 -43.92
CA ARG B 69 -37.95 23.14 -43.25
C ARG B 69 -39.43 23.44 -42.89
N ASP B 70 -40.41 22.97 -43.67
CA ASP B 70 -41.87 23.08 -43.35
C ASP B 70 -42.25 22.21 -42.12
N VAL B 71 -41.76 20.96 -42.03
CA VAL B 71 -41.96 20.09 -40.83
C VAL B 71 -41.43 20.84 -39.60
N ILE B 72 -40.25 21.47 -39.69
CA ILE B 72 -39.60 22.16 -38.53
C ILE B 72 -40.48 23.36 -38.12
N GLU B 73 -41.01 24.08 -39.13
CA GLU B 73 -41.95 25.23 -38.96
C GLU B 73 -43.19 24.74 -38.23
N ALA B 74 -43.87 23.71 -38.77
CA ALA B 74 -45.08 23.14 -38.18
C ALA B 74 -44.77 22.65 -36.76
N GLY B 75 -43.60 22.06 -36.53
CA GLY B 75 -43.19 21.55 -35.21
C GLY B 75 -43.12 22.62 -34.15
N LYS B 76 -42.53 23.77 -34.45
CA LYS B 76 -42.30 24.89 -33.52
C LYS B 76 -43.68 25.45 -33.13
N ARG B 77 -44.62 25.49 -34.07
CA ARG B 77 -45.97 26.07 -33.86
C ARG B 77 -46.89 25.07 -33.14
N ILE B 78 -46.84 23.78 -33.48
CA ILE B 78 -47.84 22.77 -32.99
C ILE B 78 -47.30 22.04 -31.76
N LYS B 79 -45.97 21.86 -31.67
CA LYS B 79 -45.21 21.36 -30.50
C LYS B 79 -45.36 19.87 -30.25
N ALA B 80 -46.08 19.16 -31.10
CA ALA B 80 -46.27 17.70 -31.00
C ALA B 80 -46.02 17.10 -32.38
N ILE B 81 -45.10 16.16 -32.51
CA ILE B 81 -44.72 15.57 -33.83
C ILE B 81 -44.66 14.04 -33.73
N PHE B 82 -45.36 13.33 -34.61
CA PHE B 82 -45.14 11.89 -34.83
C PHE B 82 -44.39 11.77 -36.14
N LYS B 83 -43.24 11.11 -36.14
CA LYS B 83 -42.46 10.85 -37.36
C LYS B 83 -42.34 9.34 -37.56
N GLU B 84 -42.76 8.87 -38.73
CA GLU B 84 -42.54 7.47 -39.18
C GLU B 84 -41.06 7.32 -39.47
N PRO B 85 -40.54 6.08 -39.47
CA PRO B 85 -39.19 5.84 -39.97
C PRO B 85 -39.11 6.38 -41.42
N THR B 86 -37.95 6.90 -41.76
CA THR B 86 -37.67 7.51 -43.08
C THR B 86 -36.36 6.93 -43.64
N VAL B 87 -36.19 7.04 -44.95
CA VAL B 87 -34.94 6.68 -45.68
C VAL B 87 -34.10 7.95 -45.77
N THR B 88 -32.96 7.98 -45.09
CA THR B 88 -32.00 9.11 -45.26
C THR B 88 -31.46 8.99 -46.68
N PRO B 89 -31.55 10.06 -47.54
CA PRO B 89 -31.06 9.95 -48.90
C PRO B 89 -29.53 10.00 -48.96
N THR B 90 -28.87 8.95 -48.48
CA THR B 90 -27.40 8.81 -48.58
C THR B 90 -27.04 8.51 -50.03
N ALA B 91 -25.75 8.42 -50.34
CA ALA B 91 -25.29 8.15 -51.72
C ALA B 91 -25.85 6.82 -52.25
N ASP B 92 -25.85 5.78 -51.42
CA ASP B 92 -26.45 4.48 -51.83
C ASP B 92 -27.90 4.67 -52.28
N GLN B 93 -28.68 5.47 -51.55
CA GLN B 93 -30.13 5.59 -51.85
C GLN B 93 -30.38 6.46 -53.08
N VAL B 94 -29.49 7.38 -53.36
CA VAL B 94 -29.64 8.27 -54.56
C VAL B 94 -29.70 7.39 -55.80
N LYS B 95 -28.78 6.45 -55.92
CA LYS B 95 -28.75 5.53 -57.08
C LYS B 95 -30.01 4.67 -57.06
N ARG B 96 -30.29 4.02 -55.93
CA ARG B 96 -31.43 3.07 -55.84
C ARG B 96 -32.76 3.75 -56.15
N LEU B 97 -32.96 4.99 -55.69
CA LEU B 97 -34.28 5.64 -55.84
C LEU B 97 -34.23 6.67 -56.97
N GLY B 98 -33.12 6.76 -57.68
CA GLY B 98 -33.06 7.65 -58.85
C GLY B 98 -33.33 9.07 -58.45
N LEU B 99 -32.72 9.50 -57.35
CA LEU B 99 -32.90 10.89 -56.87
C LEU B 99 -31.97 11.77 -57.67
N ARG B 100 -32.05 13.08 -57.49
CA ARG B 100 -31.17 14.05 -58.19
C ARG B 100 -29.96 14.36 -57.32
N LYS B 101 -30.09 14.30 -56.00
CA LYS B 101 -28.98 14.73 -55.11
C LYS B 101 -29.01 14.05 -53.73
N SER B 102 -27.92 14.15 -52.96
CA SER B 102 -27.79 13.51 -51.63
C SER B 102 -28.16 14.49 -50.53
N TRP B 103 -28.70 14.01 -49.42
CA TRP B 103 -29.16 14.85 -48.30
C TRP B 103 -28.86 14.17 -46.97
N GLY B 104 -28.56 14.96 -45.92
CA GLY B 104 -28.14 14.47 -44.60
C GLY B 104 -29.29 13.93 -43.76
N SER B 105 -28.96 13.30 -42.63
CA SER B 105 -29.95 12.86 -41.60
C SER B 105 -30.72 14.08 -41.13
N PRO B 106 -32.08 14.02 -41.01
CA PRO B 106 -32.86 15.16 -40.51
C PRO B 106 -32.69 15.42 -39.01
N ASN B 107 -31.96 14.59 -38.29
CA ASN B 107 -31.94 14.68 -36.80
C ASN B 107 -31.29 15.98 -36.34
N GLY B 108 -30.12 16.34 -36.83
CA GLY B 108 -29.45 17.54 -36.33
C GLY B 108 -30.35 18.74 -36.51
N ALA B 109 -31.00 18.82 -37.67
CA ALA B 109 -31.90 19.93 -38.00
C ALA B 109 -33.01 20.01 -36.95
N MET B 110 -33.68 18.89 -36.68
CA MET B 110 -34.83 18.85 -35.74
C MET B 110 -34.31 19.16 -34.33
N ARG B 111 -33.13 18.66 -33.99
CA ARG B 111 -32.60 18.81 -32.61
C ARG B 111 -32.29 20.29 -32.36
N ARG B 112 -31.93 21.04 -33.39
CA ARG B 112 -31.57 22.48 -33.22
C ARG B 112 -32.80 23.34 -33.53
N GLY B 113 -33.62 22.93 -34.50
CA GLY B 113 -34.83 23.65 -34.90
C GLY B 113 -35.87 23.64 -33.78
N TRP B 114 -35.77 22.69 -32.84
CA TRP B 114 -36.78 22.56 -31.76
C TRP B 114 -36.12 22.74 -30.40
N ASN B 115 -34.91 23.33 -30.34
CA ASN B 115 -34.15 23.56 -29.07
C ASN B 115 -34.11 22.28 -28.22
N GLY B 116 -33.62 21.18 -28.79
CA GLY B 116 -33.55 19.87 -28.11
C GLY B 116 -32.74 19.87 -26.84
N ILE B 117 -33.23 19.20 -25.82
CA ILE B 117 -32.49 19.04 -24.55
C ILE B 117 -32.13 17.56 -24.46
N THR B 118 -33.01 16.69 -24.93
CA THR B 118 -32.75 15.23 -24.81
C THR B 118 -33.47 14.37 -25.82
N ILE B 119 -32.88 13.21 -26.09
CA ILE B 119 -33.60 12.13 -26.82
C ILE B 119 -33.88 11.08 -25.75
N SER B 120 -35.13 10.91 -25.36
CA SER B 120 -35.52 9.93 -24.33
C SER B 120 -35.54 8.55 -24.97
N ARG B 121 -34.70 7.66 -24.49
CA ARG B 121 -34.55 6.32 -25.05
C ARG B 121 -34.99 5.35 -23.96
N ASP B 122 -36.30 5.04 -23.91
CA ASP B 122 -36.84 4.27 -22.79
C ASP B 122 -37.22 2.86 -23.22
N THR B 123 -37.09 1.90 -22.32
CA THR B 123 -37.50 0.51 -22.61
C THR B 123 -39.01 0.45 -22.85
N ILE B 124 -39.44 -0.30 -23.87
CA ILE B 124 -40.88 -0.52 -24.14
C ILE B 124 -41.25 -1.88 -23.56
N HIS B 125 -42.29 -1.94 -22.75
CA HIS B 125 -42.71 -3.19 -22.08
C HIS B 125 -44.07 -3.67 -22.59
N ILE B 126 -44.33 -4.95 -22.49
CA ILE B 126 -45.64 -5.59 -22.84
C ILE B 126 -46.12 -6.33 -21.59
N ASP B 127 -47.24 -5.90 -21.02
CA ASP B 127 -47.85 -6.60 -19.87
C ASP B 127 -48.14 -8.05 -20.31
N GLY B 128 -47.51 -9.02 -19.66
CA GLY B 128 -47.73 -10.45 -19.95
C GLY B 128 -46.62 -11.03 -20.77
N VAL B 129 -45.62 -10.21 -21.14
CA VAL B 129 -44.49 -10.69 -21.95
C VAL B 129 -43.19 -10.21 -21.29
N GLU B 130 -42.29 -11.14 -20.98
CA GLU B 130 -41.02 -10.84 -20.31
C GLU B 130 -39.94 -10.54 -21.37
N LEU B 131 -39.34 -9.36 -21.29
CA LEU B 131 -38.22 -8.97 -22.16
C LEU B 131 -36.98 -8.88 -21.28
N GLY B 132 -35.91 -8.25 -21.75
CA GLY B 132 -34.63 -8.26 -21.03
C GLY B 132 -34.71 -7.57 -19.69
N TYR B 133 -35.30 -6.37 -19.65
CA TYR B 133 -35.44 -5.63 -18.39
C TYR B 133 -36.82 -5.94 -17.80
N LYS B 134 -36.86 -6.36 -16.54
CA LYS B 134 -38.13 -6.71 -15.84
C LYS B 134 -38.98 -5.45 -15.65
N LYS B 135 -38.37 -4.36 -15.20
CA LYS B 135 -39.11 -3.11 -14.92
C LYS B 135 -38.59 -2.01 -15.85
N PRO B 136 -39.40 -0.98 -16.15
CA PRO B 136 -38.98 0.14 -17.00
C PRO B 136 -37.63 0.81 -16.72
N VAL B 137 -36.89 1.08 -17.80
CA VAL B 137 -35.60 1.80 -17.72
C VAL B 137 -35.78 3.08 -18.52
N LEU B 138 -35.23 4.17 -17.99
CA LEU B 138 -35.30 5.48 -18.68
C LEU B 138 -33.88 5.90 -19.05
N PHE B 139 -33.71 6.48 -20.21
CA PHE B 139 -32.39 7.01 -20.61
C PHE B 139 -32.56 8.37 -21.24
N GLU B 140 -31.72 9.31 -20.82
CA GLU B 140 -31.72 10.67 -21.38
C GLU B 140 -30.42 10.87 -22.15
N ARG B 141 -30.50 11.00 -23.46
CA ARG B 141 -29.30 11.30 -24.27
C ARG B 141 -29.29 12.80 -24.50
N HIS B 142 -28.29 13.51 -23.97
CA HIS B 142 -28.14 14.94 -24.29
C HIS B 142 -28.22 15.10 -25.80
N ALA B 143 -29.11 15.97 -26.28
CA ALA B 143 -29.40 16.04 -27.74
C ALA B 143 -28.43 16.91 -28.51
N VAL B 144 -27.55 17.65 -27.83
CA VAL B 144 -26.67 18.62 -28.51
C VAL B 144 -25.22 18.45 -28.04
N GLY B 145 -24.34 19.07 -28.82
CA GLY B 145 -22.89 19.19 -28.59
C GLY B 145 -22.15 17.90 -28.90
N GLY B 146 -20.88 17.87 -28.50
CA GLY B 146 -19.95 16.75 -28.76
C GLY B 146 -19.53 16.67 -30.21
N GLU B 147 -19.01 15.51 -30.60
CA GLU B 147 -18.34 15.26 -31.90
C GLU B 147 -19.32 15.34 -33.07
N TYR B 148 -20.62 15.23 -32.80
CA TYR B 148 -21.67 15.35 -33.85
C TYR B 148 -21.61 16.72 -34.50
N SER B 149 -21.05 17.72 -33.83
CA SER B 149 -20.91 19.09 -34.39
C SER B 149 -19.44 19.53 -34.39
N ALA B 150 -18.51 18.57 -34.35
CA ALA B 150 -17.06 18.85 -34.44
C ALA B 150 -16.71 19.49 -35.78
N GLY B 151 -15.72 20.38 -35.76
CA GLY B 151 -14.99 20.76 -36.97
C GLY B 151 -13.70 20.01 -36.96
N TYR B 152 -13.16 19.68 -38.11
CA TYR B 152 -11.99 18.77 -38.16
C TYR B 152 -11.25 18.89 -39.47
N LYS B 153 -10.05 18.33 -39.49
CA LYS B 153 -9.26 18.20 -40.71
C LYS B 153 -8.39 16.97 -40.61
N ASN B 154 -8.19 16.27 -41.70
CA ASN B 154 -7.18 15.18 -41.74
C ASN B 154 -5.90 15.81 -42.26
N VAL B 155 -4.82 15.76 -41.52
CA VAL B 155 -3.57 16.54 -41.84
C VAL B 155 -2.31 15.67 -41.66
N GLY B 156 -1.14 16.20 -42.00
CA GLY B 156 0.14 15.61 -41.62
C GLY B 156 0.82 16.45 -40.57
N LYS B 157 2.13 16.60 -40.64
CA LYS B 157 2.85 17.28 -39.55
C LYS B 157 2.57 18.78 -39.63
N GLY B 158 2.54 19.43 -38.46
CA GLY B 158 2.47 20.89 -38.31
C GLY B 158 1.99 21.30 -36.93
N LYS B 159 1.59 22.56 -36.78
CA LYS B 159 1.24 23.18 -35.48
C LYS B 159 -0.27 23.43 -35.46
N LEU B 160 -0.93 22.94 -34.42
CA LEU B 160 -2.40 23.08 -34.22
C LEU B 160 -2.57 24.08 -33.08
N THR B 161 -3.35 25.14 -33.29
CA THR B 161 -3.65 26.16 -32.25
C THR B 161 -5.16 26.36 -32.13
N THR B 162 -5.65 26.39 -30.90
CA THR B 162 -7.06 26.71 -30.53
C THR B 162 -7.05 27.90 -29.55
N THR B 163 -7.72 28.99 -29.95
CA THR B 163 -7.83 30.24 -29.15
C THR B 163 -9.32 30.45 -28.86
N PHE B 164 -9.61 31.04 -27.72
CA PHE B 164 -10.95 31.47 -27.30
C PHE B 164 -10.92 32.96 -26.92
N THR B 165 -11.88 33.72 -27.41
CA THR B 165 -12.05 35.16 -27.04
C THR B 165 -13.41 35.35 -26.40
N PRO B 166 -13.50 35.49 -25.06
CA PRO B 166 -14.78 35.72 -24.40
C PRO B 166 -15.41 37.05 -24.84
N SER B 167 -16.74 37.12 -24.79
CA SER B 167 -17.50 38.30 -25.25
C SER B 167 -18.01 39.03 -24.01
N GLU B 168 -17.83 38.42 -22.85
CA GLU B 168 -18.41 38.96 -21.60
C GLU B 168 -17.44 38.71 -20.46
N GLY B 169 -17.74 39.27 -19.30
CA GLY B 169 -16.92 39.10 -18.08
C GLY B 169 -15.75 40.06 -18.05
N PRO B 170 -14.88 39.95 -17.02
CA PRO B 170 -13.74 40.85 -16.87
C PRO B 170 -12.62 40.67 -17.91
N ASP B 171 -12.70 39.64 -18.75
CA ASP B 171 -11.64 39.37 -19.75
C ASP B 171 -12.23 39.42 -21.15
N ALA B 172 -13.34 40.12 -21.30
CA ALA B 172 -13.96 40.27 -22.63
C ALA B 172 -12.97 40.85 -23.62
N GLY B 173 -12.93 40.30 -24.84
CA GLY B 173 -12.04 40.81 -25.89
C GLY B 173 -10.63 40.25 -25.81
N LYS B 174 -10.31 39.54 -24.73
CA LYS B 174 -8.92 39.06 -24.57
C LYS B 174 -8.77 37.62 -25.09
N THR B 175 -8.13 37.47 -26.25
CA THR B 175 -7.84 36.14 -26.83
C THR B 175 -6.91 35.34 -25.92
N VAL B 176 -7.33 34.14 -25.50
CA VAL B 176 -6.50 33.20 -24.68
C VAL B 176 -6.32 31.88 -25.45
N VAL B 177 -5.18 31.21 -25.28
CA VAL B 177 -4.86 29.93 -25.95
C VAL B 177 -5.53 28.77 -25.19
N VAL B 178 -6.41 28.02 -25.86
CA VAL B 178 -7.06 26.81 -25.26
C VAL B 178 -6.09 25.64 -25.36
N ASP B 179 -5.47 25.48 -26.52
CA ASP B 179 -4.56 24.34 -26.79
C ASP B 179 -3.59 24.76 -27.86
N GLU B 180 -2.37 24.24 -27.81
CA GLU B 180 -1.39 24.30 -28.93
C GLU B 180 -0.60 23.01 -28.87
N ARG B 181 -0.44 22.36 -30.00
CA ARG B 181 0.32 21.10 -30.05
C ARG B 181 0.98 21.03 -31.41
N GLU B 182 2.10 20.32 -31.44
CA GLU B 182 2.78 19.93 -32.68
C GLU B 182 2.25 18.55 -33.06
N ILE B 183 1.71 18.42 -34.26
CA ILE B 183 1.36 17.11 -34.88
C ILE B 183 2.63 16.52 -35.48
N VAL B 184 3.02 15.30 -35.07
CA VAL B 184 4.29 14.68 -35.50
C VAL B 184 4.04 13.45 -36.39
N ASP B 185 2.79 13.19 -36.76
CA ASP B 185 2.42 12.05 -37.62
C ASP B 185 2.18 12.56 -39.02
N GLU B 186 2.50 11.75 -40.03
CA GLU B 186 2.19 12.04 -41.46
C GLU B 186 0.68 11.90 -41.69
N GLU B 187 0.01 11.08 -40.88
CA GLU B 187 -1.48 10.91 -40.99
C GLU B 187 -2.07 11.16 -39.61
N ALA B 188 -2.95 12.15 -39.53
CA ALA B 188 -3.57 12.53 -38.26
C ALA B 188 -4.92 13.17 -38.52
N ALA B 189 -5.75 13.10 -37.49
CA ALA B 189 -7.02 13.84 -37.41
C ALA B 189 -6.84 14.92 -36.36
N VAL B 190 -7.32 16.13 -36.64
CA VAL B 190 -7.36 17.23 -35.65
C VAL B 190 -8.82 17.68 -35.55
N VAL B 191 -9.32 17.87 -34.34
CA VAL B 191 -10.78 17.94 -34.07
C VAL B 191 -11.01 18.99 -33.00
N THR B 192 -12.00 19.83 -33.25
CA THR B 192 -12.50 20.75 -32.20
C THR B 192 -14.00 20.59 -32.10
N TYR B 193 -14.53 20.61 -30.89
CA TYR B 193 -15.98 20.59 -30.62
C TYR B 193 -16.27 21.37 -29.33
N HIS B 194 -17.55 21.66 -29.10
CA HIS B 194 -18.03 22.26 -27.85
C HIS B 194 -19.23 21.48 -27.32
N ASN B 195 -19.38 21.49 -26.01
CA ASN B 195 -20.61 21.05 -25.33
C ASN B 195 -21.30 22.26 -24.71
N PRO B 196 -22.49 22.66 -25.21
CA PRO B 196 -23.24 23.71 -24.56
C PRO B 196 -23.93 23.14 -23.33
N TYR B 197 -23.72 23.70 -22.13
CA TYR B 197 -24.27 23.10 -20.90
C TYR B 197 -25.40 23.95 -20.30
N ASP B 198 -25.81 25.06 -20.88
CA ASP B 198 -26.91 25.85 -20.26
C ASP B 198 -28.17 24.97 -20.11
N ASN B 199 -28.52 24.14 -21.11
CA ASN B 199 -29.81 23.42 -21.09
C ASN B 199 -29.72 22.16 -20.24
N VAL B 200 -28.57 21.86 -19.63
CA VAL B 200 -28.46 20.69 -18.71
C VAL B 200 -29.29 20.97 -17.45
N HIS B 201 -29.55 22.24 -17.15
CA HIS B 201 -30.46 22.60 -16.03
C HIS B 201 -31.86 22.05 -16.35
N ASP B 202 -32.34 22.34 -17.56
CA ASP B 202 -33.66 21.83 -18.04
C ASP B 202 -33.62 20.31 -18.16
N LEU B 203 -32.55 19.75 -18.71
CA LEU B 203 -32.40 18.28 -18.83
C LEU B 203 -32.56 17.67 -17.45
N ALA B 204 -31.85 18.19 -16.45
CA ALA B 204 -31.90 17.66 -15.08
C ALA B 204 -33.34 17.66 -14.58
N ARG B 205 -34.01 18.79 -14.71
CA ARG B 205 -35.40 18.92 -14.20
C ARG B 205 -36.27 17.90 -14.93
N PHE B 206 -36.14 17.81 -16.26
CA PHE B 206 -36.96 16.86 -17.05
C PHE B 206 -36.66 15.43 -16.60
N PHE B 207 -35.38 15.06 -16.54
CA PHE B 207 -34.95 13.69 -16.21
C PHE B 207 -35.41 13.29 -14.81
N PHE B 208 -35.11 14.12 -13.82
CA PHE B 208 -35.45 13.78 -12.42
C PHE B 208 -36.98 13.80 -12.30
N GLY B 209 -37.67 14.76 -12.93
CA GLY B 209 -39.15 14.71 -12.94
C GLY B 209 -39.65 13.35 -13.40
N ARG B 210 -39.16 12.88 -14.55
CA ARG B 210 -39.57 11.59 -15.15
C ARG B 210 -39.24 10.43 -14.23
N CYS B 211 -38.05 10.44 -13.64
CA CYS B 211 -37.57 9.30 -12.83
C CYS B 211 -38.43 9.16 -11.56
N LEU B 212 -38.81 10.29 -10.97
CA LEU B 212 -39.65 10.30 -9.74
C LEU B 212 -41.02 9.73 -10.11
N GLU B 213 -41.62 10.28 -11.14
CA GLU B 213 -42.89 9.83 -11.72
C GLU B 213 -42.86 8.31 -11.92
N ALA B 214 -41.76 7.77 -12.49
CA ALA B 214 -41.60 6.33 -12.84
C ALA B 214 -41.12 5.53 -11.64
N LYS B 215 -40.63 6.18 -10.58
CA LYS B 215 -40.07 5.55 -9.36
C LYS B 215 -38.83 4.73 -9.71
N VAL B 216 -37.91 5.32 -10.48
CA VAL B 216 -36.61 4.69 -10.83
C VAL B 216 -35.47 5.54 -10.25
N THR B 217 -34.44 4.86 -9.77
CA THR B 217 -33.19 5.49 -9.27
C THR B 217 -32.42 6.10 -10.44
N PRO B 218 -32.16 7.43 -10.39
CA PRO B 218 -31.45 8.09 -11.47
C PRO B 218 -29.93 7.99 -11.24
N TYR B 219 -29.21 7.88 -12.34
CA TYR B 219 -27.73 7.89 -12.36
C TYR B 219 -27.28 8.88 -13.43
N VAL B 220 -26.12 9.47 -13.20
CA VAL B 220 -25.50 10.38 -14.21
C VAL B 220 -24.24 9.69 -14.73
N VAL B 221 -24.06 9.66 -16.05
CA VAL B 221 -23.00 8.86 -16.71
C VAL B 221 -22.10 9.79 -17.50
N THR B 222 -20.81 9.83 -17.16
CA THR B 222 -19.80 10.62 -17.89
C THR B 222 -18.47 9.91 -17.83
N LYS B 223 -17.48 10.46 -18.52
CA LYS B 223 -16.07 10.02 -18.36
C LYS B 223 -15.28 11.16 -17.67
N LYS B 224 -15.87 11.85 -16.70
CA LYS B 224 -15.37 13.21 -16.26
C LYS B 224 -14.01 13.09 -15.56
N THR B 225 -13.61 11.89 -15.19
CA THR B 225 -12.28 11.62 -14.56
C THR B 225 -11.16 11.99 -15.53
N VAL B 226 -11.32 11.65 -16.81
CA VAL B 226 -10.30 11.85 -17.87
C VAL B 226 -10.74 13.03 -18.72
N PHE B 227 -12.04 13.11 -19.04
CA PHE B 227 -12.62 14.16 -19.91
C PHE B 227 -13.11 15.26 -18.97
N LYS B 228 -12.16 16.02 -18.37
CA LYS B 228 -12.45 16.79 -17.15
C LYS B 228 -13.42 17.91 -17.48
N TRP B 229 -13.52 18.26 -18.76
CA TRP B 229 -14.41 19.33 -19.28
C TRP B 229 -15.87 18.94 -19.08
N GLN B 230 -16.12 17.65 -18.85
CA GLN B 230 -17.50 17.13 -18.61
C GLN B 230 -17.96 17.45 -17.18
N GLU B 231 -17.09 17.92 -16.29
CA GLU B 231 -17.48 18.06 -14.86
C GLU B 231 -18.81 18.81 -14.73
N PRO B 232 -19.07 19.93 -15.44
CA PRO B 232 -20.32 20.66 -15.29
C PRO B 232 -21.59 19.85 -15.53
N PHE B 233 -21.53 18.93 -16.50
CA PHE B 233 -22.69 18.05 -16.77
C PHE B 233 -23.05 17.38 -15.43
N TRP B 234 -22.06 16.84 -14.72
CA TRP B 234 -22.24 16.22 -13.40
C TRP B 234 -22.67 17.26 -12.35
N GLN B 235 -21.94 18.37 -12.24
CA GLN B 235 -22.21 19.36 -11.16
C GLN B 235 -23.63 19.93 -11.31
N ILE B 236 -24.09 20.22 -12.51
CA ILE B 236 -25.43 20.84 -12.72
C ILE B 236 -26.49 19.83 -12.31
N MET B 237 -26.33 18.56 -12.67
CA MET B 237 -27.30 17.50 -12.31
C MET B 237 -27.35 17.35 -10.78
N ARG B 238 -26.20 17.22 -10.12
CA ARG B 238 -26.17 17.04 -8.65
C ARG B 238 -26.85 18.25 -7.98
N THR B 239 -26.59 19.46 -8.44
CA THR B 239 -27.11 20.70 -7.81
C THR B 239 -28.64 20.69 -7.95
N VAL B 240 -29.15 20.51 -9.16
CA VAL B 240 -30.63 20.46 -9.39
C VAL B 240 -31.22 19.32 -8.55
N PHE B 241 -30.55 18.18 -8.46
CA PHE B 241 -31.10 17.05 -7.70
C PHE B 241 -31.15 17.39 -6.22
N ASP B 242 -30.05 17.91 -5.69
CA ASP B 242 -29.95 18.16 -4.24
C ASP B 242 -30.95 19.23 -3.83
N GLU B 243 -31.06 20.30 -4.60
CA GLU B 243 -31.91 21.45 -4.24
C GLU B 243 -33.38 21.13 -4.52
N GLU B 244 -33.67 20.40 -5.59
CA GLU B 244 -35.09 20.35 -6.06
C GLU B 244 -35.66 18.94 -6.09
N PHE B 245 -34.91 17.86 -5.83
CA PHE B 245 -35.50 16.51 -6.01
C PHE B 245 -35.14 15.53 -4.91
N LYS B 246 -34.01 15.67 -4.22
CA LYS B 246 -33.55 14.58 -3.31
C LYS B 246 -34.63 14.33 -2.26
N ALA B 247 -35.32 15.39 -1.79
CA ALA B 247 -36.36 15.28 -0.75
C ALA B 247 -37.54 14.46 -1.29
N GLN B 248 -38.01 14.80 -2.49
CA GLN B 248 -39.18 14.10 -3.09
C GLN B 248 -38.88 12.61 -3.32
N PHE B 249 -37.63 12.26 -3.59
CA PHE B 249 -37.25 10.86 -3.91
C PHE B 249 -37.25 10.02 -2.63
N VAL B 250 -36.82 10.62 -1.53
CA VAL B 250 -36.77 9.91 -0.22
C VAL B 250 -38.21 9.75 0.27
N ALA B 251 -39.02 10.79 0.06
CA ALA B 251 -40.44 10.75 0.49
C ALA B 251 -41.20 9.67 -0.30
N ALA B 252 -40.86 9.48 -1.57
CA ALA B 252 -41.55 8.47 -2.41
C ALA B 252 -40.94 7.09 -2.20
N GLY B 253 -39.84 7.00 -1.46
CA GLY B 253 -39.25 5.69 -1.14
C GLY B 253 -38.43 5.14 -2.28
N VAL B 254 -38.13 6.00 -3.25
CA VAL B 254 -37.27 5.58 -4.40
C VAL B 254 -35.84 5.50 -3.87
N MET B 255 -35.48 6.46 -3.03
CA MET B 255 -34.13 6.52 -2.43
C MET B 255 -34.24 6.66 -0.91
N LYS B 256 -33.29 6.11 -0.17
CA LYS B 256 -33.30 6.15 1.31
C LYS B 256 -32.70 7.47 1.79
N GLU B 257 -32.89 7.81 3.07
CA GLU B 257 -32.26 9.04 3.63
C GLU B 257 -30.75 8.86 3.64
N GLY B 258 -30.00 9.89 3.26
CA GLY B 258 -28.53 9.87 3.29
C GLY B 258 -27.95 9.33 1.99
N GLU B 259 -28.78 8.66 1.18
CA GLU B 259 -28.34 8.11 -0.13
C GLU B 259 -28.12 9.28 -1.07
N GLU B 260 -27.04 9.27 -1.83
CA GLU B 260 -26.72 10.43 -2.69
C GLU B 260 -26.88 10.08 -4.18
N LEU B 261 -27.05 11.09 -5.02
CA LEU B 261 -27.07 10.88 -6.49
C LEU B 261 -25.75 10.22 -6.89
N VAL B 262 -25.82 9.10 -7.61
CA VAL B 262 -24.60 8.31 -7.97
C VAL B 262 -24.13 8.72 -9.38
N HIS B 263 -22.84 8.97 -9.55
CA HIS B 263 -22.20 9.12 -10.88
C HIS B 263 -21.60 7.80 -11.31
N LEU B 264 -21.80 7.41 -12.58
CA LEU B 264 -21.17 6.20 -13.15
C LEU B 264 -20.21 6.63 -14.28
N LEU B 265 -19.03 6.05 -14.32
CA LEU B 265 -18.15 6.24 -15.48
C LEU B 265 -18.77 5.50 -16.70
N SER B 266 -18.65 6.11 -17.87
CA SER B 266 -19.26 5.62 -19.14
C SER B 266 -18.89 4.16 -19.38
N ASP B 267 -17.63 3.81 -19.18
CA ASP B 267 -17.18 2.41 -19.42
C ASP B 267 -17.82 1.49 -18.40
N ALA B 268 -17.92 1.88 -17.13
CA ALA B 268 -18.61 1.07 -16.09
C ALA B 268 -20.11 0.92 -16.43
N ALA B 269 -20.76 1.95 -16.96
CA ALA B 269 -22.21 1.91 -17.25
C ALA B 269 -22.52 0.79 -18.25
N THR B 270 -21.62 0.48 -19.18
CA THR B 270 -21.83 -0.63 -20.14
C THR B 270 -21.94 -1.92 -19.36
N MET B 271 -21.24 -2.01 -18.24
CA MET B 271 -21.31 -3.23 -17.42
C MET B 271 -22.63 -3.22 -16.64
N LYS B 272 -23.06 -2.08 -16.14
CA LYS B 272 -24.33 -2.01 -15.36
C LYS B 272 -25.51 -2.33 -16.30
N LEU B 273 -25.49 -1.88 -17.56
CA LEU B 273 -26.61 -2.21 -18.48
C LEU B 273 -26.76 -3.73 -18.59
N VAL B 274 -25.66 -4.49 -18.58
CA VAL B 274 -25.73 -5.97 -18.69
C VAL B 274 -26.15 -6.57 -17.33
N GLN B 275 -25.64 -6.07 -16.22
CA GLN B 275 -25.94 -6.61 -14.87
C GLN B 275 -27.41 -6.40 -14.46
N TRP B 276 -27.93 -5.21 -14.71
CA TRP B 276 -29.13 -4.68 -14.02
C TRP B 276 -30.39 -5.12 -14.78
N ARG B 277 -30.55 -6.42 -14.93
CA ARG B 277 -31.65 -7.05 -15.72
C ARG B 277 -33.02 -6.83 -15.03
N GLN B 278 -33.05 -6.41 -13.77
CA GLN B 278 -34.30 -6.07 -13.05
C GLN B 278 -34.87 -4.76 -13.57
N GLY B 279 -34.05 -3.95 -14.23
CA GLY B 279 -34.50 -2.61 -14.66
C GLY B 279 -34.74 -1.70 -13.48
N GLY B 280 -35.67 -0.76 -13.59
CA GLY B 280 -36.01 0.14 -12.48
C GLY B 280 -34.95 1.20 -12.24
N PHE B 281 -34.27 1.64 -13.30
CA PHE B 281 -33.22 2.68 -13.18
C PHE B 281 -33.33 3.67 -14.32
N GLY B 282 -32.66 4.79 -14.16
CA GLY B 282 -32.61 5.85 -15.17
C GLY B 282 -31.20 6.33 -15.34
N MET B 283 -30.78 6.63 -16.57
CA MET B 283 -29.41 7.17 -16.78
C MET B 283 -29.47 8.41 -17.66
N ALA B 284 -28.59 9.36 -17.42
CA ALA B 284 -28.47 10.57 -18.23
C ALA B 284 -27.01 10.67 -18.67
N ALA B 285 -26.78 10.89 -19.95
CA ALA B 285 -25.43 10.96 -20.52
C ALA B 285 -25.30 12.01 -21.60
N HIS B 286 -24.07 12.27 -22.01
CA HIS B 286 -23.77 13.18 -23.15
C HIS B 286 -24.24 12.55 -24.44
N ASN B 287 -24.21 13.28 -25.53
CA ASN B 287 -24.75 12.88 -26.84
C ASN B 287 -24.16 11.54 -27.28
N TYR B 288 -22.83 11.44 -27.43
CA TYR B 288 -22.24 10.20 -27.99
C TYR B 288 -22.42 9.03 -27.04
N ASP B 289 -22.13 9.20 -25.75
CA ASP B 289 -22.28 8.14 -24.74
C ASP B 289 -23.72 7.60 -24.81
N GLY B 290 -24.69 8.48 -24.92
CA GLY B 290 -26.10 8.08 -25.02
C GLY B 290 -26.38 7.31 -26.27
N ASP B 291 -25.82 7.71 -27.40
CA ASP B 291 -25.97 6.93 -28.66
C ASP B 291 -25.53 5.50 -28.40
N VAL B 292 -24.30 5.32 -27.92
CA VAL B 292 -23.73 3.96 -27.76
C VAL B 292 -24.44 3.18 -26.65
N LEU B 293 -24.71 3.81 -25.49
CA LEU B 293 -25.27 3.07 -24.36
C LEU B 293 -26.71 2.63 -24.66
N THR B 294 -27.46 3.45 -25.39
CA THR B 294 -28.88 3.17 -25.69
C THR B 294 -29.00 2.02 -26.71
N ASP B 295 -28.00 1.82 -27.55
CA ASP B 295 -28.03 0.65 -28.46
C ASP B 295 -27.73 -0.62 -27.65
N GLU B 296 -26.80 -0.51 -26.70
CA GLU B 296 -26.55 -1.65 -25.80
C GLU B 296 -27.83 -1.94 -25.03
N LEU B 297 -28.47 -0.89 -24.53
CA LEU B 297 -29.74 -1.04 -23.79
C LEU B 297 -30.77 -1.79 -24.67
N ALA B 298 -30.94 -1.37 -25.91
CA ALA B 298 -31.84 -2.01 -26.90
C ALA B 298 -31.54 -3.51 -27.01
N GLN B 299 -30.27 -3.89 -27.15
CA GLN B 299 -29.90 -5.29 -27.38
C GLN B 299 -30.15 -6.10 -26.11
N VAL B 300 -29.84 -5.57 -24.92
CA VAL B 300 -30.11 -6.30 -23.65
C VAL B 300 -31.64 -6.46 -23.53
N HIS B 301 -32.40 -5.43 -23.89
CA HIS B 301 -33.87 -5.49 -23.75
C HIS B 301 -34.48 -6.48 -24.76
N LYS B 302 -34.15 -6.35 -26.03
CA LYS B 302 -34.62 -7.27 -27.12
C LYS B 302 -34.02 -6.87 -28.46
N SER B 303 -34.33 -5.68 -28.96
CA SER B 303 -33.86 -5.19 -30.27
C SER B 303 -34.17 -3.70 -30.34
N PRO B 304 -33.53 -2.96 -31.30
CA PRO B 304 -33.69 -1.52 -31.45
C PRO B 304 -35.13 -1.01 -31.34
N GLY B 305 -36.07 -1.70 -32.00
CA GLY B 305 -37.50 -1.37 -31.95
C GLY B 305 -38.05 -1.29 -30.53
N PHE B 306 -37.45 -1.96 -29.54
CA PHE B 306 -38.03 -2.05 -28.16
C PHE B 306 -37.51 -0.93 -27.24
N ILE B 307 -36.90 0.12 -27.82
CA ILE B 307 -36.54 1.38 -27.12
C ILE B 307 -37.17 2.56 -27.86
N THR B 308 -37.69 3.54 -27.16
CA THR B 308 -38.19 4.82 -27.75
C THR B 308 -37.06 5.68 -28.32
N SER B 309 -37.43 6.63 -29.16
CA SER B 309 -36.56 7.74 -29.66
C SER B 309 -37.41 9.01 -29.66
N ASN B 310 -37.52 9.62 -28.47
CA ASN B 310 -38.46 10.74 -28.18
C ASN B 310 -37.63 12.01 -27.93
N LEU B 311 -37.56 12.90 -28.92
CA LEU B 311 -36.86 14.20 -28.86
C LEU B 311 -37.69 15.16 -28.02
N VAL B 312 -37.09 15.82 -27.03
CA VAL B 312 -37.81 16.84 -26.22
C VAL B 312 -37.02 18.15 -26.34
N GLY B 313 -37.67 19.19 -26.83
CA GLY B 313 -37.08 20.52 -26.93
C GLY B 313 -37.87 21.54 -26.14
N VAL B 314 -37.36 22.78 -26.09
CA VAL B 314 -38.00 23.82 -25.23
C VAL B 314 -38.40 24.98 -26.15
N HIS B 315 -39.69 25.28 -26.24
CA HIS B 315 -40.19 26.43 -27.03
C HIS B 315 -39.79 27.74 -26.31
N GLU B 316 -39.73 28.84 -27.04
CA GLU B 316 -39.42 30.18 -26.48
C GLU B 316 -40.50 30.54 -25.45
N ASP B 317 -41.70 29.96 -25.57
CA ASP B 317 -42.88 30.32 -24.70
C ASP B 317 -42.85 29.48 -23.43
N GLY B 318 -41.89 28.57 -23.32
CA GLY B 318 -41.64 27.79 -22.10
C GLY B 318 -42.32 26.44 -22.15
N THR B 319 -43.17 26.15 -23.14
CA THR B 319 -43.79 24.79 -23.24
C THR B 319 -42.79 23.83 -23.92
N LEU B 320 -43.04 22.53 -23.84
CA LEU B 320 -42.12 21.55 -24.48
C LEU B 320 -42.57 21.21 -25.90
N ILE B 321 -41.62 21.20 -26.84
CA ILE B 321 -41.78 20.56 -28.17
C ILE B 321 -41.37 19.09 -28.04
N LYS B 322 -42.26 18.16 -28.40
CA LYS B 322 -42.00 16.71 -28.25
C LYS B 322 -42.25 16.03 -29.60
N GLU B 323 -41.21 15.37 -30.10
CA GLU B 323 -41.25 14.56 -31.33
C GLU B 323 -41.04 13.10 -30.94
N PHE B 324 -41.78 12.20 -31.59
CA PHE B 324 -41.80 10.75 -31.25
C PHE B 324 -41.50 9.94 -32.50
N GLU B 325 -40.55 9.00 -32.41
CA GLU B 325 -40.33 8.12 -33.56
C GLU B 325 -39.92 6.73 -33.07
N ALA B 326 -40.26 5.71 -33.86
CA ALA B 326 -39.81 4.33 -33.62
C ALA B 326 -38.28 4.29 -33.77
N SER B 327 -37.60 3.38 -33.10
CA SER B 327 -36.11 3.29 -33.21
C SER B 327 -35.70 2.27 -34.26
N HIS B 328 -36.53 1.95 -35.24
CA HIS B 328 -36.13 1.07 -36.39
C HIS B 328 -36.28 1.91 -37.62
N GLY B 329 -35.71 1.47 -38.75
CA GLY B 329 -35.88 2.13 -40.04
C GLY B 329 -37.15 1.64 -40.73
N THR B 330 -37.21 1.76 -42.05
CA THR B 330 -38.42 1.50 -42.86
C THR B 330 -38.60 0.02 -43.21
N VAL B 331 -37.69 -0.85 -42.75
CA VAL B 331 -37.74 -2.33 -42.93
C VAL B 331 -37.92 -2.66 -44.43
N ALA B 332 -37.02 -2.19 -45.27
CA ALA B 332 -37.05 -2.41 -46.74
C ALA B 332 -37.04 -3.90 -47.10
N ASP B 333 -36.41 -4.76 -46.30
CA ASP B 333 -36.32 -6.20 -46.59
C ASP B 333 -37.72 -6.78 -46.54
N MET B 334 -38.53 -6.30 -45.62
CA MET B 334 -39.93 -6.78 -45.48
C MET B 334 -40.79 -6.16 -46.59
N ASP B 335 -40.51 -4.94 -46.99
CA ASP B 335 -41.28 -4.34 -48.11
C ASP B 335 -41.00 -5.18 -49.36
N GLU B 336 -39.74 -5.58 -49.54
CA GLU B 336 -39.37 -6.48 -50.67
C GLU B 336 -40.15 -7.80 -50.59
N ALA B 337 -40.19 -8.41 -49.40
CA ALA B 337 -40.94 -9.66 -49.14
C ALA B 337 -42.40 -9.46 -49.52
N ARG B 338 -43.03 -8.38 -49.05
CA ARG B 338 -44.44 -8.02 -49.38
C ARG B 338 -44.62 -8.02 -50.91
N LEU B 339 -43.76 -7.30 -51.63
CA LEU B 339 -43.82 -7.12 -53.11
C LEU B 339 -43.36 -8.39 -53.83
N ARG B 340 -42.85 -9.41 -53.11
CA ARG B 340 -42.71 -10.80 -53.64
C ARG B 340 -43.85 -11.73 -53.20
N GLY B 341 -44.93 -11.18 -52.65
CA GLY B 341 -46.11 -11.95 -52.24
C GLY B 341 -45.84 -12.91 -51.09
N GLU B 342 -44.78 -12.66 -50.32
CA GLU B 342 -44.44 -13.46 -49.12
C GLU B 342 -45.11 -12.82 -47.90
N GLU B 343 -45.59 -13.66 -47.00
CA GLU B 343 -46.16 -13.19 -45.70
C GLU B 343 -45.13 -12.32 -44.99
N THR B 344 -45.63 -11.30 -44.29
CA THR B 344 -44.80 -10.43 -43.42
C THR B 344 -45.42 -10.44 -42.04
N SER B 345 -44.63 -10.08 -41.04
CA SER B 345 -45.12 -9.95 -39.67
C SER B 345 -44.33 -8.83 -38.99
N LEU B 346 -44.68 -7.57 -39.32
CA LEU B 346 -44.06 -6.35 -38.73
C LEU B 346 -44.75 -6.06 -37.41
N ASN B 347 -44.00 -6.02 -36.32
CA ASN B 347 -44.53 -5.60 -34.99
C ASN B 347 -44.64 -4.07 -34.99
N PRO B 348 -45.86 -3.48 -34.97
CA PRO B 348 -46.03 -2.03 -35.03
C PRO B 348 -45.92 -1.32 -33.67
N LEU B 349 -45.62 -2.05 -32.61
CA LEU B 349 -45.64 -1.48 -31.24
C LEU B 349 -44.70 -0.27 -31.11
N GLY B 350 -43.49 -0.34 -31.66
CA GLY B 350 -42.55 0.80 -31.63
C GLY B 350 -43.16 2.07 -32.19
N MET B 351 -43.75 1.98 -33.36
CA MET B 351 -44.35 3.17 -34.02
C MET B 351 -45.62 3.56 -33.26
N VAL B 352 -46.39 2.60 -32.76
CA VAL B 352 -47.64 2.91 -32.03
C VAL B 352 -47.29 3.64 -30.74
N GLU B 353 -46.25 3.18 -30.03
CA GLU B 353 -45.80 3.88 -28.80
C GLU B 353 -45.46 5.32 -29.16
N GLY B 354 -44.85 5.54 -30.33
CA GLY B 354 -44.56 6.90 -30.77
C GLY B 354 -45.82 7.72 -31.03
N LEU B 355 -46.76 7.15 -31.78
CA LEU B 355 -48.01 7.88 -32.12
C LEU B 355 -48.78 8.19 -30.82
N ILE B 356 -48.91 7.23 -29.93
CA ILE B 356 -49.57 7.46 -28.61
C ILE B 356 -48.92 8.68 -27.94
N GLY B 357 -47.60 8.68 -27.82
CA GLY B 357 -46.91 9.78 -27.14
C GLY B 357 -47.20 11.10 -27.81
N ALA B 358 -47.22 11.10 -29.14
CA ALA B 358 -47.46 12.35 -29.90
C ALA B 358 -48.89 12.82 -29.66
N MET B 359 -49.83 11.90 -29.76
CA MET B 359 -51.27 12.25 -29.61
C MET B 359 -51.51 12.73 -28.18
N ASN B 360 -50.89 12.05 -27.21
CA ASN B 360 -51.04 12.45 -25.77
C ASN B 360 -50.47 13.84 -25.56
N HIS B 361 -49.24 14.08 -26.07
CA HIS B 361 -48.61 15.40 -25.87
C HIS B 361 -49.44 16.47 -26.55
N ALA B 362 -49.90 16.20 -27.77
CA ALA B 362 -50.70 17.17 -28.54
C ALA B 362 -51.93 17.54 -27.70
N ALA B 363 -52.61 16.54 -27.17
CA ALA B 363 -53.82 16.79 -26.33
C ALA B 363 -53.43 17.63 -25.10
N ASP B 364 -52.34 17.26 -24.43
CA ASP B 364 -51.92 17.98 -23.20
C ASP B 364 -51.46 19.39 -23.55
N VAL B 365 -50.62 19.58 -24.56
CA VAL B 365 -50.00 20.91 -24.79
C VAL B 365 -51.05 21.92 -25.30
N HIS B 366 -52.11 21.44 -25.94
CA HIS B 366 -53.16 22.32 -26.51
C HIS B 366 -54.42 22.28 -25.65
N ASN B 367 -54.51 21.38 -24.67
CA ASN B 367 -55.67 21.17 -23.75
C ASN B 367 -56.90 20.86 -24.61
N ILE B 368 -56.80 19.87 -25.48
CA ILE B 368 -57.94 19.44 -26.34
C ILE B 368 -58.23 17.96 -26.12
N ASP B 369 -59.44 17.64 -25.65
CA ASP B 369 -59.95 16.25 -25.49
C ASP B 369 -58.91 15.37 -24.81
N ARG B 370 -58.29 15.85 -23.72
CA ARG B 370 -57.26 15.08 -22.99
C ARG B 370 -57.82 13.78 -22.44
N ASP B 371 -58.99 13.81 -21.79
CA ASP B 371 -59.47 12.60 -21.11
C ASP B 371 -59.72 11.50 -22.16
N ARG B 372 -60.48 11.80 -23.20
CA ARG B 372 -60.83 10.81 -24.25
C ARG B 372 -59.55 10.32 -24.98
N THR B 373 -58.61 11.21 -25.25
CA THR B 373 -57.37 10.85 -26.00
C THR B 373 -56.56 9.88 -25.15
N HIS B 374 -56.35 10.20 -23.87
CA HIS B 374 -55.51 9.34 -23.01
C HIS B 374 -56.20 8.00 -22.86
N ALA B 375 -57.54 7.98 -22.77
CA ALA B 375 -58.28 6.71 -22.62
C ALA B 375 -58.10 5.87 -23.88
N PHE B 376 -58.16 6.49 -25.04
CA PHE B 376 -58.06 5.76 -26.35
C PHE B 376 -56.65 5.22 -26.53
N THR B 377 -55.64 6.04 -26.30
CA THR B 377 -54.23 5.62 -26.47
C THR B 377 -53.94 4.48 -25.49
N THR B 378 -54.46 4.57 -24.26
CA THR B 378 -54.30 3.49 -23.25
C THR B 378 -54.98 2.21 -23.71
N LYS B 379 -56.17 2.31 -24.28
CA LYS B 379 -56.92 1.13 -24.80
C LYS B 379 -56.13 0.49 -25.93
N MET B 380 -55.60 1.28 -26.86
CA MET B 380 -54.79 0.74 -27.97
C MET B 380 -53.65 -0.08 -27.35
N ARG B 381 -52.95 0.48 -26.36
CA ARG B 381 -51.83 -0.26 -25.73
C ARG B 381 -52.37 -1.53 -25.06
N THR B 382 -53.47 -1.43 -24.30
CA THR B 382 -54.00 -2.58 -23.52
C THR B 382 -54.42 -3.69 -24.49
N VAL B 383 -55.09 -3.33 -25.59
CA VAL B 383 -55.55 -4.30 -26.63
C VAL B 383 -54.35 -5.02 -27.24
N ILE B 384 -53.30 -4.29 -27.64
CA ILE B 384 -52.07 -4.88 -28.26
C ILE B 384 -51.44 -5.86 -27.27
N HIS B 385 -51.24 -5.43 -26.03
CA HIS B 385 -50.61 -6.30 -25.00
C HIS B 385 -51.39 -7.58 -24.80
N GLN B 386 -52.72 -7.48 -24.73
CA GLN B 386 -53.59 -8.67 -24.54
C GLN B 386 -53.44 -9.63 -25.73
N LEU B 387 -53.38 -9.12 -26.95
CA LEU B 387 -53.16 -10.03 -28.10
C LEU B 387 -51.82 -10.74 -27.97
N PHE B 388 -50.77 -10.03 -27.54
CA PHE B 388 -49.45 -10.67 -27.37
C PHE B 388 -49.52 -11.76 -26.28
N ARG B 389 -50.21 -11.50 -25.18
CA ARG B 389 -50.40 -12.47 -24.09
C ARG B 389 -51.07 -13.74 -24.63
N GLU B 390 -52.04 -13.58 -25.51
CA GLU B 390 -52.85 -14.73 -26.04
C GLU B 390 -52.11 -15.50 -27.13
N GLY B 391 -50.92 -15.05 -27.58
CA GLY B 391 -50.24 -15.70 -28.71
C GLY B 391 -50.77 -15.18 -30.04
N LYS B 392 -51.44 -14.03 -30.01
CA LYS B 392 -52.05 -13.40 -31.21
C LYS B 392 -51.32 -12.10 -31.55
N GLY B 393 -50.05 -11.98 -31.14
CA GLY B 393 -49.17 -10.89 -31.60
C GLY B 393 -48.48 -11.27 -32.91
N THR B 394 -47.47 -10.50 -33.31
CA THR B 394 -46.63 -10.72 -34.51
C THR B 394 -45.59 -11.82 -34.20
N ARG B 395 -44.88 -12.29 -35.22
CA ARG B 395 -44.10 -13.56 -35.16
C ARG B 395 -42.76 -13.38 -34.45
N ASP B 396 -42.28 -12.14 -34.36
CA ASP B 396 -41.08 -11.78 -33.56
C ASP B 396 -41.23 -12.32 -32.13
N LEU B 397 -42.39 -12.16 -31.50
CA LEU B 397 -42.58 -12.60 -30.08
C LEU B 397 -43.43 -13.85 -29.98
N CYS B 398 -44.38 -14.11 -30.88
CA CYS B 398 -45.34 -15.23 -30.73
C CYS B 398 -44.89 -16.44 -31.55
N GLY B 399 -43.76 -16.33 -32.24
CA GLY B 399 -43.21 -17.39 -33.12
C GLY B 399 -44.04 -17.58 -34.39
N PRO B 400 -43.86 -18.69 -35.12
CA PRO B 400 -44.50 -18.88 -36.42
C PRO B 400 -46.04 -18.95 -36.43
N SER B 401 -46.69 -19.27 -35.31
CA SER B 401 -48.17 -19.25 -35.17
C SER B 401 -48.66 -17.82 -34.88
N GLY B 402 -47.74 -16.86 -34.73
CA GLY B 402 -48.06 -15.44 -34.64
C GLY B 402 -48.75 -14.97 -35.92
N LEU B 403 -49.42 -13.83 -35.84
CA LEU B 403 -50.24 -13.24 -36.92
C LEU B 403 -49.32 -12.46 -37.87
N THR B 404 -49.72 -12.41 -39.14
CA THR B 404 -49.08 -11.59 -40.19
C THR B 404 -49.33 -10.12 -39.84
N THR B 405 -48.66 -9.20 -40.53
CA THR B 405 -48.83 -7.73 -40.42
C THR B 405 -50.31 -7.37 -40.49
N GLU B 406 -51.00 -7.83 -41.54
CA GLU B 406 -52.41 -7.47 -41.83
C GLU B 406 -53.35 -8.17 -40.86
N GLN B 407 -53.08 -9.43 -40.51
CA GLN B 407 -53.93 -10.18 -39.56
C GLN B 407 -53.88 -9.46 -38.21
N PHE B 408 -52.74 -8.93 -37.82
CA PHE B 408 -52.55 -8.23 -36.51
C PHE B 408 -53.35 -6.92 -36.55
N ILE B 409 -53.22 -6.13 -37.62
CA ILE B 409 -53.97 -4.85 -37.77
C ILE B 409 -55.46 -5.14 -37.53
N ASP B 410 -55.99 -6.16 -38.20
CA ASP B 410 -57.42 -6.53 -38.12
C ASP B 410 -57.79 -6.98 -36.70
N ALA B 411 -56.92 -7.78 -36.06
CA ALA B 411 -57.15 -8.32 -34.72
C ALA B 411 -57.29 -7.15 -33.72
N VAL B 412 -56.47 -6.10 -33.85
CA VAL B 412 -56.53 -4.94 -32.93
C VAL B 412 -57.82 -4.17 -33.22
N ALA B 413 -58.08 -3.91 -34.49
CA ALA B 413 -59.20 -3.07 -34.93
C ALA B 413 -60.52 -3.70 -34.47
N GLU B 414 -60.64 -5.02 -34.47
CA GLU B 414 -61.88 -5.69 -34.00
C GLU B 414 -62.06 -5.48 -32.49
N ARG B 415 -60.96 -5.30 -31.75
CA ARG B 415 -61.01 -5.27 -30.26
C ARG B 415 -61.04 -3.84 -29.73
N LEU B 416 -60.81 -2.84 -30.56
CA LEU B 416 -61.02 -1.43 -30.16
C LEU B 416 -62.55 -1.25 -30.04
N LYS C 14 23.25 -50.46 16.62
CA LYS C 14 22.97 -49.23 17.42
C LYS C 14 24.28 -48.57 17.88
N ILE C 15 24.38 -47.25 17.72
CA ILE C 15 25.59 -46.50 18.18
C ILE C 15 25.59 -46.48 19.71
N THR C 16 26.72 -46.78 20.33
CA THR C 16 26.83 -46.66 21.80
C THR C 16 26.92 -45.18 22.15
N ALA C 17 26.00 -44.66 22.95
CA ALA C 17 26.08 -43.26 23.43
C ALA C 17 27.07 -43.14 24.61
N ALA C 18 27.98 -42.17 24.55
CA ALA C 18 28.94 -41.84 25.63
C ALA C 18 28.18 -41.25 26.80
N PRO C 19 28.74 -41.22 28.04
CA PRO C 19 28.05 -40.60 29.17
C PRO C 19 27.57 -39.18 28.83
N MET C 20 26.31 -38.88 29.12
CA MET C 20 25.71 -37.53 28.87
C MET C 20 24.65 -37.28 29.94
N VAL C 21 24.36 -36.03 30.24
CA VAL C 21 23.31 -35.68 31.24
C VAL C 21 22.10 -35.21 30.44
N TYR C 22 20.94 -35.78 30.73
CA TYR C 22 19.71 -35.37 30.03
C TYR C 22 18.76 -34.77 31.07
N VAL C 23 18.52 -33.45 30.97
CA VAL C 23 17.62 -32.74 31.92
C VAL C 23 16.30 -32.50 31.20
N ARG C 24 15.26 -33.19 31.63
CA ARG C 24 13.93 -33.06 31.01
C ARG C 24 13.18 -32.00 31.78
N GLY C 25 12.21 -31.35 31.13
CA GLY C 25 11.33 -30.42 31.82
C GLY C 25 9.91 -30.94 31.76
N GLU C 26 9.06 -30.27 30.98
CA GLU C 26 7.62 -30.63 30.90
C GLU C 26 6.99 -29.92 29.72
N GLU C 27 5.70 -30.15 29.52
CA GLU C 27 4.89 -29.43 28.51
C GLU C 27 5.35 -29.78 27.07
N MET C 28 5.06 -28.91 26.10
CA MET C 28 5.25 -29.23 24.66
C MET C 28 6.66 -29.72 24.41
N THR C 29 7.65 -29.10 25.04
CA THR C 29 9.05 -29.44 24.70
C THR C 29 9.42 -30.84 25.20
N ALA C 30 8.81 -31.31 26.28
CA ALA C 30 9.08 -32.69 26.73
C ALA C 30 8.35 -33.71 25.85
N TYR C 31 7.12 -33.41 25.43
CA TYR C 31 6.36 -34.30 24.52
C TYR C 31 7.13 -34.41 23.20
N VAL C 32 7.64 -33.27 22.71
CA VAL C 32 8.38 -33.27 21.41
C VAL C 32 9.64 -34.10 21.58
N MET C 33 10.31 -33.99 22.72
CA MET C 33 11.59 -34.68 22.87
C MET C 33 11.36 -36.17 23.14
N ASP C 34 10.27 -36.54 23.81
CA ASP C 34 9.97 -37.98 24.01
C ASP C 34 9.86 -38.60 22.62
N LEU C 35 9.14 -37.91 21.73
CA LEU C 35 8.92 -38.38 20.34
C LEU C 35 10.24 -38.38 19.57
N ILE C 36 11.13 -37.43 19.88
CA ILE C 36 12.44 -37.33 19.17
C ILE C 36 13.35 -38.44 19.67
N ARG C 37 13.44 -38.62 20.98
CA ARG C 37 14.26 -39.74 21.47
C ARG C 37 13.64 -41.07 21.02
N SER C 38 12.32 -41.17 20.86
CA SER C 38 11.69 -42.50 20.58
C SER C 38 11.84 -42.91 19.11
N ARG C 39 11.62 -41.99 18.18
CA ARG C 39 11.66 -42.29 16.74
C ARG C 39 13.04 -42.03 16.17
N TRP C 40 13.85 -41.11 16.73
CA TRP C 40 15.11 -40.69 16.09
C TRP C 40 16.31 -41.38 16.74
N ILE C 41 16.42 -41.32 18.06
CA ILE C 41 17.64 -41.75 18.79
C ILE C 41 17.55 -43.23 19.11
N GLU C 42 16.64 -43.60 20.02
CA GLU C 42 16.55 -44.98 20.56
C GLU C 42 16.70 -46.04 19.47
N PRO C 43 15.97 -46.03 18.30
CA PRO C 43 16.13 -47.10 17.33
C PRO C 43 17.55 -47.23 16.77
N ARG C 44 18.35 -46.17 16.83
CA ARG C 44 19.68 -46.14 16.17
C ARG C 44 20.78 -45.99 17.21
N VAL C 45 20.44 -45.82 18.48
CA VAL C 45 21.47 -45.47 19.51
C VAL C 45 21.16 -46.16 20.85
N ASP C 46 22.18 -46.68 21.52
CA ASP C 46 22.02 -47.26 22.88
C ASP C 46 22.30 -46.17 23.88
N VAL C 47 21.25 -45.56 24.45
CA VAL C 47 21.38 -44.37 25.35
C VAL C 47 21.54 -44.83 26.80
N GLY C 48 22.18 -45.97 27.03
CA GLY C 48 22.39 -46.57 28.35
C GLY C 48 23.24 -45.68 29.24
N GLY C 49 24.03 -44.80 28.63
CA GLY C 49 24.99 -43.95 29.37
C GLY C 49 24.36 -42.62 29.75
N TRP C 50 23.27 -42.23 29.08
CA TRP C 50 22.55 -40.97 29.43
C TRP C 50 21.97 -41.10 30.84
N GLU C 51 22.28 -40.14 31.71
CA GLU C 51 21.66 -39.96 33.03
C GLU C 51 20.52 -38.95 32.91
N THR C 52 19.29 -39.44 33.01
CA THR C 52 18.06 -38.64 32.83
C THR C 52 17.68 -38.05 34.20
N PHE C 53 17.31 -36.76 34.23
CA PHE C 53 16.75 -36.04 35.42
C PHE C 53 15.46 -35.29 35.00
N ASP C 54 14.58 -35.13 35.97
CA ASP C 54 13.23 -34.55 35.80
C ASP C 54 13.27 -33.18 36.47
N LEU C 55 13.46 -32.10 35.71
CA LEU C 55 13.49 -30.75 36.32
C LEU C 55 12.12 -30.13 36.11
N ARG C 56 11.07 -30.93 36.30
CA ARG C 56 9.72 -30.35 36.40
C ARG C 56 9.79 -29.40 37.60
N ALA C 57 9.14 -28.26 37.56
CA ALA C 57 9.06 -27.38 38.74
C ALA C 57 8.44 -28.18 39.90
N LYS C 58 7.41 -28.99 39.62
CA LYS C 58 6.72 -29.86 40.61
C LYS C 58 7.75 -30.79 41.23
N ASN C 59 8.72 -31.25 40.44
CA ASN C 59 9.78 -32.20 40.90
C ASN C 59 10.85 -31.41 41.64
N ARG C 60 11.15 -30.16 41.23
CA ARG C 60 12.10 -29.27 41.97
C ARG C 60 11.46 -28.86 43.30
N ASP C 61 10.13 -28.84 43.33
CA ASP C 61 9.45 -28.54 44.60
C ASP C 61 9.48 -29.81 45.45
N ASP C 62 8.96 -30.92 44.93
CA ASP C 62 8.77 -32.16 45.74
C ASP C 62 10.12 -32.63 46.32
N THR C 63 11.24 -32.45 45.62
CA THR C 63 12.57 -32.91 46.12
C THR C 63 13.32 -31.77 46.79
N GLU C 64 12.74 -30.58 46.89
CA GLU C 64 13.46 -29.35 47.37
C GLU C 64 14.56 -29.02 46.35
N ASP C 65 15.56 -28.20 46.65
CA ASP C 65 16.59 -27.99 45.58
C ASP C 65 17.54 -29.19 45.64
N ARG C 66 17.27 -30.25 44.86
CA ARG C 66 18.05 -31.52 44.94
C ARG C 66 18.16 -32.23 43.61
N VAL C 67 17.10 -32.22 42.81
CA VAL C 67 17.27 -32.76 41.43
C VAL C 67 18.26 -31.81 40.81
N LEU C 68 18.22 -30.52 41.22
CA LEU C 68 19.18 -29.50 40.72
C LEU C 68 20.56 -29.88 41.24
N ARG C 69 20.66 -30.33 42.49
CA ARG C 69 21.96 -30.80 43.05
C ARG C 69 22.41 -31.99 42.22
N ASP C 70 21.53 -32.96 42.06
CA ASP C 70 21.82 -34.16 41.25
C ASP C 70 22.32 -33.72 39.87
N VAL C 71 21.64 -32.76 39.24
CA VAL C 71 22.05 -32.24 37.91
C VAL C 71 23.49 -31.71 37.95
N ILE C 72 23.85 -30.87 38.93
CA ILE C 72 25.23 -30.30 38.88
C ILE C 72 26.28 -31.39 39.02
N GLU C 73 26.12 -32.31 39.97
CA GLU C 73 27.15 -33.36 40.22
C GLU C 73 27.35 -34.13 38.93
N ALA C 74 26.23 -34.61 38.37
CA ALA C 74 26.30 -35.38 37.13
C ALA C 74 27.02 -34.56 36.05
N GLY C 75 26.63 -33.30 35.87
CA GLY C 75 27.29 -32.40 34.89
C GLY C 75 28.77 -32.17 35.20
N LYS C 76 29.14 -31.94 36.45
CA LYS C 76 30.58 -31.75 36.81
C LYS C 76 31.32 -33.10 36.74
N ARG C 77 30.63 -34.21 36.46
CA ARG C 77 31.29 -35.53 36.26
C ARG C 77 31.29 -35.90 34.78
N ILE C 78 30.15 -35.81 34.12
CA ILE C 78 30.02 -36.26 32.71
C ILE C 78 30.51 -35.16 31.76
N LYS C 79 30.32 -33.88 32.11
CA LYS C 79 30.88 -32.70 31.35
C LYS C 79 30.09 -32.39 30.09
N ALA C 80 29.08 -33.18 29.75
CA ALA C 80 28.22 -32.87 28.61
C ALA C 80 26.77 -32.94 29.05
N ILE C 81 26.06 -31.82 28.97
CA ILE C 81 24.67 -31.75 29.50
C ILE C 81 23.73 -31.22 28.44
N PHE C 82 22.66 -31.96 28.15
CA PHE C 82 21.59 -31.38 27.31
C PHE C 82 20.49 -31.00 28.29
N LYS C 83 20.03 -29.75 28.24
CA LYS C 83 18.90 -29.34 29.11
C LYS C 83 17.72 -28.90 28.24
N GLU C 84 16.57 -29.54 28.41
CA GLU C 84 15.34 -29.14 27.68
C GLU C 84 14.91 -27.81 28.29
N PRO C 85 14.06 -27.02 27.63
CA PRO C 85 13.40 -25.91 28.31
C PRO C 85 12.70 -26.39 29.60
N THR C 86 12.86 -25.64 30.70
CA THR C 86 12.23 -25.93 32.02
C THR C 86 11.33 -24.76 32.46
N VAL C 87 10.52 -25.01 33.48
CA VAL C 87 9.60 -24.02 34.12
C VAL C 87 10.30 -23.57 35.40
N THR C 88 10.71 -22.31 35.49
CA THR C 88 11.27 -21.71 36.71
C THR C 88 10.14 -21.59 37.73
N PRO C 89 10.30 -22.08 38.97
CA PRO C 89 9.27 -22.00 40.01
C PRO C 89 9.08 -20.59 40.58
N THR C 90 8.68 -19.67 39.71
CA THR C 90 8.37 -18.28 40.10
C THR C 90 7.08 -18.27 40.93
N ALA C 91 6.69 -17.10 41.44
CA ALA C 91 5.49 -16.99 42.29
C ALA C 91 4.25 -17.41 41.50
N ASP C 92 4.14 -16.97 40.26
CA ASP C 92 3.00 -17.33 39.39
C ASP C 92 2.89 -18.85 39.30
N GLN C 93 4.01 -19.55 39.39
CA GLN C 93 4.03 -21.02 39.23
C GLN C 93 3.81 -21.65 40.60
N VAL C 94 4.22 -20.94 41.65
CA VAL C 94 3.99 -21.43 43.04
C VAL C 94 2.50 -21.29 43.35
N LYS C 95 1.72 -20.70 42.45
CA LYS C 95 0.24 -20.65 42.59
C LYS C 95 -0.36 -21.51 41.48
N LEU C 99 2.46 -27.04 43.93
CA LEU C 99 2.76 -25.61 44.19
C LEU C 99 2.97 -25.41 45.69
N ARG C 100 4.18 -25.07 46.15
CA ARG C 100 4.43 -25.01 47.62
C ARG C 100 5.37 -23.88 48.05
N LYS C 101 6.53 -23.72 47.43
CA LYS C 101 7.44 -22.58 47.72
C LYS C 101 8.11 -22.08 46.43
N SER C 102 8.63 -20.86 46.43
CA SER C 102 9.26 -20.28 45.21
C SER C 102 10.73 -20.66 45.14
N TRP C 103 11.22 -20.90 43.94
CA TRP C 103 12.63 -21.28 43.68
C TRP C 103 13.18 -20.43 42.53
N GLY C 104 14.41 -19.94 42.66
CA GLY C 104 15.11 -19.09 41.66
C GLY C 104 15.46 -19.86 40.39
N SER C 105 15.87 -19.15 39.34
CA SER C 105 16.35 -19.73 38.06
C SER C 105 17.52 -20.67 38.39
N PRO C 106 17.64 -21.83 37.72
CA PRO C 106 18.77 -22.74 37.94
C PRO C 106 20.09 -22.19 37.38
N ASN C 107 20.02 -21.18 36.50
CA ASN C 107 21.20 -20.67 35.74
C ASN C 107 22.31 -20.24 36.71
N GLY C 108 22.00 -19.48 37.77
CA GLY C 108 23.02 -18.97 38.69
C GLY C 108 23.83 -20.10 39.30
N ALA C 109 23.15 -21.20 39.70
CA ALA C 109 23.77 -22.38 40.34
C ALA C 109 24.69 -23.06 39.33
N MET C 110 24.19 -23.31 38.12
CA MET C 110 24.98 -23.99 37.05
C MET C 110 26.19 -23.13 36.68
N ARG C 111 26.00 -21.81 36.45
CA ARG C 111 27.11 -20.90 36.05
C ARG C 111 28.17 -20.80 37.17
N ARG C 112 27.77 -20.78 38.44
CA ARG C 112 28.78 -20.62 39.53
C ARG C 112 29.41 -22.00 39.79
N GLY C 113 28.59 -23.05 39.76
CA GLY C 113 28.98 -24.44 40.06
C GLY C 113 29.93 -25.05 39.04
N TRP C 114 29.62 -24.93 37.73
CA TRP C 114 30.45 -25.50 36.63
C TRP C 114 31.54 -24.51 36.20
N ASN C 115 31.85 -23.49 37.01
CA ASN C 115 32.94 -22.47 36.87
C ASN C 115 32.82 -21.66 35.57
N GLY C 116 31.61 -21.21 35.27
CA GLY C 116 31.27 -20.58 33.99
C GLY C 116 32.29 -19.56 33.51
N ILE C 117 32.60 -19.63 32.21
CA ILE C 117 33.49 -18.66 31.54
C ILE C 117 32.60 -17.85 30.61
N THR C 118 31.82 -18.54 29.79
CA THR C 118 30.97 -17.87 28.79
C THR C 118 29.68 -18.62 28.48
N ILE C 119 28.65 -17.88 28.06
CA ILE C 119 27.41 -18.46 27.49
C ILE C 119 27.50 -18.17 26.00
N SER C 120 27.79 -19.17 25.20
CA SER C 120 27.90 -19.00 23.74
C SER C 120 26.51 -18.87 23.13
N ARG C 121 26.24 -17.73 22.51
CA ARG C 121 24.93 -17.38 21.94
C ARG C 121 25.12 -17.16 20.45
N ASP C 122 25.09 -18.23 19.68
CA ASP C 122 25.37 -18.16 18.22
C ASP C 122 24.12 -18.33 17.37
N THR C 123 24.10 -17.71 16.20
CA THR C 123 23.00 -17.85 15.24
C THR C 123 22.96 -19.32 14.77
N ILE C 124 21.76 -19.90 14.72
CA ILE C 124 21.57 -21.28 14.20
C ILE C 124 21.23 -21.15 12.73
N HIS C 125 21.91 -21.87 11.86
CA HIS C 125 21.68 -21.68 10.42
C HIS C 125 21.12 -22.93 9.76
N ILE C 126 20.33 -22.74 8.71
CA ILE C 126 19.76 -23.87 7.93
C ILE C 126 20.28 -23.73 6.51
N ASP C 127 21.20 -24.58 6.12
CA ASP C 127 21.68 -24.57 4.72
C ASP C 127 20.48 -24.62 3.78
N GLY C 128 20.25 -23.55 3.03
CA GLY C 128 19.12 -23.50 2.07
C GLY C 128 17.97 -22.62 2.51
N VAL C 129 17.99 -22.12 3.74
CA VAL C 129 16.93 -21.21 4.24
C VAL C 129 17.57 -19.87 4.63
N GLU C 130 17.04 -18.77 4.11
CA GLU C 130 17.61 -17.44 4.43
C GLU C 130 16.92 -16.89 5.68
N LEU C 131 17.69 -16.71 6.74
CA LEU C 131 17.19 -16.06 7.95
C LEU C 131 17.79 -14.67 8.01
N GLY C 132 17.69 -13.99 9.15
CA GLY C 132 18.14 -12.58 9.25
C GLY C 132 19.60 -12.38 8.95
N TYR C 133 20.45 -13.21 9.54
CA TYR C 133 21.90 -13.14 9.28
C TYR C 133 22.28 -14.14 8.19
N LYS C 134 22.93 -13.67 7.13
CA LYS C 134 23.31 -14.54 5.98
C LYS C 134 24.40 -15.50 6.42
N LYS C 135 25.39 -14.98 7.11
CA LYS C 135 26.53 -15.81 7.56
C LYS C 135 26.52 -15.94 9.09
N PRO C 136 27.05 -17.04 9.64
CA PRO C 136 27.13 -17.21 11.08
C PRO C 136 27.65 -16.04 11.94
N VAL C 137 26.97 -15.81 13.05
CA VAL C 137 27.40 -14.78 14.04
C VAL C 137 27.70 -15.53 15.35
N LEU C 138 28.82 -15.23 15.98
CA LEU C 138 29.18 -15.85 17.28
C LEU C 138 29.07 -14.79 18.37
N PHE C 139 28.55 -15.15 19.52
CA PHE C 139 28.52 -14.17 20.64
C PHE C 139 28.94 -14.86 21.92
N GLU C 140 29.83 -14.22 22.68
CA GLU C 140 30.23 -14.74 24.00
C GLU C 140 29.73 -13.81 25.10
N ARG C 141 28.84 -14.31 25.94
CA ARG C 141 28.37 -13.53 27.11
C ARG C 141 29.17 -14.00 28.34
N HIS C 142 29.97 -13.13 28.92
CA HIS C 142 30.69 -13.49 30.18
C HIS C 142 29.67 -14.12 31.12
N ALA C 143 29.93 -15.35 31.59
CA ALA C 143 28.89 -16.11 32.31
C ALA C 143 28.73 -15.66 33.77
N VAL C 144 29.65 -14.87 34.28
CA VAL C 144 29.64 -14.54 35.72
C VAL C 144 29.81 -13.04 35.94
N GLY C 145 29.57 -12.61 37.16
CA GLY C 145 29.82 -11.20 37.49
C GLY C 145 28.67 -10.31 37.14
N GLY C 146 28.84 -9.04 37.46
CA GLY C 146 27.81 -8.05 37.14
C GLY C 146 26.69 -8.01 38.15
N GLU C 147 25.62 -7.34 37.78
CA GLU C 147 24.47 -7.12 38.70
C GLU C 147 23.68 -8.39 38.95
N TYR C 148 23.88 -9.42 38.13
CA TYR C 148 23.22 -10.72 38.34
C TYR C 148 23.61 -11.29 39.71
N SER C 149 24.76 -10.89 40.22
CA SER C 149 25.26 -11.39 41.52
C SER C 149 25.40 -10.25 42.51
N ALA C 150 24.64 -9.18 42.29
CA ALA C 150 24.78 -7.98 43.15
C ALA C 150 24.12 -8.13 44.52
N GLY C 151 24.67 -7.45 45.50
CA GLY C 151 23.99 -7.29 46.79
C GLY C 151 23.32 -5.94 46.76
N TYR C 152 22.23 -5.79 47.49
CA TYR C 152 21.46 -4.53 47.37
C TYR C 152 20.51 -4.29 48.54
N LYS C 153 20.00 -3.08 48.59
CA LYS C 153 18.96 -2.73 49.59
C LYS C 153 18.14 -1.58 49.02
N ASN C 154 16.86 -1.53 49.37
CA ASN C 154 16.01 -0.37 49.00
C ASN C 154 15.91 0.47 50.27
N VAL C 155 16.44 1.67 50.23
CA VAL C 155 16.59 2.48 51.47
C VAL C 155 16.10 3.92 51.28
N GLY C 156 16.10 4.65 52.38
CA GLY C 156 15.83 6.09 52.32
C GLY C 156 17.11 6.87 52.56
N LYS C 157 17.02 7.98 53.26
CA LYS C 157 18.19 8.85 53.45
C LYS C 157 19.22 8.22 54.38
N GLY C 158 20.49 8.50 54.13
CA GLY C 158 21.54 7.95 55.00
C GLY C 158 22.90 7.87 54.34
N LYS C 159 23.81 7.16 54.98
CA LYS C 159 25.22 7.12 54.53
C LYS C 159 25.57 5.73 54.02
N LEU C 160 25.98 5.65 52.75
CA LEU C 160 26.41 4.37 52.15
C LEU C 160 27.93 4.39 52.04
N THR C 161 28.57 3.31 52.48
CA THR C 161 30.05 3.23 52.46
C THR C 161 30.45 1.81 52.00
N THR C 162 31.40 1.74 51.07
CA THR C 162 31.92 0.45 50.59
C THR C 162 33.40 0.39 50.99
N THR C 163 33.80 -0.69 51.66
CA THR C 163 35.20 -0.87 52.08
C THR C 163 35.81 -2.11 51.43
N PHE C 164 37.11 -2.07 51.18
CA PHE C 164 37.82 -3.26 50.64
C PHE C 164 39.05 -3.55 51.50
N THR C 165 39.21 -4.80 51.89
CA THR C 165 40.41 -5.25 52.66
C THR C 165 41.14 -6.32 51.84
N PRO C 166 42.22 -5.97 51.15
CA PRO C 166 43.03 -6.95 50.41
C PRO C 166 43.57 -8.06 51.32
N SER C 167 43.61 -9.28 50.80
CA SER C 167 44.14 -10.43 51.55
C SER C 167 45.59 -10.69 51.17
N GLU C 168 46.09 -10.00 50.15
CA GLU C 168 47.44 -10.27 49.61
C GLU C 168 48.14 -8.99 49.22
N GLY C 169 49.36 -9.13 48.72
CA GLY C 169 50.13 -7.99 48.20
C GLY C 169 50.78 -7.15 49.28
N PRO C 170 51.25 -5.95 48.94
CA PRO C 170 51.91 -5.09 49.89
C PRO C 170 50.94 -4.61 50.97
N ASP C 171 49.75 -4.16 50.57
CA ASP C 171 48.77 -3.56 51.51
C ASP C 171 47.78 -4.60 52.00
N ALA C 172 48.23 -5.82 52.27
CA ALA C 172 47.37 -6.88 52.82
C ALA C 172 46.92 -6.53 54.24
N GLY C 173 45.64 -6.71 54.55
CA GLY C 173 45.11 -6.44 55.91
C GLY C 173 44.66 -5.01 56.12
N LYS C 174 44.97 -4.11 55.21
CA LYS C 174 44.61 -2.67 55.36
C LYS C 174 43.29 -2.37 54.67
N THR C 175 42.31 -1.90 55.41
CA THR C 175 40.97 -1.59 54.85
C THR C 175 41.02 -0.24 54.14
N VAL C 176 40.50 -0.17 52.91
CA VAL C 176 40.42 1.11 52.15
C VAL C 176 38.97 1.40 51.77
N VAL C 177 38.64 2.66 51.51
CA VAL C 177 37.26 3.08 51.12
C VAL C 177 37.14 3.08 49.59
N VAL C 178 36.31 2.19 49.07
CA VAL C 178 36.05 2.12 47.60
C VAL C 178 35.08 3.25 47.26
N ASP C 179 34.10 3.50 48.14
CA ASP C 179 33.06 4.52 47.87
C ASP C 179 32.39 4.99 49.16
N GLU C 180 31.99 6.26 49.20
CA GLU C 180 31.24 6.85 50.32
C GLU C 180 30.27 7.83 49.68
N ARG C 181 28.98 7.71 49.98
CA ARG C 181 27.98 8.65 49.43
C ARG C 181 26.79 8.84 50.38
N GLU C 182 26.19 10.02 50.29
CA GLU C 182 25.01 10.33 51.12
C GLU C 182 23.78 10.15 50.24
N ILE C 183 22.88 9.28 50.66
CA ILE C 183 21.60 9.14 49.93
C ILE C 183 20.69 10.27 50.42
N VAL C 184 20.12 11.01 49.50
CA VAL C 184 19.28 12.19 49.87
C VAL C 184 17.84 11.95 49.43
N ASP C 185 17.53 10.72 49.01
CA ASP C 185 16.16 10.39 48.55
C ASP C 185 15.44 9.52 49.58
N GLU C 186 14.13 9.68 49.70
CA GLU C 186 13.32 8.83 50.61
C GLU C 186 13.18 7.45 49.99
N GLU C 187 13.35 7.36 48.66
CA GLU C 187 13.28 6.06 47.96
C GLU C 187 14.52 5.90 47.08
N ALA C 188 15.38 4.94 47.40
CA ALA C 188 16.61 4.71 46.62
C ALA C 188 17.05 3.26 46.61
N ALA C 189 17.74 2.87 45.54
CA ALA C 189 18.37 1.55 45.52
C ALA C 189 19.85 1.76 45.80
N VAL C 190 20.42 0.91 46.63
CA VAL C 190 21.89 0.95 46.85
C VAL C 190 22.39 -0.41 46.39
N VAL C 191 23.41 -0.43 45.54
CA VAL C 191 23.84 -1.69 44.87
C VAL C 191 25.36 -1.83 44.88
N THR C 192 25.82 -3.04 45.17
CA THR C 192 27.25 -3.36 45.10
C THR C 192 27.38 -4.67 44.31
N TYR C 193 28.37 -4.73 43.44
CA TYR C 193 28.63 -6.00 42.71
C TYR C 193 30.11 -6.11 42.39
N HIS C 194 30.48 -7.28 41.88
CA HIS C 194 31.87 -7.44 41.39
C HIS C 194 31.92 -8.13 40.03
N ASN C 195 32.99 -7.85 39.28
CA ASN C 195 33.26 -8.55 38.00
C ASN C 195 34.52 -9.38 38.20
N PRO C 196 34.46 -10.73 38.24
CA PRO C 196 35.68 -11.53 38.30
C PRO C 196 36.32 -11.57 36.91
N TYR C 197 37.55 -11.09 36.78
CA TYR C 197 38.20 -10.97 35.44
C TYR C 197 39.30 -12.00 35.18
N ASP C 198 39.62 -12.85 36.15
CA ASP C 198 40.66 -13.89 35.92
C ASP C 198 40.26 -14.78 34.74
N ASN C 199 39.00 -15.18 34.63
CA ASN C 199 38.59 -16.12 33.56
C ASN C 199 38.40 -15.42 32.19
N VAL C 200 38.66 -14.12 32.08
CA VAL C 200 38.57 -13.42 30.76
C VAL C 200 39.74 -13.88 29.88
N HIS C 201 40.85 -14.29 30.47
CA HIS C 201 41.98 -14.86 29.69
C HIS C 201 41.46 -16.10 28.96
N ASP C 202 40.75 -16.97 29.67
CA ASP C 202 40.11 -18.18 29.07
C ASP C 202 39.05 -17.77 28.05
N LEU C 203 38.21 -16.79 28.40
CA LEU C 203 37.15 -16.29 27.49
C LEU C 203 37.79 -15.86 26.18
N ALA C 204 38.85 -15.08 26.26
CA ALA C 204 39.57 -14.59 25.06
C ALA C 204 40.06 -15.75 24.17
N ARG C 205 40.76 -16.71 24.77
CA ARG C 205 41.31 -17.85 23.99
C ARG C 205 40.17 -18.65 23.36
N PHE C 206 39.09 -18.87 24.10
CA PHE C 206 37.92 -19.63 23.58
C PHE C 206 37.29 -18.84 22.43
N PHE C 207 37.00 -17.57 22.64
CA PHE C 207 36.32 -16.71 21.64
C PHE C 207 37.16 -16.55 20.38
N PHE C 208 38.41 -16.14 20.55
CA PHE C 208 39.29 -15.89 19.38
C PHE C 208 39.52 -17.20 18.61
N GLY C 209 39.69 -18.31 19.32
CA GLY C 209 39.82 -19.61 18.63
C GLY C 209 38.59 -19.97 17.81
N ARG C 210 37.40 -19.79 18.38
CA ARG C 210 36.14 -20.05 17.66
C ARG C 210 36.00 -19.12 16.46
N CYS C 211 36.31 -17.84 16.64
CA CYS C 211 36.14 -16.84 15.55
C CYS C 211 37.11 -17.16 14.41
N LEU C 212 38.31 -17.60 14.77
CA LEU C 212 39.34 -17.96 13.75
C LEU C 212 38.83 -19.14 12.92
N GLU C 213 38.40 -20.20 13.59
CA GLU C 213 37.89 -21.41 12.87
C GLU C 213 36.72 -21.01 11.98
N ALA C 214 35.83 -20.16 12.48
CA ALA C 214 34.66 -19.71 11.71
C ALA C 214 35.03 -18.63 10.69
N LYS C 215 36.23 -18.07 10.76
CA LYS C 215 36.70 -16.97 9.87
C LYS C 215 35.77 -15.78 10.01
N VAL C 216 35.49 -15.38 11.25
CA VAL C 216 34.63 -14.20 11.49
C VAL C 216 35.42 -13.09 12.19
N THR C 217 35.06 -11.84 11.91
CA THR C 217 35.77 -10.69 12.52
C THR C 217 35.33 -10.57 13.97
N PRO C 218 36.27 -10.62 14.93
CA PRO C 218 35.94 -10.46 16.33
C PRO C 218 35.82 -9.00 16.79
N TYR C 219 34.91 -8.76 17.72
CA TYR C 219 34.72 -7.42 18.31
C TYR C 219 34.57 -7.56 19.82
N VAL C 220 35.17 -6.63 20.58
CA VAL C 220 34.96 -6.60 22.06
C VAL C 220 33.97 -5.47 22.37
N VAL C 221 32.95 -5.75 23.18
CA VAL C 221 31.87 -4.76 23.45
C VAL C 221 31.84 -4.41 24.93
N THR C 222 31.99 -3.13 25.27
CA THR C 222 31.91 -2.68 26.68
C THR C 222 31.43 -1.22 26.76
N LYS C 223 31.29 -0.69 27.97
CA LYS C 223 30.98 0.75 28.19
C LYS C 223 32.15 1.35 28.95
N LYS C 224 33.38 0.87 28.70
CA LYS C 224 34.59 1.26 29.49
C LYS C 224 34.90 2.75 29.45
N THR C 225 34.42 3.49 28.45
CA THR C 225 34.65 4.94 28.36
C THR C 225 34.05 5.63 29.58
N VAL C 226 32.95 5.12 30.10
CA VAL C 226 32.21 5.74 31.25
C VAL C 226 32.26 4.80 32.45
N PHE C 227 32.19 3.50 32.21
CA PHE C 227 32.23 2.47 33.27
C PHE C 227 33.67 2.01 33.29
N LYS C 228 34.55 2.84 33.84
CA LYS C 228 36.03 2.63 33.72
C LYS C 228 36.54 1.35 34.38
N TRP C 229 35.83 0.80 35.34
CA TRP C 229 36.21 -0.49 35.95
C TRP C 229 36.25 -1.64 34.91
N GLN C 230 35.61 -1.46 33.75
CA GLN C 230 35.51 -2.53 32.71
C GLN C 230 36.75 -2.56 31.82
N GLU C 231 37.67 -1.61 31.98
CA GLU C 231 38.90 -1.54 31.15
C GLU C 231 39.67 -2.88 31.13
N PRO C 232 39.93 -3.57 32.24
CA PRO C 232 40.60 -4.88 32.17
C PRO C 232 39.95 -5.92 31.24
N PHE C 233 38.63 -5.90 31.06
CA PHE C 233 37.95 -6.83 30.13
C PHE C 233 38.55 -6.64 28.74
N TRP C 234 38.64 -5.38 28.30
CA TRP C 234 39.22 -5.03 27.00
C TRP C 234 40.73 -5.33 26.98
N GLN C 235 41.44 -4.87 28.00
CA GLN C 235 42.92 -5.04 27.99
C GLN C 235 43.30 -6.51 27.92
N ILE C 236 42.64 -7.37 28.70
CA ILE C 236 42.94 -8.82 28.69
C ILE C 236 42.69 -9.37 27.29
N MET C 237 41.52 -9.05 26.73
CA MET C 237 41.14 -9.55 25.38
C MET C 237 42.17 -9.06 24.36
N ARG C 238 42.47 -7.76 24.36
CA ARG C 238 43.42 -7.18 23.38
C ARG C 238 44.81 -7.83 23.51
N THR C 239 45.26 -8.03 24.74
CA THR C 239 46.62 -8.60 24.98
C THR C 239 46.66 -10.03 24.41
N VAL C 240 45.65 -10.85 24.70
CA VAL C 240 45.59 -12.22 24.14
C VAL C 240 45.53 -12.17 22.61
N PHE C 241 44.66 -11.32 22.08
CA PHE C 241 44.53 -11.20 20.61
C PHE C 241 45.87 -10.88 19.96
N ASP C 242 46.50 -9.78 20.38
CA ASP C 242 47.76 -9.30 19.75
C ASP C 242 48.87 -10.34 19.88
N GLU C 243 48.97 -11.00 21.01
CA GLU C 243 50.09 -11.94 21.26
C GLU C 243 49.81 -13.33 20.69
N GLU C 244 48.57 -13.79 20.65
CA GLU C 244 48.32 -15.21 20.28
C GLU C 244 47.45 -15.40 19.04
N PHE C 245 46.85 -14.35 18.49
CA PHE C 245 45.86 -14.58 17.40
C PHE C 245 45.93 -13.60 16.22
N LYS C 246 46.38 -12.36 16.42
CA LYS C 246 46.30 -11.34 15.34
C LYS C 246 46.91 -11.85 14.03
N ALA C 247 48.14 -12.38 14.09
CA ALA C 247 48.83 -12.89 12.90
C ALA C 247 47.99 -13.99 12.23
N GLN C 248 47.42 -14.89 13.03
CA GLN C 248 46.54 -15.96 12.50
C GLN C 248 45.32 -15.39 11.80
N PHE C 249 44.72 -14.33 12.33
CA PHE C 249 43.53 -13.70 11.69
C PHE C 249 43.91 -13.09 10.34
N VAL C 250 45.08 -12.48 10.24
CA VAL C 250 45.57 -11.91 8.94
C VAL C 250 45.79 -13.08 7.95
N ALA C 251 46.38 -14.16 8.43
CA ALA C 251 46.71 -15.31 7.56
C ALA C 251 45.43 -16.06 7.14
N ALA C 252 44.35 -15.97 7.92
CA ALA C 252 43.06 -16.59 7.55
C ALA C 252 42.25 -15.68 6.62
N GLY C 253 42.73 -14.45 6.40
CA GLY C 253 42.06 -13.52 5.47
C GLY C 253 40.96 -12.72 6.14
N VAL C 254 40.86 -12.79 7.45
CA VAL C 254 39.74 -12.14 8.18
C VAL C 254 40.10 -10.67 8.40
N MET C 255 41.37 -10.42 8.70
CA MET C 255 41.81 -9.04 8.99
C MET C 255 43.02 -8.66 8.16
N LYS C 256 43.26 -7.37 8.01
CA LYS C 256 44.43 -6.88 7.25
C LYS C 256 45.57 -6.59 8.23
N GLU C 257 46.79 -6.65 7.74
CA GLU C 257 47.97 -6.37 8.59
C GLU C 257 47.87 -4.92 9.07
N GLY C 258 48.18 -4.69 10.33
CA GLY C 258 48.07 -3.33 10.89
C GLY C 258 46.72 -3.10 11.54
N GLU C 259 45.66 -3.69 11.00
CA GLU C 259 44.31 -3.43 11.53
C GLU C 259 44.24 -3.98 12.95
N GLU C 260 43.65 -3.21 13.86
CA GLU C 260 43.67 -3.61 15.27
C GLU C 260 42.34 -4.22 15.68
N LEU C 261 42.34 -5.00 16.75
CA LEU C 261 41.07 -5.52 17.30
C LEU C 261 40.19 -4.31 17.56
N VAL C 262 38.92 -4.39 17.18
CA VAL C 262 37.99 -3.23 17.34
C VAL C 262 37.20 -3.34 18.65
N HIS C 263 37.11 -2.23 19.37
CA HIS C 263 36.27 -2.14 20.58
C HIS C 263 34.98 -1.43 20.20
N LEU C 264 33.85 -2.03 20.55
CA LEU C 264 32.55 -1.38 20.29
C LEU C 264 31.93 -1.00 21.63
N LEU C 265 31.45 0.23 21.70
CA LEU C 265 30.66 0.60 22.89
C LEU C 265 29.35 -0.19 22.80
N SER C 266 28.82 -0.58 23.94
CA SER C 266 27.56 -1.37 24.02
C SER C 266 26.44 -0.66 23.23
N ASP C 267 26.34 0.65 23.36
CA ASP C 267 25.25 1.40 22.69
C ASP C 267 25.50 1.44 21.17
N ALA C 268 26.73 1.37 20.72
CA ALA C 268 27.01 1.28 19.27
C ALA C 268 26.71 -0.14 18.77
N ALA C 269 27.05 -1.16 19.56
CA ALA C 269 26.83 -2.57 19.18
C ALA C 269 25.35 -2.86 18.88
N THR C 270 24.43 -2.24 19.63
CA THR C 270 22.99 -2.44 19.33
C THR C 270 22.68 -1.99 17.90
N MET C 271 23.35 -0.95 17.43
CA MET C 271 23.10 -0.48 16.06
C MET C 271 23.72 -1.44 15.06
N LYS C 272 24.92 -1.93 15.36
CA LYS C 272 25.62 -2.85 14.42
C LYS C 272 24.85 -4.15 14.21
N LEU C 273 24.21 -4.68 15.25
CA LEU C 273 23.43 -5.94 15.11
C LEU C 273 22.29 -5.75 14.08
N VAL C 274 21.70 -4.56 14.03
CA VAL C 274 20.63 -4.27 13.03
C VAL C 274 21.25 -4.02 11.64
N GLN C 275 22.40 -3.36 11.58
CA GLN C 275 23.04 -3.01 10.27
C GLN C 275 23.73 -4.21 9.63
N TRP C 276 24.40 -5.06 10.42
CA TRP C 276 25.28 -6.13 9.86
C TRP C 276 24.50 -7.40 9.51
N ARG C 277 23.53 -7.28 8.62
CA ARG C 277 22.66 -8.42 8.23
C ARG C 277 23.43 -9.45 7.41
N GLN C 278 24.61 -9.10 6.94
CA GLN C 278 25.48 -10.09 6.23
C GLN C 278 26.01 -11.12 7.23
N GLY C 279 25.99 -10.82 8.53
CA GLY C 279 26.60 -11.74 9.50
C GLY C 279 28.11 -11.79 9.37
N GLY C 280 28.73 -12.87 9.81
CA GLY C 280 30.19 -13.04 9.64
C GLY C 280 30.99 -12.25 10.65
N PHE C 281 30.47 -12.14 11.87
CA PHE C 281 31.18 -11.42 12.94
C PHE C 281 31.01 -12.11 14.29
N GLY C 282 31.88 -11.76 15.22
CA GLY C 282 31.76 -12.25 16.60
C GLY C 282 31.84 -11.13 17.59
N MET C 283 31.12 -11.25 18.71
CA MET C 283 31.17 -10.23 19.77
C MET C 283 31.36 -10.89 21.13
N ALA C 284 32.14 -10.24 21.97
CA ALA C 284 32.29 -10.69 23.37
C ALA C 284 31.92 -9.54 24.27
N ALA C 285 31.19 -9.81 25.34
CA ALA C 285 30.74 -8.74 26.23
C ALA C 285 30.54 -9.24 27.65
N HIS C 286 30.22 -8.31 28.54
CA HIS C 286 29.93 -8.66 29.95
C HIS C 286 28.58 -9.36 30.06
N ASN C 287 28.29 -9.89 31.24
CA ASN C 287 27.05 -10.67 31.49
C ASN C 287 25.79 -9.94 31.03
N TYR C 288 25.54 -8.74 31.57
CA TYR C 288 24.27 -8.03 31.25
C TYR C 288 24.23 -7.60 29.78
N ASP C 289 25.27 -6.91 29.33
CA ASP C 289 25.34 -6.50 27.90
C ASP C 289 25.03 -7.73 27.03
N GLY C 290 25.66 -8.87 27.33
CA GLY C 290 25.42 -10.10 26.56
C GLY C 290 23.97 -10.51 26.56
N ASP C 291 23.32 -10.44 27.71
CA ASP C 291 21.89 -10.79 27.82
C ASP C 291 21.08 -9.94 26.84
N VAL C 292 21.18 -8.64 26.98
CA VAL C 292 20.41 -7.68 26.14
C VAL C 292 20.75 -7.86 24.66
N LEU C 293 22.04 -7.81 24.33
CA LEU C 293 22.48 -7.85 22.91
C LEU C 293 22.08 -9.16 22.23
N THR C 294 22.11 -10.28 22.96
CA THR C 294 21.80 -11.59 22.34
C THR C 294 20.29 -11.75 22.07
N ASP C 295 19.46 -11.06 22.84
CA ASP C 295 18.00 -11.09 22.55
C ASP C 295 17.75 -10.23 21.30
N GLU C 296 18.49 -9.14 21.14
CA GLU C 296 18.38 -8.35 19.91
C GLU C 296 18.85 -9.21 18.72
N LEU C 297 19.97 -9.91 18.90
CA LEU C 297 20.48 -10.83 17.85
C LEU C 297 19.38 -11.83 17.48
N ALA C 298 18.73 -12.40 18.48
CA ALA C 298 17.60 -13.33 18.24
C ALA C 298 16.52 -12.70 17.34
N GLN C 299 16.05 -11.50 17.68
CA GLN C 299 14.96 -10.86 16.90
C GLN C 299 15.39 -10.65 15.45
N VAL C 300 16.57 -10.09 15.24
CA VAL C 300 17.06 -9.79 13.87
C VAL C 300 17.19 -11.09 13.08
N HIS C 301 17.71 -12.15 13.70
CA HIS C 301 17.89 -13.45 13.03
C HIS C 301 16.54 -14.09 12.71
N LYS C 302 15.66 -14.22 13.69
CA LYS C 302 14.29 -14.78 13.49
C LYS C 302 13.52 -14.71 14.80
N SER C 303 13.93 -15.51 15.78
CA SER C 303 13.23 -15.58 17.07
C SER C 303 14.18 -16.17 18.11
N PRO C 304 13.86 -16.15 19.42
CA PRO C 304 14.78 -16.64 20.45
C PRO C 304 15.38 -18.04 20.26
N GLY C 305 14.60 -18.98 19.73
CA GLY C 305 15.09 -20.37 19.59
C GLY C 305 16.16 -20.52 18.52
N PHE C 306 16.32 -19.55 17.61
CA PHE C 306 17.31 -19.63 16.53
C PHE C 306 18.69 -19.15 17.02
N ILE C 307 18.84 -18.92 18.33
CA ILE C 307 20.14 -18.57 18.96
C ILE C 307 20.43 -19.66 19.98
N THR C 308 21.67 -20.11 20.06
CA THR C 308 22.08 -21.14 21.05
C THR C 308 22.22 -20.55 22.45
N SER C 309 22.16 -21.37 23.50
CA SER C 309 22.49 -20.94 24.89
C SER C 309 23.42 -22.02 25.43
N ASN C 310 24.69 -21.99 25.03
CA ASN C 310 25.67 -23.04 25.41
C ASN C 310 26.63 -22.54 26.46
N LEU C 311 26.47 -23.01 27.69
CA LEU C 311 27.35 -22.59 28.80
C LEU C 311 28.65 -23.38 28.74
N VAL C 312 29.77 -22.68 28.77
CA VAL C 312 31.09 -23.34 28.79
C VAL C 312 31.80 -22.95 30.08
N GLY C 313 32.00 -23.95 30.92
CA GLY C 313 32.77 -23.71 32.13
C GLY C 313 34.01 -24.58 32.10
N VAL C 314 34.67 -24.68 33.24
CA VAL C 314 35.94 -25.45 33.29
C VAL C 314 36.00 -26.26 34.58
N HIS C 315 36.11 -27.58 34.47
CA HIS C 315 36.35 -28.38 35.71
C HIS C 315 37.77 -28.03 36.18
N GLU C 316 38.04 -28.16 37.47
CA GLU C 316 39.39 -27.86 38.02
C GLU C 316 40.46 -28.76 37.37
N ASP C 317 40.05 -29.82 36.64
CA ASP C 317 41.03 -30.69 35.93
C ASP C 317 41.40 -30.12 34.57
N GLY C 318 40.69 -29.10 34.08
CA GLY C 318 41.03 -28.45 32.81
C GLY C 318 40.05 -28.81 31.73
N THR C 319 39.30 -29.88 31.93
CA THR C 319 38.32 -30.31 30.91
C THR C 319 37.19 -29.29 30.85
N LEU C 320 36.64 -29.08 29.67
CA LEU C 320 35.59 -28.05 29.58
C LEU C 320 34.24 -28.67 29.89
N ILE C 321 33.50 -28.09 30.83
CA ILE C 321 32.10 -28.54 31.10
C ILE C 321 31.23 -27.76 30.14
N LYS C 322 30.49 -28.45 29.29
CA LYS C 322 29.65 -27.78 28.29
C LYS C 322 28.19 -28.17 28.49
N GLU C 323 27.35 -27.20 28.82
CA GLU C 323 25.89 -27.44 28.94
C GLU C 323 25.24 -26.81 27.73
N PHE C 324 24.29 -27.49 27.13
CA PHE C 324 23.62 -27.01 25.90
C PHE C 324 22.12 -27.02 26.15
N GLU C 325 21.47 -25.91 25.83
CA GLU C 325 20.02 -25.82 26.01
C GLU C 325 19.43 -24.91 24.95
N ALA C 326 18.23 -25.19 24.52
CA ALA C 326 17.57 -24.30 23.56
C ALA C 326 17.26 -22.98 24.27
N SER C 327 17.07 -21.93 23.50
CA SER C 327 16.85 -20.60 24.09
C SER C 327 15.35 -20.29 24.06
N HIS C 328 14.51 -21.32 24.06
CA HIS C 328 13.04 -21.11 24.17
C HIS C 328 12.52 -21.79 25.44
N GLY C 329 11.24 -21.60 25.74
CA GLY C 329 10.61 -22.20 26.93
C GLY C 329 9.86 -23.48 26.61
N THR C 330 9.00 -23.94 27.52
CA THR C 330 8.26 -25.22 27.38
C THR C 330 7.03 -25.15 26.45
N VAL C 331 6.67 -23.97 25.95
CA VAL C 331 5.48 -23.74 25.08
C VAL C 331 4.22 -24.43 25.66
N ALA C 332 3.74 -23.96 26.80
CA ALA C 332 2.51 -24.49 27.44
C ALA C 332 1.28 -24.16 26.58
N ASP C 333 1.28 -23.00 25.92
CA ASP C 333 0.14 -22.58 25.06
C ASP C 333 -0.11 -23.66 24.01
N MET C 334 0.94 -24.09 23.32
CA MET C 334 0.84 -25.15 22.29
C MET C 334 0.51 -26.49 22.95
N ASP C 335 1.06 -26.76 24.14
CA ASP C 335 0.78 -28.02 24.85
C ASP C 335 -0.71 -28.08 25.24
N GLU C 336 -1.32 -26.94 25.50
CA GLU C 336 -2.77 -26.89 25.83
C GLU C 336 -3.56 -27.30 24.60
N ALA C 337 -3.25 -26.67 23.48
CA ALA C 337 -3.96 -26.97 22.21
C ALA C 337 -3.81 -28.46 21.89
N ARG C 338 -2.61 -28.99 22.07
CA ARG C 338 -2.35 -30.43 21.79
C ARG C 338 -3.27 -31.31 22.62
N LEU C 339 -3.35 -31.08 23.93
CA LEU C 339 -4.13 -32.01 24.78
C LEU C 339 -5.62 -31.78 24.55
N ARG C 340 -5.98 -30.69 23.88
CA ARG C 340 -7.37 -30.40 23.50
C ARG C 340 -7.59 -30.94 22.08
N GLY C 341 -6.54 -31.47 21.46
CA GLY C 341 -6.66 -32.14 20.16
C GLY C 341 -6.40 -31.26 18.96
N GLU C 342 -5.62 -30.20 19.11
CA GLU C 342 -5.45 -29.29 17.96
C GLU C 342 -4.13 -29.61 17.25
N GLU C 343 -4.02 -29.23 15.97
CA GLU C 343 -2.79 -29.43 15.18
C GLU C 343 -1.69 -28.53 15.73
N THR C 344 -0.51 -29.10 16.01
CA THR C 344 0.64 -28.36 16.56
C THR C 344 1.74 -28.25 15.48
N SER C 345 2.67 -27.30 15.60
CA SER C 345 3.82 -27.21 14.68
C SER C 345 5.02 -26.62 15.44
N LEU C 346 5.71 -27.44 16.23
CA LEU C 346 6.89 -26.99 17.01
C LEU C 346 8.17 -27.26 16.22
N ASN C 347 8.96 -26.22 15.91
CA ASN C 347 10.28 -26.43 15.27
C ASN C 347 11.23 -26.92 16.37
N PRO C 348 11.74 -28.17 16.30
CA PRO C 348 12.65 -28.69 17.31
C PRO C 348 14.17 -28.51 17.06
N LEU C 349 14.54 -27.74 16.05
CA LEU C 349 15.98 -27.55 15.68
C LEU C 349 16.79 -27.03 16.87
N GLY C 350 16.30 -26.00 17.54
CA GLY C 350 17.03 -25.42 18.68
C GLY C 350 17.44 -26.48 19.68
N MET C 351 16.47 -27.29 20.11
CA MET C 351 16.74 -28.38 21.07
C MET C 351 17.68 -29.42 20.45
N VAL C 352 17.45 -29.78 19.18
CA VAL C 352 18.30 -30.80 18.48
C VAL C 352 19.75 -30.30 18.41
N GLU C 353 19.98 -29.06 17.98
CA GLU C 353 21.36 -28.51 17.96
C GLU C 353 22.04 -28.70 19.31
N GLY C 354 21.32 -28.47 20.40
CA GLY C 354 21.90 -28.64 21.74
C GLY C 354 22.21 -30.08 22.06
N LEU C 355 21.29 -30.98 21.72
CA LEU C 355 21.52 -32.43 21.94
C LEU C 355 22.72 -32.84 21.08
N ILE C 356 22.74 -32.42 19.81
CA ILE C 356 23.88 -32.73 18.88
C ILE C 356 25.15 -32.26 19.56
N GLY C 357 25.17 -31.02 20.05
CA GLY C 357 26.37 -30.47 20.70
C GLY C 357 26.75 -31.25 21.93
N ALA C 358 25.75 -31.62 22.74
CA ALA C 358 26.02 -32.36 23.98
C ALA C 358 26.47 -33.78 23.65
N MET C 359 25.84 -34.39 22.66
CA MET C 359 26.21 -35.76 22.20
C MET C 359 27.62 -35.75 21.60
N ASN C 360 27.94 -34.75 20.76
CA ASN C 360 29.29 -34.64 20.15
C ASN C 360 30.33 -34.44 21.26
N HIS C 361 30.07 -33.58 22.25
CA HIS C 361 31.03 -33.30 23.35
C HIS C 361 31.18 -34.51 24.24
N ALA C 362 30.06 -35.20 24.48
CA ALA C 362 30.13 -36.44 25.27
C ALA C 362 31.08 -37.39 24.56
N ALA C 363 30.83 -37.62 23.27
CA ALA C 363 31.66 -38.54 22.47
C ALA C 363 33.12 -38.11 22.37
N ASP C 364 33.43 -36.82 22.56
CA ASP C 364 34.82 -36.32 22.40
C ASP C 364 35.55 -36.34 23.74
N VAL C 365 34.85 -36.09 24.84
CA VAL C 365 35.46 -36.10 26.20
C VAL C 365 35.66 -37.56 26.59
N HIS C 366 34.64 -38.37 26.30
CA HIS C 366 34.72 -39.82 26.57
C HIS C 366 35.21 -40.42 25.27
N ASN C 367 35.37 -41.73 25.18
CA ASN C 367 35.80 -42.19 23.84
C ASN C 367 34.79 -43.20 23.32
N ILE C 368 33.57 -42.77 23.07
CA ILE C 368 32.57 -43.80 22.68
C ILE C 368 32.02 -43.52 21.28
N ASP C 369 32.25 -44.45 20.35
CA ASP C 369 31.72 -44.38 18.96
C ASP C 369 31.65 -42.93 18.46
N ARG C 370 32.74 -42.17 18.60
CA ARG C 370 32.77 -40.76 18.18
C ARG C 370 32.45 -40.66 16.69
N ASP C 371 33.01 -41.56 15.89
CA ASP C 371 32.81 -41.49 14.42
C ASP C 371 31.33 -41.49 14.08
N ARG C 372 30.64 -42.56 14.46
CA ARG C 372 29.23 -42.67 14.03
C ARG C 372 28.40 -41.63 14.79
N THR C 373 28.74 -41.33 16.03
CA THR C 373 28.02 -40.25 16.74
C THR C 373 28.01 -38.98 15.88
N HIS C 374 29.20 -38.55 15.43
CA HIS C 374 29.29 -37.32 14.61
C HIS C 374 28.53 -37.50 13.31
N ALA C 375 28.62 -38.68 12.70
CA ALA C 375 27.94 -38.92 11.41
C ALA C 375 26.42 -38.90 11.62
N PHE C 376 25.96 -39.47 12.73
CA PHE C 376 24.51 -39.49 13.04
C PHE C 376 24.04 -38.05 13.26
N THR C 377 24.75 -37.33 14.11
CA THR C 377 24.40 -35.92 14.40
C THR C 377 24.41 -35.11 13.10
N THR C 378 25.38 -35.37 12.21
CA THR C 378 25.46 -34.63 10.92
C THR C 378 24.27 -35.01 10.04
N LYS C 379 23.95 -36.31 9.97
CA LYS C 379 22.79 -36.78 9.18
C LYS C 379 21.52 -36.07 9.66
N MET C 380 21.30 -36.04 10.97
CA MET C 380 20.11 -35.38 11.54
C MET C 380 20.01 -33.96 11.01
N ARG C 381 21.06 -33.16 11.18
CA ARG C 381 21.08 -31.76 10.71
C ARG C 381 20.78 -31.72 9.22
N THR C 382 21.52 -32.51 8.45
CA THR C 382 21.29 -32.58 6.98
C THR C 382 19.82 -32.92 6.72
N VAL C 383 19.31 -33.96 7.40
CA VAL C 383 17.91 -34.42 7.12
C VAL C 383 16.95 -33.27 7.42
N ILE C 384 17.10 -32.60 8.58
CA ILE C 384 16.24 -31.45 8.94
C ILE C 384 16.36 -30.38 7.87
N HIS C 385 17.58 -29.94 7.55
CA HIS C 385 17.77 -28.81 6.61
C HIS C 385 17.19 -29.18 5.26
N GLN C 386 17.49 -30.37 4.78
CA GLN C 386 16.94 -30.84 3.48
C GLN C 386 15.41 -30.77 3.52
N LEU C 387 14.81 -31.29 4.59
CA LEU C 387 13.35 -31.25 4.72
C LEU C 387 12.89 -29.81 4.58
N PHE C 388 13.53 -28.88 5.28
CA PHE C 388 13.09 -27.47 5.26
C PHE C 388 13.26 -26.94 3.84
N ARG C 389 14.33 -27.35 3.17
CA ARG C 389 14.62 -26.87 1.79
C ARG C 389 13.53 -27.40 0.88
N GLU C 390 13.23 -28.70 1.00
CA GLU C 390 12.13 -29.31 0.21
C GLU C 390 10.83 -28.60 0.56
N GLY C 391 10.63 -28.26 1.83
CA GLY C 391 9.37 -27.66 2.27
C GLY C 391 8.64 -28.57 3.23
N LYS C 392 9.31 -29.63 3.70
CA LYS C 392 8.73 -30.55 4.69
C LYS C 392 9.23 -30.18 6.08
N GLY C 393 9.19 -28.90 6.43
CA GLY C 393 9.60 -28.46 7.78
C GLY C 393 8.40 -27.89 8.51
N THR C 394 8.61 -27.27 9.66
CA THR C 394 7.47 -26.78 10.48
C THR C 394 6.93 -25.49 9.88
N ARG C 395 5.74 -25.06 10.34
CA ARG C 395 5.02 -23.93 9.70
C ARG C 395 5.72 -22.59 10.01
N ASP C 396 6.65 -22.57 10.95
CA ASP C 396 7.39 -21.33 11.29
C ASP C 396 8.20 -20.86 10.07
N LEU C 397 8.76 -21.78 9.30
CA LEU C 397 9.62 -21.43 8.14
C LEU C 397 8.96 -21.93 6.85
N CYS C 398 8.62 -23.21 6.81
CA CYS C 398 8.10 -23.85 5.58
C CYS C 398 6.70 -23.42 5.20
N GLY C 399 5.94 -22.79 6.10
CA GLY C 399 4.63 -22.23 5.73
C GLY C 399 3.47 -23.09 6.21
N PRO C 400 2.21 -22.65 6.00
CA PRO C 400 1.04 -23.45 6.36
C PRO C 400 1.08 -24.83 5.71
N SER C 401 1.67 -24.91 4.53
CA SER C 401 1.80 -26.21 3.81
C SER C 401 2.89 -27.04 4.48
N GLY C 402 3.46 -26.52 5.57
CA GLY C 402 4.51 -27.24 6.31
C GLY C 402 3.95 -28.39 7.12
N LEU C 403 4.82 -29.23 7.66
CA LEU C 403 4.38 -30.44 8.39
C LEU C 403 3.97 -30.07 9.81
N THR C 404 3.08 -30.86 10.41
CA THR C 404 2.74 -30.68 11.85
C THR C 404 3.90 -31.21 12.67
N THR C 405 3.86 -31.04 13.98
CA THR C 405 4.99 -31.47 14.85
C THR C 405 5.29 -32.94 14.61
N GLU C 406 4.29 -33.80 14.81
CA GLU C 406 4.49 -35.27 14.70
C GLU C 406 4.85 -35.66 13.27
N GLN C 407 4.27 -34.97 12.30
CA GLN C 407 4.53 -35.31 10.88
C GLN C 407 5.98 -34.93 10.54
N PHE C 408 6.44 -33.75 10.95
CA PHE C 408 7.87 -33.37 10.73
C PHE C 408 8.79 -34.42 11.38
N ILE C 409 8.47 -34.81 12.60
CA ILE C 409 9.36 -35.75 13.33
C ILE C 409 9.32 -37.09 12.58
N ASP C 410 8.15 -37.50 12.09
CA ASP C 410 8.12 -38.76 11.30
C ASP C 410 8.92 -38.55 10.02
N ALA C 411 8.76 -37.42 9.36
CA ALA C 411 9.42 -37.14 8.07
C ALA C 411 10.93 -37.28 8.24
N VAL C 412 11.45 -36.73 9.34
CA VAL C 412 12.92 -36.81 9.60
C VAL C 412 13.25 -38.27 9.84
N ALA C 413 12.46 -38.95 10.65
CA ALA C 413 12.70 -40.38 10.95
C ALA C 413 12.71 -41.21 9.67
N GLU C 414 11.86 -40.88 8.70
CA GLU C 414 11.73 -41.68 7.45
C GLU C 414 12.85 -41.31 6.50
N ARG C 415 13.53 -40.17 6.69
CA ARG C 415 14.69 -39.87 5.82
C ARG C 415 15.99 -40.13 6.58
N LEU C 416 15.96 -40.79 7.74
CA LEU C 416 17.19 -40.92 8.57
C LEU C 416 17.98 -42.14 8.11
N SER D 13 4.34 43.00 12.65
CA SER D 13 5.30 43.03 13.77
C SER D 13 6.05 41.70 13.83
N LYS D 14 7.29 41.74 14.32
CA LYS D 14 8.09 40.51 14.54
C LYS D 14 7.51 39.75 15.73
N ILE D 15 7.68 38.42 15.76
CA ILE D 15 7.23 37.62 16.93
C ILE D 15 8.15 37.92 18.10
N THR D 16 7.60 38.11 19.32
CA THR D 16 8.44 38.34 20.51
C THR D 16 8.91 36.94 20.95
N ALA D 17 10.19 36.64 20.81
CA ALA D 17 10.78 35.42 21.39
C ALA D 17 10.76 35.55 22.91
N ALA D 18 10.38 34.49 23.61
CA ALA D 18 10.48 34.40 25.08
C ALA D 18 11.94 34.28 25.45
N PRO D 19 12.33 34.60 26.71
CA PRO D 19 13.66 34.34 27.20
C PRO D 19 14.05 32.90 26.87
N MET D 20 15.27 32.71 26.38
CA MET D 20 15.79 31.38 25.95
C MET D 20 17.30 31.43 25.96
N VAL D 21 17.92 30.34 26.41
CA VAL D 21 19.39 30.15 26.38
C VAL D 21 19.74 29.51 25.03
N TYR D 22 20.68 30.11 24.31
CA TYR D 22 21.23 29.58 23.03
C TYR D 22 22.68 29.20 23.27
N VAL D 23 23.02 27.91 23.21
CA VAL D 23 24.41 27.39 23.37
C VAL D 23 24.99 27.07 21.98
N ARG D 24 25.94 27.92 21.54
CA ARG D 24 26.63 27.77 20.22
C ARG D 24 27.83 26.84 20.35
N GLY D 25 28.12 26.07 19.31
CA GLY D 25 29.24 25.11 19.29
C GLY D 25 30.30 25.56 18.32
N GLU D 26 30.61 24.73 17.33
CA GLU D 26 31.63 25.06 16.33
C GLU D 26 31.47 24.26 15.06
N GLU D 27 32.39 24.45 14.12
CA GLU D 27 32.48 23.62 12.89
C GLU D 27 31.20 23.71 12.05
N MET D 28 30.84 22.63 11.33
CA MET D 28 29.75 22.73 10.32
C MET D 28 28.43 23.14 10.98
N THR D 29 28.14 22.61 12.17
CA THR D 29 26.81 22.84 12.77
C THR D 29 26.67 24.31 13.16
N ALA D 30 27.69 24.94 13.73
CA ALA D 30 27.62 26.37 14.06
C ALA D 30 27.40 27.19 12.79
N TYR D 31 28.09 26.85 11.71
CA TYR D 31 27.95 27.54 10.41
C TYR D 31 26.52 27.46 9.92
N VAL D 32 25.93 26.28 9.98
CA VAL D 32 24.54 26.08 9.49
C VAL D 32 23.61 26.88 10.39
N MET D 33 23.79 26.76 11.72
CA MET D 33 22.89 27.50 12.64
C MET D 33 23.10 29.03 12.49
N ASP D 34 24.33 29.48 12.21
CA ASP D 34 24.58 30.92 11.89
C ASP D 34 23.66 31.33 10.73
N LEU D 35 23.59 30.53 9.67
CA LEU D 35 22.78 30.90 8.48
C LEU D 35 21.32 30.84 8.86
N ILE D 36 20.93 29.85 9.66
CA ILE D 36 19.49 29.70 10.01
C ILE D 36 19.03 30.85 10.89
N ARG D 37 19.86 31.28 11.83
CA ARG D 37 19.48 32.42 12.71
C ARG D 37 19.36 33.68 11.85
N SER D 38 20.28 33.86 10.90
CA SER D 38 20.36 35.04 10.00
C SER D 38 19.12 35.08 9.11
N ARG D 39 18.81 33.95 8.44
CA ARG D 39 17.92 33.98 7.26
C ARG D 39 16.53 33.48 7.62
N TRP D 40 16.38 32.58 8.61
CA TRP D 40 15.02 32.14 9.02
C TRP D 40 14.49 32.91 10.23
N ILE D 41 15.24 32.99 11.32
CA ILE D 41 14.72 33.45 12.64
C ILE D 41 14.71 34.99 12.76
N GLU D 42 15.87 35.61 12.76
CA GLU D 42 16.03 37.06 13.10
C GLU D 42 15.06 37.89 12.26
N PRO D 43 14.87 37.68 10.92
CA PRO D 43 13.96 38.52 10.16
C PRO D 43 12.51 38.52 10.62
N ARG D 44 12.07 37.45 11.32
CA ARG D 44 10.64 37.26 11.62
C ARG D 44 10.41 37.23 13.13
N VAL D 45 11.47 37.04 13.90
CA VAL D 45 11.37 36.91 15.38
C VAL D 45 12.34 37.88 16.05
N ASP D 46 11.84 38.65 17.02
CA ASP D 46 12.69 39.54 17.87
C ASP D 46 13.35 38.64 18.92
N VAL D 47 14.65 38.39 18.77
CA VAL D 47 15.43 37.47 19.67
C VAL D 47 16.16 38.28 20.76
N GLY D 48 15.59 39.43 21.12
CA GLY D 48 16.11 40.31 22.18
C GLY D 48 16.23 39.58 23.50
N GLY D 49 15.29 38.67 23.76
CA GLY D 49 15.25 37.79 24.94
C GLY D 49 16.21 36.62 24.94
N TRP D 50 16.85 36.28 23.83
CA TRP D 50 17.84 35.17 23.76
C TRP D 50 19.16 35.57 24.38
N GLU D 51 19.70 34.73 25.27
CA GLU D 51 21.04 34.89 25.87
C GLU D 51 21.92 33.79 25.28
N THR D 52 23.00 34.20 24.61
CA THR D 52 23.90 33.35 23.77
C THR D 52 25.19 33.10 24.53
N PHE D 53 25.68 31.88 24.42
CA PHE D 53 26.93 31.40 25.04
C PHE D 53 27.77 30.79 23.93
N ASP D 54 29.05 31.12 23.90
CA ASP D 54 30.00 30.49 22.95
C ASP D 54 30.57 29.26 23.64
N LEU D 55 30.16 28.06 23.25
CA LEU D 55 30.73 26.83 23.88
C LEU D 55 31.70 26.14 22.92
N ARG D 56 32.50 26.91 22.21
CA ARG D 56 33.59 26.29 21.41
C ARG D 56 34.49 25.65 22.45
N ALA D 57 35.04 24.47 22.20
CA ALA D 57 35.83 23.77 23.23
C ALA D 57 36.98 24.65 23.76
N LYS D 58 37.36 25.69 23.03
CA LYS D 58 38.42 26.62 23.48
C LYS D 58 37.86 27.55 24.55
N ASN D 59 36.71 28.17 24.29
CA ASN D 59 36.13 29.15 25.25
C ASN D 59 35.93 28.41 26.55
N ARG D 60 35.73 27.10 26.46
CA ARG D 60 35.58 26.33 27.71
C ARG D 60 36.83 26.49 28.56
N ASP D 61 38.01 26.37 27.95
CA ASP D 61 39.28 26.41 28.73
C ASP D 61 39.70 27.87 28.91
N ASP D 62 39.55 28.68 27.86
CA ASP D 62 39.82 30.13 27.97
C ASP D 62 39.18 30.74 29.23
N THR D 63 37.96 30.33 29.58
CA THR D 63 37.23 30.86 30.77
C THR D 63 37.19 29.81 31.87
N GLU D 64 37.78 28.64 31.64
CA GLU D 64 37.79 27.53 32.63
C GLU D 64 36.38 27.28 33.16
N ASP D 65 35.39 27.06 32.28
CA ASP D 65 33.98 26.71 32.63
C ASP D 65 33.13 27.90 33.11
N ARG D 66 33.62 29.13 32.98
CA ARG D 66 32.79 30.32 33.33
C ARG D 66 31.65 30.42 32.32
N VAL D 67 31.91 30.13 31.05
CA VAL D 67 30.84 30.05 30.01
C VAL D 67 29.85 28.97 30.42
N LEU D 68 30.32 27.83 30.88
CA LEU D 68 29.40 26.73 31.22
C LEU D 68 28.58 27.13 32.44
N ARG D 69 29.23 27.63 33.51
CA ARG D 69 28.51 28.05 34.72
C ARG D 69 27.54 29.16 34.32
N ASP D 70 27.89 29.96 33.32
CA ASP D 70 26.97 31.01 32.83
C ASP D 70 25.75 30.34 32.19
N VAL D 71 25.95 29.21 31.50
CA VAL D 71 24.87 28.45 30.81
C VAL D 71 23.93 27.84 31.86
N ILE D 72 24.46 27.08 32.81
CA ILE D 72 23.65 26.43 33.89
C ILE D 72 22.82 27.51 34.60
N GLU D 73 23.45 28.59 35.05
CA GLU D 73 22.73 29.62 35.85
C GLU D 73 21.64 30.26 34.99
N ALA D 74 21.92 30.61 33.73
CA ALA D 74 20.92 31.24 32.83
C ALA D 74 19.79 30.22 32.56
N GLY D 75 20.16 28.95 32.40
CA GLY D 75 19.21 27.84 32.16
C GLY D 75 18.27 27.69 33.36
N LYS D 76 18.77 27.88 34.58
CA LYS D 76 17.93 27.70 35.79
C LYS D 76 16.94 28.84 35.83
N ARG D 77 17.37 30.04 35.40
CA ARG D 77 16.56 31.27 35.49
C ARG D 77 15.58 31.31 34.32
N ILE D 78 15.96 30.85 33.13
CA ILE D 78 15.17 31.08 31.90
C ILE D 78 14.35 29.80 31.54
N LYS D 79 14.86 28.61 31.86
CA LYS D 79 14.12 27.31 31.89
C LYS D 79 13.93 26.74 30.49
N ALA D 80 14.49 27.39 29.48
CA ALA D 80 14.42 26.89 28.09
C ALA D 80 15.80 27.05 27.49
N ILE D 81 16.35 25.96 26.96
CA ILE D 81 17.73 25.96 26.41
C ILE D 81 17.72 25.22 25.07
N PHE D 82 18.23 25.85 24.03
CA PHE D 82 18.68 25.17 22.80
C PHE D 82 20.19 25.11 22.83
N LYS D 83 20.73 23.90 22.66
CA LYS D 83 22.16 23.63 22.57
C LYS D 83 22.51 22.99 21.21
N GLU D 84 23.48 23.61 20.53
CA GLU D 84 24.06 23.06 19.28
C GLU D 84 24.95 21.88 19.61
N PRO D 85 25.28 21.02 18.61
CA PRO D 85 26.30 20.01 18.84
C PRO D 85 27.58 20.73 19.24
N THR D 86 28.35 20.10 20.10
CA THR D 86 29.58 20.73 20.61
C THR D 86 30.75 19.74 20.57
N VAL D 87 31.97 20.27 20.68
CA VAL D 87 33.17 19.39 20.74
C VAL D 87 33.58 19.23 22.21
N THR D 88 33.48 18.03 22.74
CA THR D 88 33.81 17.75 24.16
C THR D 88 35.33 17.83 24.29
N PRO D 89 35.90 18.74 25.09
CA PRO D 89 37.34 18.93 25.11
C PRO D 89 38.19 17.78 25.67
N THR D 90 38.08 16.59 25.08
CA THR D 90 38.96 15.44 25.44
C THR D 90 40.39 15.83 25.02
N ALA D 91 41.45 15.23 25.58
CA ALA D 91 42.84 15.68 25.30
C ALA D 91 43.09 16.00 23.82
N ASP D 92 42.54 15.21 22.91
CA ASP D 92 42.61 15.56 21.48
C ASP D 92 41.68 16.76 21.25
N LYS D 101 45.12 21.16 29.28
CA LYS D 101 44.00 22.12 29.49
C LYS D 101 42.71 21.45 29.00
N SER D 102 42.46 20.21 29.44
CA SER D 102 41.32 19.37 28.98
C SER D 102 40.02 19.74 29.73
N TRP D 103 38.92 19.02 29.45
CA TRP D 103 37.60 19.29 30.07
C TRP D 103 36.64 18.18 29.68
N GLY D 104 35.77 17.77 30.58
CA GLY D 104 34.85 16.65 30.32
C GLY D 104 33.55 17.09 29.69
N SER D 105 32.61 16.17 29.54
CA SER D 105 31.29 16.49 28.91
C SER D 105 30.50 17.53 29.72
N PRO D 106 29.68 18.43 29.11
CA PRO D 106 28.89 19.37 29.90
C PRO D 106 27.60 18.76 30.45
N ASN D 107 27.30 17.52 30.09
CA ASN D 107 25.99 16.93 30.45
C ASN D 107 25.82 16.86 31.97
N GLY D 108 26.87 16.56 32.72
CA GLY D 108 26.71 16.39 34.16
C GLY D 108 26.36 17.71 34.79
N ALA D 109 27.16 18.73 34.52
CA ALA D 109 26.89 20.09 35.03
C ALA D 109 25.44 20.49 34.69
N MET D 110 24.93 20.04 33.53
CA MET D 110 23.56 20.37 33.05
C MET D 110 22.51 19.60 33.83
N ARG D 111 22.59 18.27 33.85
CA ARG D 111 21.60 17.44 34.55
C ARG D 111 21.57 17.81 36.04
N ARG D 112 22.71 18.23 36.61
CA ARG D 112 22.78 18.48 38.07
C ARG D 112 22.22 19.87 38.34
N GLY D 113 22.61 20.84 37.51
CA GLY D 113 22.14 22.23 37.67
C GLY D 113 20.67 22.35 37.35
N TRP D 114 20.11 21.41 36.58
CA TRP D 114 18.71 21.54 36.11
C TRP D 114 17.81 20.49 36.74
N ASN D 115 18.31 19.70 37.69
CA ASN D 115 17.47 18.69 38.40
C ASN D 115 16.79 17.78 37.37
N GLY D 116 17.59 17.13 36.52
CA GLY D 116 17.08 16.28 35.43
C GLY D 116 16.28 15.09 35.86
N ILE D 117 15.16 14.84 35.21
CA ILE D 117 14.34 13.64 35.47
C ILE D 117 14.50 12.69 34.28
N THR D 118 14.70 13.24 33.06
CA THR D 118 14.77 12.38 31.87
C THR D 118 15.45 13.02 30.68
N ILE D 119 15.97 12.18 29.80
CA ILE D 119 16.40 12.63 28.46
C ILE D 119 15.36 12.05 27.54
N SER D 120 14.57 12.89 26.88
CA SER D 120 13.51 12.46 25.95
C SER D 120 14.13 12.11 24.61
N ARG D 121 13.95 10.89 24.18
CA ARG D 121 14.61 10.35 22.97
C ARG D 121 13.51 9.94 22.02
N ASP D 122 13.03 10.90 21.23
CA ASP D 122 11.85 10.63 20.37
C ASP D 122 12.24 10.52 18.89
N THR D 123 11.49 9.71 18.16
CA THR D 123 11.67 9.57 16.70
C THR D 123 11.30 10.88 16.04
N ILE D 124 12.05 11.28 15.02
CA ILE D 124 11.76 12.51 14.25
C ILE D 124 11.12 12.04 12.94
N HIS D 125 9.99 12.64 12.56
CA HIS D 125 9.26 12.19 11.35
C HIS D 125 9.20 13.30 10.30
N ILE D 126 9.06 12.91 9.03
CA ILE D 126 8.88 13.86 7.91
C ILE D 126 7.59 13.48 7.20
N ASP D 127 6.64 14.40 7.16
CA ASP D 127 5.39 14.18 6.38
C ASP D 127 5.81 13.94 4.93
N GLY D 128 5.65 12.70 4.46
CA GLY D 128 5.95 12.37 3.06
C GLY D 128 7.20 11.54 2.88
N VAL D 129 8.00 11.39 3.93
CA VAL D 129 9.22 10.53 3.82
C VAL D 129 9.10 9.45 4.90
N GLU D 130 8.86 8.22 4.51
CA GLU D 130 8.66 7.09 5.45
C GLU D 130 10.01 6.63 5.96
N LEU D 131 10.15 6.56 7.28
CA LEU D 131 11.41 6.08 7.91
C LEU D 131 11.08 4.77 8.60
N GLY D 132 11.94 4.27 9.50
CA GLY D 132 11.73 2.92 10.08
C GLY D 132 10.44 2.79 10.84
N TYR D 133 10.15 3.72 11.72
CA TYR D 133 8.90 3.71 12.51
C TYR D 133 7.87 4.54 11.74
N LYS D 134 6.70 3.97 11.51
CA LYS D 134 5.63 4.65 10.74
C LYS D 134 5.05 5.77 11.59
N LYS D 135 4.73 5.49 12.84
CA LYS D 135 4.12 6.49 13.74
C LYS D 135 5.11 6.86 14.85
N PRO D 136 5.04 8.08 15.41
CA PRO D 136 5.98 8.54 16.44
C PRO D 136 6.19 7.56 17.58
N VAL D 137 7.43 7.45 18.02
CA VAL D 137 7.77 6.63 19.22
C VAL D 137 8.36 7.58 20.22
N LEU D 138 7.98 7.47 21.50
CA LEU D 138 8.53 8.33 22.56
C LEU D 138 9.37 7.44 23.48
N PHE D 139 10.49 7.96 23.97
CA PHE D 139 11.34 7.20 24.91
C PHE D 139 11.84 8.15 26.00
N GLU D 140 11.71 7.73 27.26
CA GLU D 140 12.24 8.50 28.39
C GLU D 140 13.40 7.75 29.03
N ARG D 141 14.58 8.33 28.99
CA ARG D 141 15.78 7.76 29.67
C ARG D 141 15.89 8.47 31.02
N HIS D 142 15.68 7.77 32.12
CA HIS D 142 15.96 8.30 33.48
C HIS D 142 17.31 8.98 33.52
N ALA D 143 17.35 10.28 33.79
CA ALA D 143 18.58 11.08 33.60
C ALA D 143 19.58 10.91 34.73
N VAL D 144 19.26 10.20 35.80
CA VAL D 144 20.17 10.18 36.97
C VAL D 144 20.40 8.72 37.38
N GLY D 145 21.39 8.51 38.24
CA GLY D 145 21.54 7.22 38.93
C GLY D 145 22.27 6.21 38.07
N GLY D 146 22.44 5.01 38.62
CA GLY D 146 23.06 3.91 37.89
C GLY D 146 24.56 4.01 37.88
N GLU D 147 25.16 3.25 36.99
CA GLU D 147 26.63 3.06 36.97
C GLU D 147 27.35 4.33 36.51
N TYR D 148 26.65 5.27 35.89
CA TYR D 148 27.28 6.54 35.45
C TYR D 148 27.84 7.31 36.65
N SER D 149 27.29 7.10 37.85
CA SER D 149 27.78 7.75 39.09
C SER D 149 28.24 6.71 40.07
N ALA D 150 28.74 5.58 39.58
CA ALA D 150 29.29 4.51 40.44
C ALA D 150 30.64 4.88 41.05
N GLY D 151 30.88 4.40 42.26
CA GLY D 151 32.22 4.38 42.83
C GLY D 151 32.81 3.04 42.53
N TYR D 152 34.11 2.94 42.32
CA TYR D 152 34.69 1.65 41.89
C TYR D 152 36.16 1.53 42.28
N LYS D 153 36.66 0.30 42.25
CA LYS D 153 38.10 0.03 42.37
C LYS D 153 38.42 -1.25 41.60
N ASN D 154 39.57 -1.29 40.96
CA ASN D 154 40.07 -2.52 40.34
C ASN D 154 40.98 -3.15 41.40
N VAL D 155 40.68 -4.35 41.84
CA VAL D 155 41.33 -4.94 43.04
C VAL D 155 41.75 -6.38 42.78
N GLY D 156 42.45 -6.97 43.75
CA GLY D 156 42.79 -8.40 43.77
C GLY D 156 42.00 -9.09 44.85
N LYS D 157 42.56 -10.16 45.42
CA LYS D 157 41.85 -10.96 46.43
C LYS D 157 41.59 -10.11 47.70
N GLY D 158 40.48 -10.35 48.37
CA GLY D 158 40.12 -9.55 49.56
C GLY D 158 38.65 -9.63 49.93
N LYS D 159 38.25 -8.81 50.91
CA LYS D 159 36.85 -8.80 51.41
C LYS D 159 36.24 -7.44 51.10
N LEU D 160 35.07 -7.43 50.48
CA LEU D 160 34.36 -6.19 50.13
C LEU D 160 33.12 -6.10 51.02
N THR D 161 32.89 -4.94 51.63
CA THR D 161 31.73 -4.73 52.54
C THR D 161 31.02 -3.43 52.18
N THR D 162 29.71 -3.49 52.07
CA THR D 162 28.90 -2.28 51.87
C THR D 162 27.99 -2.14 53.07
N THR D 163 28.03 -0.98 53.70
CA THR D 163 27.18 -0.68 54.87
C THR D 163 26.28 0.49 54.56
N PHE D 164 25.13 0.55 55.25
CA PHE D 164 24.25 1.73 55.15
C PHE D 164 23.86 2.14 56.58
N THR D 165 23.85 3.42 56.84
CA THR D 165 23.35 3.95 58.14
C THR D 165 22.19 4.89 57.79
N PRO D 166 20.93 4.44 57.98
CA PRO D 166 19.77 5.31 57.77
C PRO D 166 19.80 6.54 58.70
N SER D 167 19.35 7.69 58.20
CA SER D 167 19.26 8.95 58.96
C SER D 167 17.86 9.11 59.54
N GLU D 168 16.91 8.33 59.07
CA GLU D 168 15.50 8.50 59.47
C GLU D 168 14.94 7.13 59.78
N GLY D 169 13.72 7.11 60.32
CA GLY D 169 13.02 5.85 60.58
C GLY D 169 13.34 5.26 61.97
N PRO D 170 12.68 4.14 62.37
CA PRO D 170 12.89 3.56 63.69
C PRO D 170 14.34 3.13 63.96
N ASP D 171 15.05 2.69 62.93
CA ASP D 171 16.42 2.16 63.09
C ASP D 171 17.42 3.22 62.66
N ALA D 172 17.04 4.50 62.75
CA ALA D 172 17.92 5.64 62.43
C ALA D 172 19.22 5.54 63.22
N GLY D 173 20.33 5.80 62.55
CA GLY D 173 21.65 5.87 63.20
C GLY D 173 22.32 4.52 63.39
N LYS D 174 21.66 3.40 63.10
CA LYS D 174 22.28 2.07 63.30
C LYS D 174 22.79 1.53 61.96
N THR D 175 24.06 1.15 61.94
CA THR D 175 24.69 0.63 60.71
C THR D 175 24.18 -0.76 60.39
N VAL D 176 23.84 -1.02 59.12
CA VAL D 176 23.39 -2.36 58.68
C VAL D 176 24.21 -2.78 57.47
N VAL D 177 24.34 -4.08 57.22
CA VAL D 177 25.12 -4.58 56.04
C VAL D 177 24.20 -4.64 54.83
N VAL D 178 24.66 -4.06 53.73
CA VAL D 178 23.96 -4.14 52.43
C VAL D 178 24.50 -5.37 51.70
N ASP D 179 25.82 -5.55 51.74
CA ASP D 179 26.49 -6.66 51.01
C ASP D 179 27.84 -6.99 51.65
N GLU D 180 28.18 -8.26 51.69
CA GLU D 180 29.54 -8.72 52.11
C GLU D 180 29.99 -9.82 51.14
N ARG D 181 31.15 -9.69 50.54
CA ARG D 181 31.65 -10.78 49.67
C ARG D 181 33.18 -10.92 49.75
N GLU D 182 33.64 -12.12 49.52
CA GLU D 182 35.09 -12.39 49.33
C GLU D 182 35.38 -12.36 47.82
N ILE D 183 36.31 -11.52 47.40
CA ILE D 183 36.85 -11.49 46.01
C ILE D 183 37.95 -12.54 45.94
N VAL D 184 37.83 -13.52 45.05
CA VAL D 184 38.79 -14.66 44.98
C VAL D 184 39.59 -14.57 43.67
N ASP D 185 39.47 -13.46 42.96
CA ASP D 185 40.21 -13.26 41.70
C ASP D 185 41.40 -12.35 41.93
N GLU D 186 42.50 -12.53 41.18
CA GLU D 186 43.63 -11.59 41.23
C GLU D 186 43.30 -10.32 40.48
N GLU D 187 42.36 -10.37 39.55
CA GLU D 187 41.91 -9.17 38.80
C GLU D 187 40.40 -9.12 38.90
N ALA D 188 39.86 -8.06 39.48
CA ALA D 188 38.40 -7.90 39.65
C ALA D 188 38.02 -6.44 39.74
N ALA D 189 36.80 -6.13 39.37
CA ALA D 189 36.21 -4.80 39.53
C ALA D 189 35.25 -4.91 40.71
N VAL D 190 35.25 -3.91 41.57
CA VAL D 190 34.25 -3.84 42.66
C VAL D 190 33.54 -2.52 42.44
N VAL D 191 32.23 -2.52 42.52
CA VAL D 191 31.43 -1.35 42.07
C VAL D 191 30.29 -1.14 43.06
N THR D 192 30.04 0.11 43.38
CA THR D 192 28.84 0.49 44.16
C THR D 192 28.15 1.63 43.43
N TYR D 193 26.83 1.59 43.38
CA TYR D 193 26.09 2.75 42.83
C TYR D 193 24.76 2.88 43.56
N HIS D 194 24.02 3.94 43.25
CA HIS D 194 22.67 4.12 43.78
C HIS D 194 21.74 4.65 42.70
N ASN D 195 20.47 4.31 42.83
CA ASN D 195 19.40 4.83 41.97
C ASN D 195 18.51 5.69 42.84
N PRO D 196 18.48 7.02 42.66
CA PRO D 196 17.57 7.88 43.43
C PRO D 196 16.21 7.73 42.76
N TYR D 197 15.16 7.37 43.48
CA TYR D 197 13.87 7.09 42.82
C TYR D 197 12.81 8.15 43.14
N ASP D 198 13.09 9.15 43.97
CA ASP D 198 12.04 10.14 44.34
C ASP D 198 11.53 10.82 43.07
N ASN D 199 12.40 11.13 42.11
CA ASN D 199 12.00 11.92 40.92
C ASN D 199 11.29 11.03 39.90
N VAL D 200 11.15 9.72 40.17
CA VAL D 200 10.42 8.83 39.23
C VAL D 200 8.94 9.24 39.27
N HIS D 201 8.47 9.82 40.36
CA HIS D 201 7.06 10.32 40.40
C HIS D 201 6.91 11.39 39.32
N ASP D 202 7.83 12.32 39.28
CA ASP D 202 7.85 13.40 38.25
C ASP D 202 8.02 12.80 36.85
N LEU D 203 8.95 11.86 36.69
CA LEU D 203 9.21 11.23 35.37
C LEU D 203 7.91 10.59 34.89
N ALA D 204 7.25 9.83 35.76
CA ALA D 204 5.98 9.15 35.42
C ALA D 204 4.94 10.16 34.91
N ARG D 205 4.72 11.24 35.65
CA ARG D 205 3.67 12.21 35.24
C ARG D 205 4.07 12.80 33.89
N PHE D 206 5.35 13.10 33.71
CA PHE D 206 5.82 13.73 32.47
C PHE D 206 5.61 12.76 31.34
N PHE D 207 6.08 11.51 31.50
CA PHE D 207 6.01 10.46 30.48
C PHE D 207 4.56 10.15 30.10
N PHE D 208 3.69 9.90 31.09
CA PHE D 208 2.29 9.50 30.80
C PHE D 208 1.56 10.68 30.14
N GLY D 209 1.83 11.89 30.57
CA GLY D 209 1.22 13.10 29.98
C GLY D 209 1.58 13.21 28.50
N ARG D 210 2.85 13.00 28.15
CA ARG D 210 3.33 13.10 26.74
C ARG D 210 2.71 11.97 25.94
N CYS D 211 2.69 10.76 26.51
CA CYS D 211 2.13 9.59 25.82
C CYS D 211 0.63 9.82 25.53
N LEU D 212 -0.06 10.38 26.51
CA LEU D 212 -1.51 10.69 26.34
C LEU D 212 -1.64 11.67 25.17
N GLU D 213 -0.90 12.76 25.21
CA GLU D 213 -0.98 13.83 24.17
C GLU D 213 -0.65 13.25 22.81
N ALA D 214 0.31 12.32 22.72
CA ALA D 214 0.73 11.68 21.44
C ALA D 214 -0.14 10.49 21.08
N LYS D 215 -1.01 10.05 21.99
CA LYS D 215 -1.90 8.89 21.80
C LYS D 215 -1.06 7.64 21.54
N VAL D 216 -0.03 7.43 22.35
CA VAL D 216 0.80 6.20 22.23
C VAL D 216 0.63 5.34 23.49
N THR D 217 0.74 4.03 23.33
CA THR D 217 0.65 3.06 24.44
C THR D 217 1.95 3.09 25.23
N PRO D 218 1.91 3.44 26.53
CA PRO D 218 3.12 3.50 27.34
C PRO D 218 3.59 2.11 27.79
N TYR D 219 4.91 1.97 27.92
CA TYR D 219 5.51 0.72 28.43
C TYR D 219 6.62 1.10 29.41
N VAL D 220 6.76 0.33 30.48
CA VAL D 220 7.86 0.55 31.47
C VAL D 220 8.85 -0.59 31.28
N VAL D 221 10.13 -0.25 31.15
CA VAL D 221 11.18 -1.26 30.82
C VAL D 221 12.18 -1.33 31.96
N THR D 222 12.37 -2.51 32.55
CA THR D 222 13.40 -2.72 33.59
C THR D 222 13.86 -4.19 33.57
N LYS D 223 14.83 -4.55 34.37
CA LYS D 223 15.26 -5.97 34.54
C LYS D 223 14.92 -6.35 36.00
N LYS D 224 13.82 -5.83 36.54
CA LYS D 224 13.45 -6.00 37.99
C LYS D 224 13.29 -7.47 38.43
N THR D 225 13.06 -8.40 37.52
CA THR D 225 12.91 -9.84 37.88
C THR D 225 14.22 -10.38 38.44
N VAL D 226 15.35 -9.89 37.95
CA VAL D 226 16.70 -10.34 38.37
C VAL D 226 17.35 -9.22 39.18
N PHE D 227 17.23 -7.97 38.74
CA PHE D 227 17.80 -6.77 39.40
C PHE D 227 16.69 -6.24 40.31
N LYS D 228 16.43 -6.95 41.40
CA LYS D 228 15.20 -6.71 42.21
C LYS D 228 15.15 -5.33 42.85
N TRP D 229 16.26 -4.66 43.02
CA TRP D 229 16.31 -3.28 43.56
C TRP D 229 15.58 -2.30 42.63
N GLN D 230 15.28 -2.70 41.41
CA GLN D 230 14.65 -1.82 40.40
C GLN D 230 13.14 -1.83 40.58
N GLU D 231 12.61 -2.72 41.43
CA GLU D 231 11.15 -2.89 41.62
C GLU D 231 10.49 -1.52 41.80
N PRO D 232 10.98 -0.57 42.64
CA PRO D 232 10.30 0.71 42.83
C PRO D 232 10.10 1.56 41.58
N PHE D 233 11.01 1.48 40.61
CA PHE D 233 10.84 2.19 39.31
C PHE D 233 9.50 1.75 38.72
N TRP D 234 9.22 0.46 38.71
CA TRP D 234 7.95 -0.08 38.17
C TRP D 234 6.80 0.33 39.09
N GLN D 235 6.97 0.18 40.39
CA GLN D 235 5.84 0.41 41.33
C GLN D 235 5.42 1.88 41.26
N ILE D 236 6.37 2.80 41.27
CA ILE D 236 6.05 4.24 41.23
C ILE D 236 5.33 4.51 39.90
N MET D 237 5.89 4.03 38.79
CA MET D 237 5.28 4.27 37.46
C MET D 237 3.85 3.73 37.42
N ARG D 238 3.64 2.49 37.84
CA ARG D 238 2.32 1.84 37.78
C ARG D 238 1.34 2.59 38.69
N THR D 239 1.79 3.03 39.87
CA THR D 239 0.90 3.70 40.85
C THR D 239 0.47 5.03 40.25
N VAL D 240 1.42 5.79 39.72
CA VAL D 240 1.10 7.10 39.09
C VAL D 240 0.11 6.87 37.95
N PHE D 241 0.37 5.90 37.09
CA PHE D 241 -0.50 5.61 35.94
C PHE D 241 -1.95 5.32 36.43
N ASP D 242 -2.12 4.30 37.28
CA ASP D 242 -3.47 3.86 37.72
C ASP D 242 -4.20 5.00 38.41
N GLU D 243 -3.53 5.77 39.27
CA GLU D 243 -4.18 6.82 40.09
C GLU D 243 -4.43 8.07 39.25
N GLU D 244 -3.54 8.40 38.31
CA GLU D 244 -3.63 9.75 37.68
C GLU D 244 -3.81 9.71 36.17
N PHE D 245 -3.72 8.57 35.49
CA PHE D 245 -3.70 8.59 34.00
C PHE D 245 -4.59 7.54 33.35
N LYS D 246 -4.80 6.38 33.96
CA LYS D 246 -5.46 5.25 33.25
C LYS D 246 -6.82 5.69 32.69
N ALA D 247 -7.64 6.39 33.49
CA ALA D 247 -9.00 6.79 33.04
C ALA D 247 -8.88 7.71 31.81
N GLN D 248 -7.92 8.63 31.82
CA GLN D 248 -7.68 9.56 30.68
C GLN D 248 -7.33 8.74 29.43
N PHE D 249 -6.43 7.78 29.54
CA PHE D 249 -6.01 6.94 28.40
C PHE D 249 -7.22 6.18 27.84
N VAL D 250 -8.11 5.71 28.71
CA VAL D 250 -9.32 4.94 28.28
C VAL D 250 -10.27 5.90 27.55
N ALA D 251 -10.45 7.11 28.09
CA ALA D 251 -11.38 8.12 27.53
C ALA D 251 -10.88 8.66 26.19
N ALA D 252 -9.58 8.57 25.94
CA ALA D 252 -8.98 9.06 24.69
C ALA D 252 -8.98 7.95 23.65
N GLY D 253 -9.22 6.72 24.09
CA GLY D 253 -9.21 5.55 23.20
C GLY D 253 -7.83 4.96 22.95
N VAL D 254 -6.84 5.32 23.75
CA VAL D 254 -5.44 4.80 23.59
C VAL D 254 -5.40 3.40 24.20
N MET D 255 -6.09 3.21 25.33
CA MET D 255 -6.18 1.89 25.98
C MET D 255 -7.64 1.51 26.16
N LYS D 256 -7.90 0.21 26.25
CA LYS D 256 -9.28 -0.31 26.45
C LYS D 256 -9.60 -0.38 27.93
N GLU D 257 -10.88 -0.55 28.25
CA GLU D 257 -11.30 -0.75 29.66
C GLU D 257 -10.66 -2.03 30.17
N GLY D 258 -9.99 -1.96 31.33
CA GLY D 258 -9.37 -3.13 31.97
C GLY D 258 -7.97 -3.40 31.46
N GLU D 259 -7.53 -2.67 30.44
CA GLU D 259 -6.15 -2.83 29.93
C GLU D 259 -5.21 -2.25 30.97
N GLU D 260 -4.20 -3.01 31.36
CA GLU D 260 -3.29 -2.54 32.42
C GLU D 260 -1.97 -2.05 31.81
N LEU D 261 -1.24 -1.23 32.57
CA LEU D 261 0.10 -0.79 32.11
C LEU D 261 0.95 -2.05 31.96
N VAL D 262 1.70 -2.13 30.87
CA VAL D 262 2.55 -3.31 30.60
C VAL D 262 3.99 -3.02 31.01
N HIS D 263 4.63 -4.01 31.66
CA HIS D 263 6.06 -3.95 31.97
C HIS D 263 6.79 -4.84 30.99
N LEU D 264 7.87 -4.35 30.39
CA LEU D 264 8.69 -5.16 29.48
C LEU D 264 10.07 -5.35 30.13
N LEU D 265 10.61 -6.56 30.10
CA LEU D 265 12.01 -6.76 30.54
C LEU D 265 12.94 -6.09 29.53
N SER D 266 14.06 -5.56 29.96
CA SER D 266 14.99 -4.78 29.10
C SER D 266 15.46 -5.63 27.93
N ASP D 267 15.77 -6.90 28.14
CA ASP D 267 16.25 -7.77 27.04
C ASP D 267 15.09 -8.05 26.07
N ALA D 268 13.84 -8.07 26.54
CA ALA D 268 12.66 -8.25 25.65
C ALA D 268 12.38 -6.95 24.87
N ALA D 269 12.59 -5.79 25.46
CA ALA D 269 12.36 -4.49 24.79
C ALA D 269 13.25 -4.36 23.54
N THR D 270 14.45 -4.93 23.54
CA THR D 270 15.36 -4.89 22.37
C THR D 270 14.68 -5.61 21.21
N MET D 271 13.93 -6.65 21.50
CA MET D 271 13.23 -7.41 20.45
C MET D 271 12.05 -6.57 19.96
N LYS D 272 11.35 -5.92 20.87
CA LYS D 272 10.15 -5.15 20.49
C LYS D 272 10.55 -3.98 19.58
N LEU D 273 11.69 -3.34 19.85
CA LEU D 273 12.10 -2.15 19.04
C LEU D 273 12.28 -2.59 17.59
N VAL D 274 12.75 -3.81 17.34
CA VAL D 274 12.87 -4.36 15.97
C VAL D 274 11.49 -4.77 15.43
N GLN D 275 10.65 -5.40 16.25
CA GLN D 275 9.35 -5.90 15.78
C GLN D 275 8.39 -4.74 15.49
N TRP D 276 8.31 -3.73 16.38
CA TRP D 276 7.20 -2.73 16.36
C TRP D 276 7.47 -1.61 15.37
N ARG D 277 7.62 -1.96 14.09
CA ARG D 277 7.96 -0.97 13.03
C ARG D 277 6.80 -0.03 12.78
N GLN D 278 5.60 -0.37 13.25
CA GLN D 278 4.42 0.53 13.16
C GLN D 278 4.62 1.76 14.05
N GLY D 279 5.51 1.68 15.06
CA GLY D 279 5.65 2.79 16.01
C GLY D 279 4.38 2.96 16.83
N GLY D 280 4.12 4.17 17.32
CA GLY D 280 2.90 4.45 18.12
C GLY D 280 3.00 3.86 19.51
N PHE D 281 4.18 3.88 20.11
CA PHE D 281 4.36 3.41 21.50
C PHE D 281 5.35 4.31 22.24
N GLY D 282 5.37 4.18 23.57
CA GLY D 282 6.31 4.93 24.41
C GLY D 282 7.02 3.97 25.35
N MET D 283 8.28 4.26 25.65
CA MET D 283 9.02 3.44 26.65
C MET D 283 9.70 4.35 27.66
N ALA D 284 9.72 3.93 28.93
CA ALA D 284 10.48 4.58 30.00
C ALA D 284 11.40 3.55 30.64
N ALA D 285 12.65 3.90 30.82
CA ALA D 285 13.66 2.98 31.36
C ALA D 285 14.69 3.72 32.22
N HIS D 286 15.51 2.97 32.93
CA HIS D 286 16.64 3.51 33.71
C HIS D 286 17.70 4.13 32.82
N ASN D 287 18.70 4.75 33.40
CA ASN D 287 19.70 5.57 32.67
C ASN D 287 20.44 4.71 31.63
N TYR D 288 21.08 3.61 32.05
CA TYR D 288 21.88 2.80 31.10
C TYR D 288 20.97 2.11 30.08
N ASP D 289 19.91 1.42 30.51
CA ASP D 289 18.99 0.75 29.56
C ASP D 289 18.52 1.76 28.49
N GLY D 290 18.20 2.97 28.92
CA GLY D 290 17.79 4.03 27.97
C GLY D 290 18.88 4.40 27.00
N ASP D 291 20.11 4.55 27.46
CA ASP D 291 21.26 4.82 26.56
C ASP D 291 21.29 3.77 25.47
N VAL D 292 21.34 2.47 25.85
CA VAL D 292 21.49 1.37 24.87
C VAL D 292 20.26 1.28 23.98
N LEU D 293 19.06 1.27 24.57
CA LEU D 293 17.82 1.04 23.79
C LEU D 293 17.58 2.19 22.82
N THR D 294 17.91 3.41 23.19
CA THR D 294 17.65 4.59 22.30
C THR D 294 18.63 4.57 21.13
N ASP D 295 19.78 3.96 21.30
CA ASP D 295 20.69 3.82 20.12
C ASP D 295 20.12 2.77 19.19
N GLU D 296 19.59 1.67 19.72
CA GLU D 296 18.89 0.69 18.87
C GLU D 296 17.74 1.39 18.12
N LEU D 297 16.95 2.16 18.84
CA LEU D 297 15.79 2.88 18.27
C LEU D 297 16.28 3.72 17.09
N ALA D 298 17.38 4.43 17.26
CA ALA D 298 17.95 5.28 16.18
C ALA D 298 18.26 4.45 14.94
N GLN D 299 18.95 3.31 15.12
CA GLN D 299 19.32 2.48 13.96
C GLN D 299 18.06 1.96 13.25
N VAL D 300 17.03 1.54 14.00
CA VAL D 300 15.79 0.99 13.37
C VAL D 300 15.10 2.17 12.64
N HIS D 301 15.05 3.33 13.25
CA HIS D 301 14.38 4.50 12.62
C HIS D 301 15.14 4.93 11.37
N LYS D 302 16.42 5.21 11.46
CA LYS D 302 17.25 5.64 10.32
C LYS D 302 18.68 5.83 10.76
N SER D 303 18.91 6.78 11.66
CA SER D 303 20.28 7.13 12.12
C SER D 303 20.20 7.95 13.39
N PRO D 304 21.31 8.13 14.17
CA PRO D 304 21.28 8.90 15.43
C PRO D 304 20.61 10.27 15.37
N GLY D 305 20.85 11.03 14.30
CA GLY D 305 20.25 12.36 14.11
C GLY D 305 18.75 12.36 14.01
N PHE D 306 18.12 11.22 13.73
CA PHE D 306 16.66 11.16 13.58
C PHE D 306 16.00 10.85 14.93
N ILE D 307 16.77 10.92 16.01
CA ILE D 307 16.20 10.78 17.38
C ILE D 307 16.57 12.03 18.16
N THR D 308 15.63 12.59 18.91
CA THR D 308 15.91 13.78 19.75
C THR D 308 16.81 13.44 20.94
N SER D 309 17.44 14.43 21.56
CA SER D 309 18.11 14.29 22.87
C SER D 309 17.69 15.49 23.73
N ASN D 310 16.52 15.42 24.34
CA ASN D 310 15.92 16.56 25.07
C ASN D 310 15.94 16.34 26.59
N LEU D 311 16.75 17.10 27.31
CA LEU D 311 16.85 16.99 28.78
C LEU D 311 15.66 17.74 29.40
N VAL D 312 14.98 17.11 30.35
CA VAL D 312 13.88 17.76 31.10
C VAL D 312 14.23 17.71 32.59
N GLY D 313 14.15 18.83 33.27
CA GLY D 313 14.40 18.95 34.70
C GLY D 313 13.27 19.65 35.40
N VAL D 314 13.26 19.59 36.73
CA VAL D 314 12.18 20.23 37.52
C VAL D 314 12.76 21.41 38.31
N HIS D 315 12.27 22.60 38.04
CA HIS D 315 12.70 23.82 38.77
C HIS D 315 12.13 23.73 40.19
N GLU D 316 12.78 24.39 41.14
CA GLU D 316 12.33 24.44 42.55
C GLU D 316 10.91 25.00 42.58
N ASP D 317 10.55 25.87 41.62
CA ASP D 317 9.24 26.55 41.62
C ASP D 317 8.16 25.63 41.00
N GLY D 318 8.53 24.43 40.55
CA GLY D 318 7.57 23.43 40.07
C GLY D 318 7.45 23.41 38.55
N THR D 319 8.04 24.40 37.86
CA THR D 319 7.98 24.44 36.38
C THR D 319 9.09 23.56 35.83
N LEU D 320 9.04 23.29 34.54
CA LEU D 320 10.05 22.41 33.90
C LEU D 320 11.16 23.21 33.25
N ILE D 321 12.36 22.71 33.35
CA ILE D 321 13.53 23.23 32.61
C ILE D 321 13.70 22.26 31.46
N LYS D 322 13.76 22.76 30.25
CA LYS D 322 13.90 21.86 29.09
C LYS D 322 15.05 22.34 28.24
N GLU D 323 15.96 21.43 27.96
CA GLU D 323 17.10 21.68 27.07
C GLU D 323 16.88 20.81 25.84
N PHE D 324 17.22 21.29 24.68
CA PHE D 324 16.97 20.53 23.41
C PHE D 324 18.28 20.45 22.64
N GLU D 325 18.64 19.28 22.16
CA GLU D 325 19.80 19.19 21.26
C GLU D 325 19.58 18.12 20.20
N ALA D 326 20.26 18.29 19.07
CA ALA D 326 20.32 17.23 18.05
C ALA D 326 21.21 16.08 18.55
N SER D 327 21.00 14.88 18.05
CA SER D 327 21.76 13.68 18.52
C SER D 327 22.90 13.41 17.55
N HIS D 328 23.52 14.45 17.02
CA HIS D 328 24.71 14.27 16.17
C HIS D 328 25.79 15.26 16.60
N GLY D 329 26.95 15.21 15.95
CA GLY D 329 28.10 16.06 16.28
C GLY D 329 28.23 17.26 15.37
N THR D 330 29.37 17.93 15.39
CA THR D 330 29.61 19.18 14.64
C THR D 330 30.01 18.89 13.18
N VAL D 331 30.16 17.62 12.81
CA VAL D 331 30.49 17.17 11.41
C VAL D 331 31.74 17.95 10.92
N ALA D 332 32.86 17.78 11.60
CA ALA D 332 34.13 18.47 11.27
C ALA D 332 34.59 18.14 9.85
N ASP D 333 34.36 16.92 9.38
CA ASP D 333 34.80 16.47 8.04
C ASP D 333 34.11 17.33 6.98
N MET D 334 32.83 17.65 7.19
CA MET D 334 32.04 18.42 6.20
C MET D 334 32.48 19.87 6.33
N ASP D 335 32.80 20.29 7.55
CA ASP D 335 33.27 21.66 7.78
C ASP D 335 34.60 21.84 7.01
N GLU D 336 35.51 20.89 7.18
CA GLU D 336 36.80 20.78 6.43
C GLU D 336 36.50 20.88 4.93
N ALA D 337 35.68 19.97 4.39
CA ALA D 337 35.29 20.00 2.95
C ALA D 337 34.80 21.41 2.59
N ARG D 338 33.91 21.99 3.42
CA ARG D 338 33.38 23.35 3.19
C ARG D 338 34.55 24.34 3.09
N LEU D 339 35.57 24.18 3.93
CA LEU D 339 36.67 25.17 4.03
C LEU D 339 37.60 25.04 2.80
N ARG D 340 37.61 23.86 2.16
CA ARG D 340 38.33 23.60 0.88
C ARG D 340 37.51 24.07 -0.34
N GLY D 341 36.30 24.62 -0.14
CA GLY D 341 35.39 25.04 -1.22
C GLY D 341 34.54 23.93 -1.85
N GLU D 342 34.56 22.68 -1.37
CA GLU D 342 33.71 21.58 -1.94
C GLU D 342 32.24 21.76 -1.51
N GLU D 343 31.29 21.25 -2.29
CA GLU D 343 29.85 21.27 -1.92
C GLU D 343 29.59 20.40 -0.68
N THR D 344 28.67 20.84 0.17
CA THR D 344 28.21 20.08 1.33
C THR D 344 26.70 19.99 1.27
N SER D 345 26.10 19.04 1.98
CA SER D 345 24.62 18.95 2.12
C SER D 345 24.29 18.40 3.49
N LEU D 346 24.27 19.26 4.48
CA LEU D 346 23.92 18.90 5.88
C LEU D 346 22.43 19.07 6.09
N ASN D 347 21.83 17.99 6.57
CA ASN D 347 20.38 17.97 6.91
C ASN D 347 20.20 18.69 8.25
N PRO D 348 19.61 19.91 8.29
CA PRO D 348 19.51 20.64 9.55
C PRO D 348 18.31 20.23 10.42
N LEU D 349 17.56 19.19 10.02
CA LEU D 349 16.29 18.82 10.66
C LEU D 349 16.50 18.49 12.13
N GLY D 350 17.51 17.75 12.53
CA GLY D 350 17.66 17.43 13.97
C GLY D 350 17.85 18.68 14.81
N MET D 351 18.69 19.61 14.34
CA MET D 351 18.92 20.87 15.07
C MET D 351 17.64 21.71 15.05
N VAL D 352 16.95 21.78 13.92
CA VAL D 352 15.71 22.60 13.82
C VAL D 352 14.65 22.06 14.76
N GLU D 353 14.49 20.74 14.84
CA GLU D 353 13.55 20.16 15.82
C GLU D 353 13.92 20.62 17.23
N GLY D 354 15.22 20.63 17.57
CA GLY D 354 15.65 21.13 18.87
C GLY D 354 15.24 22.58 19.09
N LEU D 355 15.56 23.46 18.13
CA LEU D 355 15.24 24.90 18.28
C LEU D 355 13.73 25.09 18.37
N ILE D 356 12.96 24.38 17.55
CA ILE D 356 11.47 24.45 17.64
C ILE D 356 11.06 24.12 19.08
N GLY D 357 11.54 23.00 19.63
CA GLY D 357 11.16 22.59 20.98
C GLY D 357 11.53 23.67 21.98
N ALA D 358 12.75 24.20 21.88
CA ALA D 358 13.23 25.24 22.82
C ALA D 358 12.36 26.49 22.70
N MET D 359 12.12 26.93 21.46
CA MET D 359 11.35 28.19 21.28
C MET D 359 9.91 27.98 21.76
N ASN D 360 9.35 26.80 21.49
CA ASN D 360 7.98 26.47 21.92
C ASN D 360 7.93 26.43 23.45
N HIS D 361 8.92 25.78 24.07
CA HIS D 361 8.91 25.70 25.54
C HIS D 361 9.14 27.09 26.16
N ALA D 362 9.99 27.92 25.56
CA ALA D 362 10.26 29.27 26.10
C ALA D 362 8.91 30.01 26.08
N ALA D 363 8.18 29.95 25.00
CA ALA D 363 6.90 30.68 24.86
C ALA D 363 5.88 30.13 25.86
N ASP D 364 5.87 28.82 26.09
CA ASP D 364 4.89 28.20 27.02
C ASP D 364 5.28 28.54 28.44
N VAL D 365 6.53 28.33 28.84
CA VAL D 365 6.90 28.48 30.29
C VAL D 365 6.83 29.95 30.72
N HIS D 366 6.94 30.91 29.79
CA HIS D 366 6.90 32.36 30.11
C HIS D 366 5.58 33.00 29.65
N ASN D 367 4.71 32.25 28.99
CA ASN D 367 3.44 32.71 28.41
C ASN D 367 3.67 33.98 27.57
N ILE D 368 4.60 33.89 26.62
CA ILE D 368 4.93 35.01 25.71
C ILE D 368 4.71 34.55 24.26
N ASP D 369 3.77 35.22 23.59
CA ASP D 369 3.45 35.09 22.15
C ASP D 369 3.32 33.59 21.82
N ARG D 370 2.55 32.86 22.62
CA ARG D 370 2.39 31.39 22.45
C ARG D 370 1.84 31.04 21.06
N ASP D 371 0.72 31.65 20.66
CA ASP D 371 0.04 31.34 19.39
C ASP D 371 0.96 31.62 18.20
N ARG D 372 1.56 32.82 18.11
CA ARG D 372 2.43 33.20 16.97
C ARG D 372 3.69 32.33 16.99
N THR D 373 4.24 32.00 18.16
CA THR D 373 5.50 31.20 18.14
C THR D 373 5.16 29.79 17.62
N HIS D 374 4.10 29.19 18.15
CA HIS D 374 3.71 27.82 17.74
C HIS D 374 3.40 27.78 16.24
N ALA D 375 2.74 28.82 15.73
CA ALA D 375 2.43 28.91 14.29
C ALA D 375 3.73 28.99 13.48
N PHE D 376 4.70 29.77 13.92
CA PHE D 376 5.96 29.93 13.18
C PHE D 376 6.74 28.61 13.18
N THR D 377 6.90 28.01 14.36
CA THR D 377 7.65 26.75 14.47
C THR D 377 6.95 25.68 13.61
N THR D 378 5.64 25.61 13.66
CA THR D 378 4.90 24.64 12.81
C THR D 378 5.19 24.93 11.34
N LYS D 379 5.17 26.19 10.93
CA LYS D 379 5.45 26.58 9.52
C LYS D 379 6.85 26.13 9.10
N MET D 380 7.85 26.36 9.94
CA MET D 380 9.23 25.92 9.61
C MET D 380 9.23 24.41 9.30
N ARG D 381 8.65 23.60 10.17
CA ARG D 381 8.56 22.13 9.91
C ARG D 381 7.75 21.83 8.63
N THR D 382 6.59 22.45 8.48
CA THR D 382 5.70 22.21 7.31
C THR D 382 6.46 22.56 6.02
N VAL D 383 7.26 23.63 6.02
CA VAL D 383 7.95 24.08 4.80
C VAL D 383 9.07 23.11 4.52
N ILE D 384 9.80 22.72 5.56
CA ILE D 384 10.89 21.72 5.41
C ILE D 384 10.31 20.42 4.82
N HIS D 385 9.23 19.91 5.39
CA HIS D 385 8.70 18.60 4.92
C HIS D 385 8.33 18.70 3.43
N GLN D 386 7.66 19.77 3.03
CA GLN D 386 7.23 19.97 1.63
C GLN D 386 8.45 19.96 0.71
N LEU D 387 9.55 20.63 1.07
CA LEU D 387 10.76 20.65 0.21
C LEU D 387 11.30 19.22 0.03
N PHE D 388 11.29 18.43 1.10
CA PHE D 388 11.73 17.03 0.99
C PHE D 388 10.82 16.30 -0.01
N ARG D 389 9.50 16.52 0.05
CA ARG D 389 8.51 15.79 -0.79
C ARG D 389 8.78 16.18 -2.24
N GLU D 390 9.14 17.43 -2.49
CA GLU D 390 9.40 17.98 -3.84
C GLU D 390 10.77 17.56 -4.35
N GLY D 391 11.50 16.72 -3.64
CA GLY D 391 12.87 16.34 -3.99
C GLY D 391 13.84 17.49 -3.86
N LYS D 392 13.54 18.47 -2.99
CA LYS D 392 14.41 19.64 -2.76
C LYS D 392 14.92 19.68 -1.32
N GLY D 393 14.91 18.53 -0.65
CA GLY D 393 15.67 18.34 0.60
C GLY D 393 17.14 18.12 0.35
N THR D 394 17.88 17.82 1.41
CA THR D 394 19.34 17.60 1.38
C THR D 394 19.59 16.22 0.78
N ARG D 395 20.85 15.92 0.48
CA ARG D 395 21.27 14.77 -0.36
C ARG D 395 21.24 13.46 0.43
N ASP D 396 21.22 13.50 1.76
CA ASP D 396 21.01 12.32 2.61
C ASP D 396 19.73 11.59 2.17
N LEU D 397 18.60 12.30 1.96
CA LEU D 397 17.27 11.66 1.72
C LEU D 397 16.85 11.86 0.26
N CYS D 398 17.33 12.90 -0.43
CA CYS D 398 16.84 13.25 -1.78
C CYS D 398 17.81 12.77 -2.86
N GLY D 399 18.91 12.15 -2.46
CA GLY D 399 20.00 11.72 -3.34
C GLY D 399 20.73 12.89 -4.00
N PRO D 400 21.56 12.58 -5.05
CA PRO D 400 22.52 13.53 -5.58
C PRO D 400 21.88 14.79 -6.16
N SER D 401 20.61 14.75 -6.60
CA SER D 401 19.90 15.93 -7.15
C SER D 401 19.36 16.83 -6.02
N GLY D 402 19.48 16.42 -4.75
CA GLY D 402 19.06 17.28 -3.63
C GLY D 402 19.92 18.53 -3.52
N LEU D 403 19.53 19.46 -2.64
CA LEU D 403 20.11 20.81 -2.53
C LEU D 403 21.37 20.72 -1.67
N THR D 404 22.31 21.63 -1.87
CA THR D 404 23.46 21.82 -0.95
C THR D 404 22.94 22.42 0.36
N THR D 405 23.80 22.42 1.37
CA THR D 405 23.49 23.06 2.70
C THR D 405 22.86 24.43 2.48
N GLU D 406 23.56 25.29 1.74
CA GLU D 406 23.24 26.73 1.58
C GLU D 406 21.98 26.87 0.74
N GLN D 407 21.85 26.11 -0.35
CA GLN D 407 20.64 26.11 -1.21
C GLN D 407 19.41 25.72 -0.38
N PHE D 408 19.50 24.70 0.47
CA PHE D 408 18.34 24.26 1.29
C PHE D 408 17.94 25.43 2.21
N ILE D 409 18.91 26.06 2.83
CA ILE D 409 18.66 27.14 3.82
C ILE D 409 17.88 28.26 3.08
N ASP D 410 18.36 28.66 1.92
CA ASP D 410 17.72 29.74 1.10
C ASP D 410 16.35 29.25 0.63
N ALA D 411 16.19 27.99 0.24
CA ALA D 411 14.88 27.48 -0.23
C ALA D 411 13.85 27.58 0.89
N VAL D 412 14.24 27.18 2.11
CA VAL D 412 13.31 27.31 3.27
C VAL D 412 12.95 28.79 3.48
N ALA D 413 13.97 29.64 3.55
CA ALA D 413 13.86 31.09 3.87
C ALA D 413 12.81 31.71 2.95
N GLU D 414 12.94 31.45 1.65
CA GLU D 414 12.05 31.94 0.57
C GLU D 414 10.59 31.59 0.85
N ARG D 415 10.30 30.48 1.52
CA ARG D 415 8.91 29.96 1.66
C ARG D 415 8.30 30.32 3.02
N LEU D 416 9.08 30.80 3.98
CA LEU D 416 8.53 31.28 5.27
C LEU D 416 7.83 32.62 5.01
#